data_8UCQ
#
_entry.id   8UCQ
#
_cell.length_a   1.00
_cell.length_b   1.00
_cell.length_c   1.00
_cell.angle_alpha   90.00
_cell.angle_beta   90.00
_cell.angle_gamma   90.00
#
_symmetry.space_group_name_H-M   'P 1'
#
_entity_poly.entity_id   1
_entity_poly.type   'polypeptide(L)'
_entity_poly.pdbx_seq_one_letter_code
;MEQKLISEEDLNSAVDHHHHHHRIPGLINSSLKFVVSSLDIIAAQAGRNKQLAELAEKALAAIKENDQQLPDPEVVFAPL
QLATKSGTIPLTTTALDCIGKLISYSYFSAPSSSATQDGTEQTPLIERAIDTICDCFQGETTLVEIQLQIVKSLLAAVLN
DKIIVHGAGLLKAVRQVYNIFLLSRSTANQQVAQGTLTQMVGTVFERVKTRLHMKEARANLGRLKASRSSLAVDRSDDQD
SQAGKVDGEDATVETVSDATPSESVDKAGGGKLTLKDLEHRKSFDDSHMGDGPTMVSQVKPMKKASRSVSEQSLQESPQD
ETPESLDAEDEAYIRDAYLVFRSFCNLSTKILPPDQLYDLRGQPMRSKLISLHLIHTLLNNHITVFTSPLCTIRNTKNNE
PTNFLQAIKYYLCLSITRNGASSVDRVFDICCEIFWLMLKYMRSSFKNEIEVFLNEIYLALLARRNAPLSQKLTFVGILK
RLCEDPRALVELYLNYDCNQNVDNIFQTIVEDLSRFATASVPITPTQEQQYEESRSKSATAGEWQIKSVLPPPLSVALIA
TNHEADTELPKEYVMKRTALDSLVETLRSLVHWSQPGRPELNGASGDVQRRTSSDDLGDSIDPSMSETASRMEVPIAPAT
PVIDDDPDQLEKEKARKTAMTNAIKVFNFKPKHGIKLLIKEGFIPSDKPEDIARFLLREERLDKAQIGEYLGEGDQKNVD
IMHAFVDMMDFSKKRFVDALREFLQAFRLPGEAQKIDRFMLKFAHRYVTGNPNAFANADTPYVLAYSVIMLNTDLHSSKV
VKRMSKAEFIKNNRGINDNADLPDEYLIGIYDDIASNEIVLKSEREAAAAAGTLPAQSTGLAGLGQAFSNVGRDLQREAY
VQQSEEISLRSEQLFRDLYRSQRKSATKGGVKFISATSFKHVGPMFDATWMSFFSTLSSLVQKTHNLDVNKLCLEGMKLA
TKIACLFDLSTPREAFISMLKNTANLNNPREMQAKNVEALKVLLDLAQTEGNYLKESWKDVLLCISQLDRLQLISGGVDE
SAVPDVSRARFVPPPRTETGESRKSTSSARRTRPRAHTGPQGVSLEIALESRSDEVIKSVDRIFTNTANLSRDAIIHFAR
ALTEVSWDEIKVSGSNDSPRTYSLQKIVEISYYNMTRVRFEWSHIWDVLGEHFNRVGCHANTAIVFFALDSLRQLSMRFM
EIEELAGFKFQKDFLKPFEHVMSNSSNVTVKDMVLRCLIQMIQARGENIRSGWRTMFGVFTVAAREPYESIVNLAYENVT
QVYKTRFGVVISQGAFTDLIVCLTEFSKNMRFQKKSLQAMETLKSVIPTMLKTPECPLSQHKPTATTASGSESHSKKAAV
QQTRTSVEEGFWFPVLFAFHDVLMTGEDLEVRSNALNYFFETLLRYGGDFPPEFWDILWRQQLYPIFMVLRSRPEMTNAL
NHEELSVWLSTTMIQALRNMITLFTHYFDALEYMLDRFLELLALCICQENDTIARIGSNCLQQLILQNVTKFTAEHWAKI
VGAFCELFERTTAYQLFSATTINSTASLSPPPSGLELGGPLSPTSATAPVDGKSLKINGVETNGQTPGAEPANGDADGNG
TAAAAADASAPAATPQPQQGPAQQLEEFKPNNPLQQQPVVVTAARRRFFNRIISRCVLQLLMIETVNELFSNDAVYAQIP
SAELLRLMALLKKSFLFAKRFNADKDLRMRLWREGFMKQPPNLLKQESGSAATYVAILFRMFGDTAPDRRGSRADVEAAL
VPLCRDIIRGYTALDDESQHRNIVAWRPVVVDVLEGYAAFPRDAFAAHIRSFYPLVVELLGKDLGQDLRAALLLVLRRVG
EVGLGIEGMGSGGAAAAAAAGAAAASSGQGNGNGAAAAAADSERRSSVLSVPSGPRHTPSMDSLNDDPSRQVMGKAEQKL
ISEEDLNSAVDHHHHHH
;
_entity_poly.pdbx_strand_id   B,A
#
# COMPACT_ATOMS: atom_id res chain seq x y z
N LEU A 32 181.63 7.00 -76.44
CA LEU A 32 181.07 7.50 -77.69
C LEU A 32 181.93 8.61 -78.28
N LYS A 33 181.26 9.63 -78.84
CA LYS A 33 181.99 10.72 -79.47
C LYS A 33 182.56 11.69 -78.44
N PHE A 34 181.81 11.93 -77.36
CA PHE A 34 182.19 12.95 -76.38
C PHE A 34 183.35 12.51 -75.50
N VAL A 35 183.50 11.21 -75.25
CA VAL A 35 184.54 10.74 -74.35
C VAL A 35 185.92 11.05 -74.91
N VAL A 36 186.10 10.85 -76.22
CA VAL A 36 187.39 11.13 -76.85
C VAL A 36 187.71 12.61 -76.76
N SER A 37 186.72 13.47 -77.03
CA SER A 37 186.94 14.91 -76.95
C SER A 37 187.29 15.34 -75.52
N SER A 38 186.57 14.81 -74.54
CA SER A 38 186.84 15.18 -73.15
C SER A 38 188.23 14.71 -72.72
N LEU A 39 188.62 13.49 -73.11
CA LEU A 39 189.95 13.00 -72.79
C LEU A 39 191.02 13.85 -73.47
N ASP A 40 190.78 14.27 -74.71
CA ASP A 40 191.71 15.15 -75.38
C ASP A 40 191.84 16.48 -74.63
N ILE A 41 190.72 17.02 -74.17
CA ILE A 41 190.76 18.29 -73.44
C ILE A 41 191.55 18.15 -72.15
N ILE A 42 191.28 17.09 -71.39
CA ILE A 42 191.97 16.92 -70.11
C ILE A 42 193.45 16.64 -70.32
N ALA A 43 193.80 15.92 -71.40
CA ALA A 43 195.21 15.73 -71.73
C ALA A 43 195.87 17.06 -72.10
N ALA A 44 195.15 17.90 -72.84
CA ALA A 44 195.68 19.21 -73.18
C ALA A 44 195.93 20.05 -71.93
N GLN A 45 195.02 19.97 -70.96
CA GLN A 45 195.25 20.65 -69.70
C GLN A 45 196.31 19.95 -68.86
N ALA A 46 196.63 18.69 -69.16
CA ALA A 46 197.66 17.93 -68.47
C ALA A 46 197.43 17.89 -66.96
N GLN A 51 201.70 14.20 -64.99
CA GLN A 51 201.03 13.33 -64.04
C GLN A 51 199.61 12.99 -64.51
N LEU A 52 198.78 14.02 -64.65
CA LEU A 52 197.39 13.80 -65.04
C LEU A 52 197.29 13.26 -66.46
N ALA A 53 198.13 13.76 -67.37
CA ALA A 53 197.97 13.45 -68.79
C ALA A 53 198.15 11.96 -69.06
N GLU A 54 199.16 11.33 -68.46
CA GLU A 54 199.50 9.96 -68.82
C GLU A 54 198.29 9.04 -68.74
N LEU A 55 197.39 9.29 -67.79
CA LEU A 55 196.13 8.56 -67.74
C LEU A 55 195.31 8.79 -69.00
N ALA A 56 195.26 10.04 -69.48
CA ALA A 56 194.47 10.35 -70.66
C ALA A 56 195.05 9.68 -71.91
N GLU A 57 196.36 9.76 -72.10
CA GLU A 57 196.95 9.05 -73.25
C GLU A 57 196.77 7.55 -73.14
N LYS A 58 196.89 6.99 -71.93
CA LYS A 58 196.66 5.55 -71.78
C LYS A 58 195.23 5.18 -72.16
N ALA A 59 194.26 5.98 -71.72
CA ALA A 59 192.87 5.72 -72.09
C ALA A 59 192.65 5.85 -73.59
N LEU A 60 193.25 6.87 -74.21
CA LEU A 60 193.10 7.04 -75.65
C LEU A 60 193.70 5.86 -76.41
N ALA A 61 194.86 5.38 -75.97
CA ALA A 61 195.45 4.20 -76.58
C ALA A 61 194.56 2.99 -76.40
N ALA A 62 193.94 2.85 -75.22
CA ALA A 62 193.01 1.74 -75.00
C ALA A 62 191.83 1.81 -75.95
N ILE A 63 191.27 3.00 -76.14
CA ILE A 63 190.17 3.16 -77.10
C ILE A 63 190.64 2.86 -78.52
N LYS A 64 191.90 3.17 -78.83
CA LYS A 64 192.43 2.88 -80.16
C LYS A 64 192.39 1.39 -80.48
N GLU A 65 192.34 0.52 -79.47
CA GLU A 65 192.24 -0.92 -79.66
C GLU A 65 190.81 -1.41 -79.49
N ASN A 66 189.83 -0.63 -79.93
CA ASN A 66 188.42 -1.01 -79.83
C ASN A 66 188.13 -2.29 -80.60
N LEU A 70 183.16 0.19 -75.14
CA LEU A 70 184.33 -0.50 -75.66
C LEU A 70 185.64 -0.37 -74.84
N PRO A 71 185.84 0.71 -74.08
CA PRO A 71 187.02 0.77 -73.21
C PRO A 71 186.72 0.19 -71.83
N ASP A 72 187.81 -0.09 -71.11
CA ASP A 72 187.68 -0.57 -69.73
C ASP A 72 187.12 0.55 -68.86
N PRO A 73 186.12 0.27 -68.01
CA PRO A 73 185.54 1.35 -67.20
C PRO A 73 186.54 2.04 -66.30
N GLU A 74 187.50 1.29 -65.73
CA GLU A 74 188.45 1.90 -64.80
C GLU A 74 189.41 2.84 -65.52
N VAL A 75 189.89 2.45 -66.71
CA VAL A 75 190.89 3.23 -67.41
C VAL A 75 190.32 4.54 -67.94
N VAL A 76 188.99 4.67 -68.02
CA VAL A 76 188.39 5.93 -68.43
C VAL A 76 187.93 6.69 -67.18
N PHE A 77 187.57 5.95 -66.13
CA PHE A 77 187.11 6.62 -64.91
C PHE A 77 188.25 7.31 -64.19
N ALA A 78 189.41 6.67 -64.13
CA ALA A 78 190.54 7.23 -63.38
C ALA A 78 191.00 8.59 -63.91
N PRO A 79 191.24 8.78 -65.21
CA PRO A 79 191.70 10.10 -65.66
C PRO A 79 190.73 11.22 -65.34
N LEU A 80 189.42 10.98 -65.52
CA LEU A 80 188.43 12.01 -65.20
C LEU A 80 188.41 12.33 -63.71
N GLN A 81 188.51 11.30 -62.88
CA GLN A 81 188.54 11.52 -61.43
C GLN A 81 189.76 12.33 -61.03
N LEU A 82 190.93 12.00 -61.59
CA LEU A 82 192.13 12.76 -61.28
C LEU A 82 192.01 14.20 -61.79
N ALA A 83 191.41 14.39 -62.97
CA ALA A 83 191.24 15.74 -63.50
C ALA A 83 190.33 16.58 -62.60
N THR A 84 189.24 15.98 -62.13
CA THR A 84 188.33 16.71 -61.26
C THR A 84 188.82 16.77 -59.81
N LYS A 85 189.90 16.06 -59.49
CA LYS A 85 190.49 16.16 -58.15
C LYS A 85 190.98 17.58 -57.85
N SER A 86 191.25 18.37 -58.87
CA SER A 86 191.71 19.74 -58.70
C SER A 86 190.65 20.70 -59.23
N GLY A 87 190.52 21.85 -58.57
CA GLY A 87 189.54 22.84 -58.97
C GLY A 87 190.11 23.92 -59.86
N THR A 88 189.86 23.81 -61.17
CA THR A 88 190.30 24.80 -62.15
C THR A 88 189.10 25.22 -62.99
N ILE A 89 189.35 26.15 -63.92
CA ILE A 89 188.29 26.66 -64.77
C ILE A 89 187.92 25.65 -65.86
N PRO A 90 188.84 25.23 -66.75
CA PRO A 90 188.41 24.38 -67.87
C PRO A 90 188.44 22.90 -67.58
N LEU A 91 189.27 22.46 -66.64
CA LEU A 91 189.51 21.03 -66.45
C LEU A 91 188.42 20.38 -65.62
N THR A 92 188.10 20.97 -64.46
CA THR A 92 187.12 20.37 -63.57
C THR A 92 185.75 20.29 -64.22
N THR A 93 185.36 21.34 -64.95
CA THR A 93 184.04 21.37 -65.57
C THR A 93 183.91 20.26 -66.63
N THR A 94 184.90 20.15 -67.52
CA THR A 94 184.81 19.12 -68.54
C THR A 94 184.93 17.72 -67.94
N ALA A 95 185.72 17.56 -66.88
CA ALA A 95 185.81 16.27 -66.22
C ALA A 95 184.47 15.86 -65.62
N LEU A 96 183.80 16.79 -64.93
CA LEU A 96 182.50 16.49 -64.35
C LEU A 96 181.48 16.20 -65.42
N ASP A 97 181.48 16.99 -66.50
CA ASP A 97 180.54 16.73 -67.59
C ASP A 97 180.76 15.37 -68.22
N CYS A 98 182.03 15.00 -68.43
CA CYS A 98 182.32 13.70 -69.02
C CYS A 98 181.89 12.57 -68.09
N ILE A 99 182.13 12.73 -66.78
CA ILE A 99 181.71 11.69 -65.83
C ILE A 99 180.20 11.54 -65.86
N GLY A 100 179.48 12.66 -65.85
CA GLY A 100 178.03 12.60 -65.87
C GLY A 100 177.49 11.96 -67.14
N LYS A 101 178.06 12.33 -68.29
CA LYS A 101 177.59 11.76 -69.55
C LYS A 101 177.97 10.29 -69.68
N LEU A 102 179.12 9.89 -69.11
CA LEU A 102 179.52 8.49 -69.18
C LEU A 102 178.70 7.63 -68.23
N ILE A 103 178.21 8.21 -67.13
CA ILE A 103 177.28 7.49 -66.27
C ILE A 103 176.03 7.11 -67.04
N SER A 104 175.66 7.93 -68.03
CA SER A 104 174.45 7.67 -68.82
C SER A 104 174.54 6.40 -69.65
N TYR A 105 175.74 5.84 -69.83
CA TYR A 105 175.92 4.64 -70.62
C TYR A 105 176.79 3.64 -69.89
N SER A 106 176.63 2.37 -70.25
CA SER A 106 177.44 1.26 -69.72
C SER A 106 177.29 1.25 -68.19
N TYR A 107 178.36 0.97 -67.46
CA TYR A 107 178.34 0.95 -65.99
C TYR A 107 177.28 -0.01 -65.45
N LEU A 125 181.83 1.55 -59.20
CA LEU A 125 182.04 2.58 -60.22
C LEU A 125 181.01 3.69 -60.10
N ILE A 126 179.74 3.29 -60.14
CA ILE A 126 178.65 4.27 -60.01
C ILE A 126 178.73 4.96 -58.65
N GLU A 127 178.93 4.17 -57.59
CA GLU A 127 179.08 4.77 -56.27
C GLU A 127 180.28 5.69 -56.22
N ARG A 128 181.42 5.27 -56.79
CA ARG A 128 182.61 6.10 -56.77
C ARG A 128 182.40 7.38 -57.60
N ALA A 129 181.75 7.25 -58.75
CA ALA A 129 181.51 8.43 -59.59
C ALA A 129 180.61 9.44 -58.87
N ILE A 130 179.53 8.95 -58.25
CA ILE A 130 178.65 9.86 -57.52
C ILE A 130 179.38 10.50 -56.35
N ASP A 131 180.19 9.69 -55.64
CA ASP A 131 180.91 10.22 -54.48
C ASP A 131 181.89 11.30 -54.90
N THR A 132 182.63 11.08 -55.99
CA THR A 132 183.60 12.10 -56.41
C THR A 132 182.91 13.33 -56.98
N ILE A 133 181.77 13.17 -57.66
CA ILE A 133 181.03 14.33 -58.13
C ILE A 133 180.55 15.16 -56.96
N CYS A 134 180.03 14.51 -55.92
CA CYS A 134 179.62 15.22 -54.72
C CYS A 134 180.82 15.89 -54.04
N ASP A 135 181.96 15.20 -53.99
CA ASP A 135 183.15 15.74 -53.36
C ASP A 135 183.72 16.91 -54.13
N CYS A 136 183.39 17.04 -55.42
CA CYS A 136 183.87 18.19 -56.20
C CYS A 136 183.37 19.51 -55.64
N PHE A 137 182.29 19.48 -54.86
CA PHE A 137 181.73 20.69 -54.26
C PHE A 137 182.30 20.86 -52.86
N GLN A 138 183.32 21.70 -52.72
CA GLN A 138 183.91 21.95 -51.41
C GLN A 138 183.00 22.79 -50.54
N GLY A 139 182.32 23.77 -51.13
CA GLY A 139 181.44 24.64 -50.38
C GLY A 139 181.20 25.94 -51.14
N GLU A 140 180.91 27.00 -50.39
CA GLU A 140 180.72 28.31 -50.99
C GLU A 140 181.99 28.86 -51.60
N THR A 141 183.15 28.32 -51.22
CA THR A 141 184.40 28.74 -51.84
C THR A 141 184.44 28.37 -53.31
N THR A 142 183.85 27.22 -53.67
CA THR A 142 183.82 26.80 -55.06
C THR A 142 183.06 27.83 -55.91
N LEU A 143 183.60 28.11 -57.09
CA LEU A 143 183.03 29.15 -57.93
C LEU A 143 181.74 28.65 -58.59
N VAL A 144 181.00 29.59 -59.18
CA VAL A 144 179.64 29.34 -59.60
C VAL A 144 179.57 28.29 -60.70
N GLU A 145 180.48 28.37 -61.68
CA GLU A 145 180.41 27.47 -62.83
C GLU A 145 180.64 26.02 -62.41
N ILE A 146 181.56 25.79 -61.47
CA ILE A 146 181.78 24.42 -60.99
C ILE A 146 180.53 23.87 -60.33
N GLN A 147 179.86 24.69 -59.51
CA GLN A 147 178.63 24.25 -58.86
C GLN A 147 177.54 23.94 -59.88
N LEU A 148 177.40 24.81 -60.90
CA LEU A 148 176.40 24.55 -61.94
C LEU A 148 176.69 23.25 -62.67
N GLN A 149 177.96 23.02 -63.01
CA GLN A 149 178.33 21.78 -63.69
C GLN A 149 178.08 20.57 -62.81
N ILE A 150 178.36 20.69 -61.51
CA ILE A 150 178.08 19.60 -60.58
C ILE A 150 176.60 19.29 -60.55
N VAL A 151 175.76 20.33 -60.50
CA VAL A 151 174.31 20.13 -60.46
C VAL A 151 173.84 19.44 -61.74
N LYS A 152 174.32 19.91 -62.89
CA LYS A 152 173.91 19.30 -64.15
C LYS A 152 174.37 17.87 -64.27
N SER A 153 175.60 17.58 -63.82
CA SER A 153 176.11 16.21 -63.87
C SER A 153 175.29 15.29 -62.95
N LEU A 154 174.93 15.79 -61.76
CA LEU A 154 174.10 14.99 -60.87
C LEU A 154 172.74 14.72 -61.49
N LEU A 155 172.15 15.73 -62.13
CA LEU A 155 170.86 15.54 -62.79
C LEU A 155 170.97 14.49 -63.89
N ALA A 156 172.04 14.55 -64.69
CA ALA A 156 172.21 13.57 -65.75
C ALA A 156 172.45 12.18 -65.20
N ALA A 157 173.16 12.08 -64.07
CA ALA A 157 173.46 10.77 -63.50
C ALA A 157 172.21 10.14 -62.90
N VAL A 158 171.43 10.91 -62.17
CA VAL A 158 170.21 10.36 -61.56
C VAL A 158 169.17 10.05 -62.63
N LEU A 159 169.01 10.93 -63.60
CA LEU A 159 167.95 10.84 -64.59
C LEU A 159 168.51 10.32 -65.91
N ASN A 160 167.99 9.18 -66.36
CA ASN A 160 168.27 8.66 -67.70
C ASN A 160 167.28 7.55 -67.97
N ASP A 161 167.13 7.21 -69.26
CA ASP A 161 166.25 6.10 -69.61
C ASP A 161 166.74 4.79 -69.03
N LYS A 162 168.05 4.56 -69.08
CA LYS A 162 168.69 3.42 -68.44
C LYS A 162 169.60 3.92 -67.33
N ILE A 163 170.13 2.98 -66.55
CA ILE A 163 170.93 3.26 -65.36
C ILE A 163 170.10 4.08 -64.38
N ILE A 164 169.46 3.40 -63.43
CA ILE A 164 168.65 4.03 -62.41
C ILE A 164 169.29 3.70 -61.07
N VAL A 165 170.00 4.66 -60.49
CA VAL A 165 170.72 4.41 -59.24
C VAL A 165 169.72 4.32 -58.09
N HIS A 166 169.91 3.31 -57.24
CA HIS A 166 169.04 3.08 -56.09
C HIS A 166 169.87 3.07 -54.82
N GLY A 167 169.33 3.66 -53.77
CA GLY A 167 169.92 3.56 -52.45
C GLY A 167 170.84 4.73 -52.15
N ALA A 168 172.07 4.42 -51.73
CA ALA A 168 172.96 5.45 -51.19
C ALA A 168 173.31 6.51 -52.23
N GLY A 169 173.55 6.09 -53.48
CA GLY A 169 173.98 7.04 -54.49
C GLY A 169 172.93 8.11 -54.76
N LEU A 170 171.68 7.70 -54.94
CA LEU A 170 170.63 8.66 -55.25
C LEU A 170 170.41 9.63 -54.09
N LEU A 171 170.38 9.10 -52.87
CA LEU A 171 170.19 9.96 -51.71
C LEU A 171 171.35 10.94 -51.54
N LYS A 172 172.57 10.46 -51.76
CA LYS A 172 173.72 11.36 -51.65
C LYS A 172 173.68 12.43 -52.73
N ALA A 173 173.25 12.07 -53.94
CA ALA A 173 173.12 13.07 -55.00
C ALA A 173 172.08 14.11 -54.64
N VAL A 174 170.93 13.67 -54.11
CA VAL A 174 169.88 14.62 -53.74
C VAL A 174 170.37 15.53 -52.63
N ARG A 175 171.04 14.97 -51.62
CA ARG A 175 171.57 15.77 -50.53
C ARG A 175 172.58 16.77 -51.05
N GLN A 176 173.44 16.36 -51.99
CA GLN A 176 174.42 17.28 -52.55
C GLN A 176 173.73 18.43 -53.28
N VAL A 177 172.74 18.11 -54.11
CA VAL A 177 172.05 19.17 -54.85
C VAL A 177 171.41 20.15 -53.87
N TYR A 178 170.81 19.63 -52.80
CA TYR A 178 170.28 20.50 -51.75
C TYR A 178 171.37 21.33 -51.10
N ASN A 179 172.57 20.77 -50.95
CA ASN A 179 173.66 21.51 -50.34
C ASN A 179 174.09 22.69 -51.21
N ILE A 180 174.25 22.46 -52.51
CA ILE A 180 174.53 23.59 -53.41
C ILE A 180 173.39 24.59 -53.40
N PHE A 181 172.14 24.12 -53.32
CA PHE A 181 171.03 25.05 -53.24
C PHE A 181 171.13 25.93 -52.00
N LEU A 182 171.51 25.34 -50.87
CA LEU A 182 171.56 26.09 -49.61
C LEU A 182 172.76 27.01 -49.51
N LEU A 183 173.91 26.60 -50.06
CA LEU A 183 175.17 27.31 -49.82
C LEU A 183 175.83 27.79 -51.11
N SER A 184 175.03 28.17 -52.11
CA SER A 184 175.62 28.62 -53.37
C SER A 184 176.18 30.03 -53.28
N ARG A 185 175.58 30.90 -52.47
CA ARG A 185 175.94 32.31 -52.42
C ARG A 185 175.85 32.96 -53.81
N SER A 186 174.84 32.56 -54.58
CA SER A 186 174.64 33.09 -55.92
C SER A 186 173.20 32.79 -56.34
N THR A 187 172.51 33.81 -56.84
CA THR A 187 171.06 33.67 -57.08
C THR A 187 170.77 32.67 -58.20
N ALA A 188 171.46 32.80 -59.34
CA ALA A 188 171.16 31.93 -60.47
C ALA A 188 171.48 30.48 -60.17
N ASN A 189 172.62 30.22 -59.53
CA ASN A 189 172.97 28.86 -59.18
C ASN A 189 171.99 28.29 -58.17
N GLN A 190 171.57 29.10 -57.19
CA GLN A 190 170.56 28.65 -56.24
C GLN A 190 169.26 28.28 -56.95
N GLN A 191 168.82 29.12 -57.88
CA GLN A 191 167.57 28.87 -58.58
C GLN A 191 167.66 27.58 -59.40
N VAL A 192 168.73 27.40 -60.16
CA VAL A 192 168.85 26.20 -60.98
C VAL A 192 169.01 24.97 -60.11
N ALA A 193 169.72 25.08 -58.99
CA ALA A 193 169.87 23.96 -58.08
C ALA A 193 168.52 23.55 -57.49
N GLN A 194 167.71 24.53 -57.09
CA GLN A 194 166.39 24.21 -56.56
C GLN A 194 165.51 23.57 -57.63
N GLY A 195 165.57 24.09 -58.85
CA GLY A 195 164.79 23.49 -59.93
C GLY A 195 165.17 22.05 -60.18
N THR A 196 166.46 21.77 -60.26
CA THR A 196 166.92 20.40 -60.46
C THR A 196 166.53 19.52 -59.28
N LEU A 197 166.66 20.04 -58.05
CA LEU A 197 166.33 19.26 -56.87
C LEU A 197 164.87 18.87 -56.86
N THR A 198 163.98 19.84 -57.10
CA THR A 198 162.56 19.54 -57.10
C THR A 198 162.19 18.63 -58.26
N GLN A 199 162.87 18.77 -59.41
CA GLN A 199 162.57 17.91 -60.54
C GLN A 199 162.94 16.46 -60.25
N MET A 200 164.12 16.23 -59.66
CA MET A 200 164.53 14.86 -59.36
C MET A 200 163.71 14.28 -58.21
N VAL A 201 163.37 15.10 -57.22
CA VAL A 201 162.53 14.63 -56.12
C VAL A 201 161.16 14.24 -56.65
N GLY A 202 160.61 15.03 -57.57
CA GLY A 202 159.35 14.65 -58.18
C GLY A 202 159.46 13.39 -59.02
N THR A 203 160.56 13.24 -59.77
CA THR A 203 160.66 12.10 -60.67
C THR A 203 160.90 10.80 -59.91
N VAL A 204 161.49 10.84 -58.72
CA VAL A 204 161.61 9.62 -57.94
C VAL A 204 160.23 9.06 -57.60
N PHE A 205 159.36 9.92 -57.07
CA PHE A 205 158.00 9.49 -56.79
C PHE A 205 157.21 9.24 -58.06
N GLU A 206 157.56 9.87 -59.18
CA GLU A 206 156.94 9.50 -60.45
C GLU A 206 157.28 8.08 -60.84
N ARG A 207 158.54 7.67 -60.62
CA ARG A 207 158.92 6.28 -60.85
C ARG A 207 158.13 5.35 -59.95
N VAL A 208 158.00 5.71 -58.68
CA VAL A 208 157.22 4.90 -57.75
C VAL A 208 155.77 4.81 -58.19
N LYS A 209 155.21 5.92 -58.67
CA LYS A 209 153.84 5.94 -59.15
C LYS A 209 153.66 5.04 -60.37
N THR A 210 154.62 5.07 -61.29
CA THR A 210 154.56 4.18 -62.44
C THR A 210 154.62 2.72 -62.02
N ARG A 211 155.49 2.40 -61.07
CA ARG A 211 155.57 1.03 -60.58
C ARG A 211 154.26 0.59 -59.95
N LEU A 212 153.65 1.47 -59.16
CA LEU A 212 152.33 1.16 -58.59
C LEU A 212 151.28 0.98 -59.68
N HIS A 213 151.31 1.85 -60.69
CA HIS A 213 150.32 1.79 -61.76
C HIS A 213 150.41 0.47 -62.51
N MET A 214 151.62 0.02 -62.82
CA MET A 214 151.78 -1.26 -63.49
C MET A 214 151.59 -2.44 -62.54
N LYS A 215 151.46 -2.19 -61.24
CA LYS A 215 151.26 -3.24 -60.27
C LYS A 215 149.80 -3.65 -60.20
N LEU A 273 145.52 11.15 -24.98
CA LEU A 273 146.44 11.49 -26.06
C LEU A 273 146.56 13.00 -26.23
N THR A 274 147.79 13.49 -26.30
CA THR A 274 148.04 14.91 -26.43
C THR A 274 149.21 15.12 -27.39
N LEU A 275 149.61 16.38 -27.54
CA LEU A 275 150.65 16.73 -28.50
C LEU A 275 152.00 16.12 -28.11
N LYS A 276 152.33 16.13 -26.82
CA LYS A 276 153.61 15.59 -26.37
C LYS A 276 153.68 14.07 -26.50
N ASP A 277 152.56 13.40 -26.69
CA ASP A 277 152.55 11.95 -26.86
C ASP A 277 152.90 11.52 -28.28
N LEU A 278 153.02 12.46 -29.22
CA LEU A 278 153.33 12.13 -30.60
C LEU A 278 154.83 12.05 -30.87
N GLU A 279 155.66 12.41 -29.90
CA GLU A 279 157.11 12.33 -30.10
C GLU A 279 157.59 10.89 -30.12
N HIS A 280 156.94 10.00 -29.38
CA HIS A 280 157.46 8.67 -29.13
C HIS A 280 156.65 7.55 -29.78
N ARG A 281 155.59 7.87 -30.53
CA ARG A 281 154.78 6.85 -31.19
C ARG A 281 155.40 6.53 -32.55
N LYS A 282 156.60 5.96 -32.51
CA LYS A 282 157.32 5.57 -33.72
C LYS A 282 156.86 4.17 -34.12
N SER A 283 155.83 4.11 -34.97
CA SER A 283 155.26 2.84 -35.36
C SER A 283 156.22 2.03 -36.22
N PHE A 284 156.92 2.68 -37.14
CA PHE A 284 157.81 2.01 -38.09
C PHE A 284 159.25 2.26 -37.70
N ASP A 285 160.01 1.18 -37.54
CA ASP A 285 161.41 1.25 -37.18
C ASP A 285 162.27 1.23 -38.44
N ASP A 286 163.19 2.19 -38.55
CA ASP A 286 164.06 2.35 -39.70
C ASP A 286 165.51 2.49 -39.28
N SER A 287 165.95 1.61 -38.38
CA SER A 287 167.32 1.66 -37.88
C SER A 287 168.29 1.31 -39.00
N HIS A 288 168.99 2.33 -39.51
CA HIS A 288 170.00 2.22 -40.55
C HIS A 288 169.60 1.27 -41.67
N MET A 289 168.31 1.26 -42.03
CA MET A 289 167.85 0.38 -43.10
C MET A 289 168.24 0.90 -44.47
N GLY A 290 168.30 2.21 -44.64
CA GLY A 290 168.58 2.80 -45.93
C GLY A 290 170.05 2.76 -46.30
N ASP A 291 170.39 3.50 -47.35
CA ASP A 291 171.75 3.64 -47.83
C ASP A 291 172.33 2.30 -48.31
N GLY A 292 171.63 1.70 -49.27
CA GLY A 292 172.13 0.53 -49.95
C GLY A 292 172.69 0.92 -51.31
N PRO A 293 174.01 1.03 -51.41
CA PRO A 293 174.61 1.64 -52.61
C PRO A 293 174.64 0.74 -53.83
N THR A 294 174.83 -0.57 -53.62
CA THR A 294 175.09 -1.48 -54.72
C THR A 294 173.90 -1.63 -55.66
N MET A 295 172.70 -1.21 -55.26
CA MET A 295 171.54 -1.42 -56.11
C MET A 295 171.54 -0.43 -57.28
N VAL A 296 171.35 -0.96 -58.49
CA VAL A 296 171.28 -0.15 -59.69
C VAL A 296 170.61 -0.99 -60.77
N SER A 297 169.84 -0.33 -61.64
CA SER A 297 169.10 -1.02 -62.67
C SER A 297 168.94 -0.11 -63.88
N GLN A 298 168.56 -0.71 -65.00
CA GLN A 298 168.47 -0.01 -66.27
C GLN A 298 167.08 -0.20 -66.86
N VAL A 299 166.62 0.79 -67.61
CA VAL A 299 165.29 0.79 -68.22
C VAL A 299 164.21 0.56 -67.16
N PRO A 323 156.67 -12.28 -60.54
CA PRO A 323 156.38 -12.54 -59.13
C PRO A 323 157.25 -11.73 -58.17
N GLU A 324 158.18 -12.41 -57.50
CA GLU A 324 159.11 -11.73 -56.61
C GLU A 324 160.19 -10.97 -57.36
N SER A 325 160.48 -11.36 -58.61
CA SER A 325 161.50 -10.66 -59.38
C SER A 325 161.11 -9.20 -59.59
N LEU A 326 159.86 -8.94 -59.95
CA LEU A 326 159.38 -7.57 -60.08
C LEU A 326 159.26 -6.91 -58.70
N ASP A 327 158.86 -7.67 -57.69
CA ASP A 327 158.68 -7.10 -56.36
C ASP A 327 159.99 -6.61 -55.78
N ALA A 328 161.12 -7.21 -56.17
CA ALA A 328 162.41 -6.74 -55.68
C ALA A 328 162.68 -5.31 -56.17
N GLU A 329 162.49 -5.07 -57.46
CA GLU A 329 162.66 -3.71 -57.99
C GLU A 329 161.64 -2.76 -57.39
N ASP A 330 160.41 -3.22 -57.22
CA ASP A 330 159.39 -2.37 -56.60
C ASP A 330 159.81 -1.95 -55.19
N GLU A 331 160.31 -2.90 -54.41
CA GLU A 331 160.75 -2.59 -53.05
C GLU A 331 161.95 -1.66 -53.07
N ALA A 332 162.86 -1.82 -54.04
CA ALA A 332 163.98 -0.90 -54.16
C ALA A 332 163.49 0.52 -54.40
N TYR A 333 162.53 0.68 -55.31
CA TYR A 333 161.99 2.01 -55.58
C TYR A 333 161.27 2.59 -54.36
N ILE A 334 160.53 1.74 -53.65
CA ILE A 334 159.84 2.20 -52.44
C ILE A 334 160.85 2.66 -51.41
N ARG A 335 161.94 1.91 -51.23
CA ARG A 335 162.97 2.31 -50.29
C ARG A 335 163.62 3.63 -50.70
N ASP A 336 163.83 3.83 -52.00
CA ASP A 336 164.39 5.10 -52.45
C ASP A 336 163.45 6.26 -52.11
N ALA A 337 162.15 6.10 -52.38
CA ALA A 337 161.20 7.14 -52.06
C ALA A 337 161.16 7.40 -50.56
N TYR A 338 161.15 6.34 -49.76
CA TYR A 338 161.11 6.49 -48.30
C TYR A 338 162.35 7.19 -47.79
N LEU A 339 163.52 6.87 -48.33
CA LEU A 339 164.75 7.52 -47.88
C LEU A 339 164.76 8.99 -48.26
N VAL A 340 164.26 9.34 -49.44
CA VAL A 340 164.17 10.74 -49.80
C VAL A 340 163.24 11.48 -48.84
N PHE A 341 162.08 10.89 -48.57
CA PHE A 341 161.14 11.54 -47.66
C PHE A 341 161.71 11.65 -46.26
N ARG A 342 162.47 10.64 -45.82
CA ARG A 342 163.07 10.69 -44.49
C ARG A 342 164.15 11.76 -44.41
N SER A 343 164.94 11.90 -45.47
CA SER A 343 165.92 12.97 -45.50
C SER A 343 165.24 14.33 -45.39
N PHE A 344 164.13 14.51 -46.10
CA PHE A 344 163.45 15.80 -46.04
C PHE A 344 162.79 16.02 -44.68
N CYS A 345 162.27 14.95 -44.07
CA CYS A 345 161.73 15.08 -42.72
C CYS A 345 162.80 15.47 -41.72
N ASN A 346 163.97 14.83 -41.81
CA ASN A 346 165.08 15.19 -40.93
C ASN A 346 165.52 16.63 -41.17
N LEU A 347 165.44 17.10 -42.41
CA LEU A 347 165.71 18.51 -42.66
C LEU A 347 164.67 19.41 -42.00
N SER A 348 163.40 19.01 -42.03
CA SER A 348 162.34 19.87 -41.51
C SER A 348 162.30 19.91 -39.99
N THR A 349 162.69 18.84 -39.31
CA THR A 349 162.56 18.75 -37.87
C THR A 349 163.48 19.70 -37.13
N LYS A 350 164.46 20.30 -37.81
CA LYS A 350 165.45 21.14 -37.16
C LYS A 350 164.78 22.29 -36.38
N ILE A 351 165.51 22.80 -35.39
CA ILE A 351 165.01 23.78 -34.43
C ILE A 351 163.78 23.24 -33.73
N TYR A 358 162.09 35.36 -38.81
CA TYR A 358 163.35 36.06 -38.79
C TYR A 358 164.33 35.47 -39.79
N ASP A 359 165.08 36.33 -40.47
CA ASP A 359 166.11 35.94 -41.43
C ASP A 359 165.55 34.95 -42.45
N LEU A 360 164.52 35.39 -43.18
CA LEU A 360 163.91 34.54 -44.18
C LEU A 360 164.88 34.18 -45.30
N ARG A 361 165.95 34.94 -45.46
CA ARG A 361 167.01 34.60 -46.41
C ARG A 361 168.20 33.92 -45.73
N GLY A 362 168.09 33.64 -44.43
CA GLY A 362 169.13 32.92 -43.74
C GLY A 362 169.20 31.47 -44.17
N GLN A 363 170.23 30.79 -43.69
CA GLN A 363 170.45 29.41 -44.11
C GLN A 363 169.49 28.42 -43.43
N PRO A 364 169.39 28.39 -42.09
CA PRO A 364 168.47 27.40 -41.49
C PRO A 364 167.02 27.62 -41.86
N MET A 365 166.59 28.89 -41.93
CA MET A 365 165.20 29.14 -42.30
C MET A 365 164.93 28.71 -43.74
N ARG A 366 165.85 29.00 -44.65
CA ARG A 366 165.66 28.56 -46.04
C ARG A 366 165.67 27.05 -46.13
N SER A 367 166.50 26.38 -45.33
CA SER A 367 166.51 24.92 -45.30
C SER A 367 165.16 24.39 -44.85
N LYS A 368 164.61 24.95 -43.78
CA LYS A 368 163.30 24.51 -43.31
C LYS A 368 162.23 24.77 -44.36
N LEU A 369 162.27 25.93 -45.00
CA LEU A 369 161.27 26.25 -46.02
C LEU A 369 161.34 25.29 -47.19
N ILE A 370 162.55 25.00 -47.69
CA ILE A 370 162.65 24.11 -48.84
C ILE A 370 162.26 22.70 -48.46
N SER A 371 162.60 22.26 -47.24
CA SER A 371 162.20 20.93 -46.80
C SER A 371 160.68 20.82 -46.74
N LEU A 372 160.02 21.81 -46.13
CA LEU A 372 158.58 21.76 -46.03
C LEU A 372 157.92 21.82 -47.40
N HIS A 373 158.44 22.67 -48.28
CA HIS A 373 157.83 22.80 -49.60
C HIS A 373 158.01 21.52 -50.41
N LEU A 374 159.16 20.86 -50.29
CA LEU A 374 159.34 19.59 -50.98
C LEU A 374 158.43 18.52 -50.40
N ILE A 375 158.24 18.50 -49.09
CA ILE A 375 157.31 17.55 -48.49
C ILE A 375 155.90 17.79 -49.02
N HIS A 376 155.48 19.06 -49.07
CA HIS A 376 154.15 19.38 -49.58
C HIS A 376 154.02 18.99 -51.04
N THR A 377 155.05 19.22 -51.84
CA THR A 377 155.01 18.81 -53.24
C THR A 377 154.88 17.30 -53.36
N LEU A 378 155.62 16.55 -52.55
CA LEU A 378 155.50 15.09 -52.58
C LEU A 378 154.10 14.64 -52.21
N LEU A 379 153.51 15.25 -51.19
CA LEU A 379 152.14 14.89 -50.82
C LEU A 379 151.14 15.25 -51.91
N ASN A 380 151.35 16.39 -52.58
CA ASN A 380 150.35 16.88 -53.53
C ASN A 380 150.44 16.15 -54.87
N ASN A 381 151.61 16.17 -55.50
CA ASN A 381 151.75 15.63 -56.85
C ASN A 381 151.72 14.12 -56.90
N HIS A 382 151.85 13.44 -55.76
CA HIS A 382 151.86 11.98 -55.74
C HIS A 382 151.03 11.44 -54.59
N ILE A 383 149.88 12.06 -54.35
CA ILE A 383 149.02 11.62 -53.25
C ILE A 383 148.54 10.20 -53.48
N THR A 384 148.40 9.80 -54.75
CA THR A 384 147.99 8.43 -55.05
C THR A 384 149.04 7.42 -54.62
N VAL A 385 150.31 7.82 -54.55
CA VAL A 385 151.34 6.93 -54.04
C VAL A 385 151.13 6.68 -52.55
N PHE A 386 150.93 7.75 -51.78
CA PHE A 386 150.77 7.61 -50.33
C PHE A 386 149.48 6.87 -49.99
N THR A 387 148.39 7.16 -50.69
CA THR A 387 147.11 6.59 -50.33
C THR A 387 146.87 5.20 -50.91
N SER A 388 147.74 4.71 -51.77
CA SER A 388 147.53 3.41 -52.38
C SER A 388 147.93 2.30 -51.42
N PRO A 389 147.02 1.41 -51.04
CA PRO A 389 147.41 0.31 -50.13
C PRO A 389 148.38 -0.68 -50.75
N LEU A 390 148.46 -0.75 -52.09
CA LEU A 390 149.40 -1.68 -52.72
C LEU A 390 150.84 -1.31 -52.41
N CYS A 391 151.14 -0.01 -52.36
CA CYS A 391 152.49 0.46 -52.05
C CYS A 391 152.92 0.04 -50.66
N THR A 392 153.89 -0.86 -50.57
CA THR A 392 154.33 -1.40 -49.31
C THR A 392 155.85 -1.40 -49.24
N ILE A 393 156.37 -1.41 -48.01
CA ILE A 393 157.81 -1.36 -47.76
C ILE A 393 158.15 -2.42 -46.71
N ARG A 394 159.25 -3.12 -46.93
CA ARG A 394 159.71 -4.11 -45.96
C ARG A 394 160.21 -3.41 -44.69
N ASN A 395 159.88 -4.00 -43.55
CA ASN A 395 160.31 -3.46 -42.27
C ASN A 395 161.80 -3.73 -42.05
N THR A 396 162.33 -3.11 -41.00
CA THR A 396 163.75 -3.24 -40.67
C THR A 396 163.97 -4.27 -39.56
N LYS A 397 163.36 -4.05 -38.39
CA LYS A 397 163.54 -4.97 -37.27
C LYS A 397 162.59 -6.16 -37.31
N ASN A 398 161.56 -6.11 -38.16
CA ASN A 398 160.65 -7.23 -38.30
C ASN A 398 160.61 -7.81 -39.71
N ASN A 399 161.14 -7.10 -40.70
CA ASN A 399 161.15 -7.56 -42.09
C ASN A 399 159.75 -7.95 -42.55
N GLU A 400 158.77 -7.15 -42.16
CA GLU A 400 157.38 -7.38 -42.53
C GLU A 400 156.89 -6.25 -43.41
N PRO A 401 156.28 -6.56 -44.56
CA PRO A 401 155.75 -5.49 -45.42
C PRO A 401 154.69 -4.67 -44.68
N THR A 402 154.77 -3.36 -44.84
CA THR A 402 153.84 -2.44 -44.20
C THR A 402 153.43 -1.37 -45.18
N ASN A 403 152.25 -0.79 -44.95
CA ASN A 403 151.77 0.28 -45.81
C ASN A 403 152.71 1.47 -45.75
N PHE A 404 152.92 2.09 -46.90
CA PHE A 404 153.86 3.22 -46.97
C PHE A 404 153.41 4.36 -46.08
N LEU A 405 152.11 4.65 -46.05
CA LEU A 405 151.61 5.73 -45.23
C LEU A 405 151.90 5.49 -43.76
N GLN A 406 151.69 4.26 -43.28
CA GLN A 406 152.01 3.94 -41.90
C GLN A 406 153.51 4.03 -41.65
N ALA A 407 154.32 3.73 -42.66
CA ALA A 407 155.77 3.82 -42.50
C ALA A 407 156.22 5.25 -42.27
N ILE A 408 155.57 6.22 -42.92
CA ILE A 408 155.92 7.62 -42.82
C ILE A 408 154.93 8.39 -41.96
N LYS A 409 153.97 7.71 -41.34
CA LYS A 409 152.99 8.41 -40.51
C LYS A 409 153.67 9.17 -39.38
N TYR A 410 154.61 8.51 -38.71
CA TYR A 410 155.33 9.16 -37.62
C TYR A 410 156.13 10.35 -38.12
N TYR A 411 156.78 10.21 -39.28
CA TYR A 411 157.61 11.29 -39.80
C TYR A 411 156.77 12.52 -40.14
N LEU A 412 155.63 12.31 -40.81
CA LEU A 412 154.77 13.43 -41.16
C LEU A 412 154.17 14.08 -39.92
N CYS A 413 153.72 13.26 -38.96
CA CYS A 413 153.17 13.82 -37.74
C CYS A 413 154.21 14.63 -36.99
N LEU A 414 155.44 14.14 -36.93
CA LEU A 414 156.52 14.90 -36.28
C LEU A 414 156.81 16.18 -37.04
N SER A 415 156.77 16.11 -38.38
CA SER A 415 157.05 17.29 -39.19
C SER A 415 155.99 18.36 -39.03
N ILE A 416 154.78 17.97 -38.66
CA ILE A 416 153.76 18.98 -38.40
C ILE A 416 153.79 19.46 -36.94
N THR A 417 153.95 18.54 -35.98
CA THR A 417 153.85 18.91 -34.57
C THR A 417 154.93 19.91 -34.17
N ARG A 418 156.18 19.59 -34.44
CA ARG A 418 157.30 20.40 -33.97
C ARG A 418 157.59 21.57 -34.88
N ASN A 419 156.85 21.71 -35.97
CA ASN A 419 157.16 22.72 -36.97
C ASN A 419 155.96 23.60 -37.33
N GLY A 420 154.75 23.08 -37.25
CA GLY A 420 153.57 23.91 -37.46
C GLY A 420 153.32 24.83 -36.29
N ALA A 421 152.37 25.74 -36.50
CA ALA A 421 152.01 26.75 -35.50
C ALA A 421 153.23 27.58 -35.09
N SER A 422 154.10 27.86 -36.05
CA SER A 422 155.27 28.68 -35.80
C SER A 422 154.88 30.15 -35.73
N SER A 423 155.83 30.98 -35.31
CA SER A 423 155.64 32.42 -35.23
C SER A 423 155.98 33.14 -36.52
N VAL A 424 156.39 32.41 -37.55
CA VAL A 424 156.70 32.97 -38.86
C VAL A 424 155.63 32.51 -39.85
N ASP A 425 155.17 33.44 -40.69
CA ASP A 425 153.97 33.23 -41.47
C ASP A 425 154.13 32.11 -42.50
N ARG A 426 155.26 32.11 -43.23
CA ARG A 426 155.40 31.18 -44.35
C ARG A 426 155.44 29.73 -43.88
N VAL A 427 156.15 29.46 -42.79
CA VAL A 427 156.20 28.10 -42.25
C VAL A 427 154.81 27.64 -41.84
N PHE A 428 154.06 28.49 -41.15
CA PHE A 428 152.71 28.12 -40.76
C PHE A 428 151.83 27.87 -41.98
N ASP A 429 152.00 28.68 -43.02
CA ASP A 429 151.21 28.52 -44.23
C ASP A 429 151.47 27.17 -44.88
N ILE A 430 152.75 26.82 -45.07
CA ILE A 430 153.04 25.55 -45.72
C ILE A 430 152.66 24.37 -44.83
N CYS A 431 152.79 24.53 -43.51
CA CYS A 431 152.35 23.48 -42.59
C CYS A 431 150.84 23.28 -42.70
N CYS A 432 150.08 24.37 -42.83
CA CYS A 432 148.64 24.25 -43.03
C CYS A 432 148.32 23.56 -44.35
N GLU A 433 149.09 23.86 -45.40
CA GLU A 433 148.89 23.14 -46.66
C GLU A 433 149.06 21.64 -46.47
N ILE A 434 150.14 21.24 -45.79
CA ILE A 434 150.40 19.82 -45.56
C ILE A 434 149.27 19.21 -44.73
N PHE A 435 148.87 19.90 -43.67
CA PHE A 435 147.83 19.38 -42.79
C PHE A 435 146.51 19.24 -43.54
N TRP A 436 146.21 20.20 -44.42
CA TRP A 436 144.98 20.11 -45.19
C TRP A 436 145.02 18.93 -46.15
N LEU A 437 146.16 18.69 -46.77
CA LEU A 437 146.28 17.49 -47.60
C LEU A 437 146.03 16.23 -46.77
N MET A 438 146.61 16.19 -45.56
CA MET A 438 146.37 15.08 -44.66
C MET A 438 144.89 14.93 -44.34
N LEU A 439 144.22 16.04 -44.08
CA LEU A 439 142.82 16.02 -43.66
C LEU A 439 141.91 15.61 -44.80
N LYS A 440 142.27 15.95 -46.03
CA LYS A 440 141.38 15.65 -47.14
C LYS A 440 141.64 14.29 -47.75
N TYR A 441 142.84 13.73 -47.59
CA TYR A 441 143.15 12.50 -48.28
C TYR A 441 143.52 11.32 -47.40
N MET A 442 143.83 11.53 -46.12
CA MET A 442 144.30 10.44 -45.28
C MET A 442 143.63 10.47 -43.92
N ARG A 443 142.30 10.66 -43.89
CA ARG A 443 141.58 10.66 -42.63
C ARG A 443 141.65 9.30 -41.94
N SER A 444 141.49 8.22 -42.70
CA SER A 444 141.41 6.89 -42.10
C SER A 444 142.70 6.53 -41.39
N SER A 445 143.84 6.91 -41.96
CA SER A 445 145.13 6.58 -41.38
C SER A 445 145.64 7.65 -40.42
N PHE A 446 144.86 8.69 -40.16
CA PHE A 446 145.25 9.76 -39.25
C PHE A 446 144.09 10.16 -38.35
N LYS A 447 143.26 9.20 -37.96
CA LYS A 447 142.03 9.53 -37.24
C LYS A 447 142.32 10.23 -35.92
N ASN A 448 143.32 9.76 -35.18
CA ASN A 448 143.66 10.39 -33.92
C ASN A 448 144.51 11.64 -34.11
N GLU A 449 145.41 11.62 -35.10
CA GLU A 449 146.36 12.71 -35.25
C GLU A 449 145.69 13.95 -35.79
N ILE A 450 144.68 13.81 -36.65
CA ILE A 450 143.91 14.97 -37.08
C ILE A 450 143.21 15.60 -35.90
N GLU A 451 142.66 14.78 -35.00
CA GLU A 451 142.06 15.29 -33.78
C GLU A 451 143.06 16.09 -32.96
N VAL A 452 144.25 15.53 -32.76
CA VAL A 452 145.27 16.21 -31.95
C VAL A 452 145.67 17.53 -32.60
N PHE A 453 145.90 17.51 -33.91
CA PHE A 453 146.29 18.73 -34.62
C PHE A 453 145.21 19.80 -34.48
N LEU A 454 143.97 19.45 -34.75
CA LEU A 454 142.91 20.43 -34.70
C LEU A 454 142.73 20.99 -33.29
N ASN A 455 142.76 20.11 -32.29
CA ASN A 455 142.46 20.56 -30.93
C ASN A 455 143.60 21.40 -30.35
N GLU A 456 144.84 20.95 -30.52
CA GLU A 456 145.97 21.57 -29.81
C GLU A 456 146.70 22.63 -30.62
N ILE A 457 146.67 22.54 -31.95
CA ILE A 457 147.46 23.44 -32.77
C ILE A 457 146.58 24.50 -33.42
N TYR A 458 145.55 24.06 -34.15
CA TYR A 458 144.83 24.95 -35.06
C TYR A 458 143.62 25.61 -34.41
N LEU A 459 142.69 24.81 -33.88
CA LEU A 459 141.54 25.42 -33.21
C LEU A 459 141.96 26.21 -32.00
N ALA A 460 143.02 25.79 -31.31
CA ALA A 460 143.59 26.60 -30.25
C ALA A 460 144.12 27.92 -30.79
N LEU A 461 144.72 27.89 -31.98
CA LEU A 461 145.16 29.13 -32.62
C LEU A 461 143.98 30.04 -32.92
N LEU A 462 142.86 29.47 -33.38
CA LEU A 462 141.67 30.27 -33.61
C LEU A 462 141.14 30.86 -32.31
N ALA A 463 141.18 30.09 -31.23
CA ALA A 463 140.63 30.55 -29.96
C ALA A 463 141.45 31.64 -29.32
N ARG A 464 142.77 31.66 -29.57
CA ARG A 464 143.64 32.64 -28.93
C ARG A 464 143.28 34.04 -29.40
N ARG A 465 143.18 34.97 -28.43
CA ARG A 465 142.85 36.35 -28.76
C ARG A 465 144.03 37.11 -29.33
N ASN A 466 145.25 36.77 -28.92
CA ASN A 466 146.46 37.44 -29.38
C ASN A 466 147.12 36.74 -30.54
N ALA A 467 146.50 35.69 -31.09
CA ALA A 467 147.10 34.95 -32.18
C ALA A 467 147.22 35.85 -33.42
N PRO A 468 148.27 35.67 -34.21
CA PRO A 468 148.45 36.51 -35.40
C PRO A 468 147.29 36.34 -36.38
N LEU A 469 146.92 37.45 -37.01
CA LEU A 469 145.76 37.44 -37.91
C LEU A 469 146.07 36.75 -39.23
N SER A 470 147.31 36.83 -39.71
CA SER A 470 147.64 36.15 -40.95
C SER A 470 147.46 34.65 -40.83
N GLN A 471 147.92 34.06 -39.73
CA GLN A 471 147.74 32.64 -39.51
C GLN A 471 146.26 32.29 -39.37
N LYS A 472 145.51 33.13 -38.66
CA LYS A 472 144.07 32.88 -38.51
C LYS A 472 143.38 32.88 -39.87
N LEU A 473 143.69 33.86 -40.72
CA LEU A 473 143.08 33.92 -42.03
C LEU A 473 143.49 32.73 -42.89
N THR A 474 144.75 32.32 -42.82
CA THR A 474 145.20 31.17 -43.59
C THR A 474 144.45 29.91 -43.18
N PHE A 475 144.33 29.68 -41.88
CA PHE A 475 143.62 28.47 -41.46
C PHE A 475 142.12 28.58 -41.72
N VAL A 476 141.57 29.79 -41.72
CA VAL A 476 140.16 29.94 -42.07
C VAL A 476 139.96 29.63 -43.54
N GLY A 477 140.91 30.01 -44.38
CA GLY A 477 140.87 29.58 -45.78
C GLY A 477 140.95 28.07 -45.91
N ILE A 478 141.78 27.44 -45.07
CA ILE A 478 141.85 25.99 -45.07
C ILE A 478 140.50 25.39 -44.66
N LEU A 479 139.84 25.98 -43.66
CA LEU A 479 138.53 25.50 -43.24
C LEU A 479 137.51 25.68 -44.35
N LYS A 480 137.57 26.80 -45.07
CA LYS A 480 136.67 27.00 -46.21
C LYS A 480 136.91 25.94 -47.27
N ARG A 481 138.18 25.63 -47.54
CA ARG A 481 138.49 24.54 -48.45
C ARG A 481 137.93 23.22 -47.96
N LEU A 482 137.93 23.01 -46.65
CA LEU A 482 137.38 21.79 -46.07
C LEU A 482 135.85 21.73 -46.21
N CYS A 483 135.20 22.90 -46.10
CA CYS A 483 133.74 22.92 -46.02
C CYS A 483 133.08 22.38 -47.28
N GLU A 484 133.71 22.56 -48.44
CA GLU A 484 133.09 22.09 -49.67
C GLU A 484 132.97 20.58 -49.75
N ASP A 485 133.79 19.84 -49.00
CA ASP A 485 133.76 18.40 -49.05
C ASP A 485 132.72 17.86 -48.08
N PRO A 486 131.69 17.16 -48.55
CA PRO A 486 130.71 16.59 -47.60
C PRO A 486 131.25 15.41 -46.83
N ARG A 487 131.99 14.51 -47.48
CA ARG A 487 132.54 13.36 -46.78
C ARG A 487 133.50 13.81 -45.69
N ALA A 488 134.35 14.79 -45.99
CA ALA A 488 135.30 15.30 -45.01
C ALA A 488 134.64 16.00 -43.85
N LEU A 489 133.34 16.29 -43.95
CA LEU A 489 132.58 16.84 -42.84
C LEU A 489 131.85 15.76 -42.05
N VAL A 490 131.17 14.84 -42.73
CA VAL A 490 130.43 13.81 -42.00
C VAL A 490 131.39 12.85 -41.31
N GLU A 491 132.49 12.48 -41.98
CA GLU A 491 133.48 11.62 -41.32
C GLU A 491 134.17 12.36 -40.19
N LEU A 492 134.31 13.68 -40.30
CA LEU A 492 134.86 14.45 -39.20
C LEU A 492 133.89 14.53 -38.02
N TYR A 493 132.58 14.51 -38.31
CA TYR A 493 131.61 14.50 -37.22
C TYR A 493 131.55 13.14 -36.54
N LEU A 494 131.50 12.06 -37.32
CA LEU A 494 131.28 10.73 -36.76
C LEU A 494 132.48 10.27 -35.95
N ASN A 495 133.68 10.38 -36.50
CA ASN A 495 134.85 9.84 -35.83
C ASN A 495 135.26 10.65 -34.61
N TYR A 496 134.80 11.90 -34.51
CA TYR A 496 135.27 12.78 -33.45
C TYR A 496 134.15 13.24 -32.51
N ASP A 497 133.07 13.81 -33.05
CA ASP A 497 132.02 14.34 -32.19
C ASP A 497 131.14 13.23 -31.63
N CYS A 498 130.85 12.21 -32.44
CA CYS A 498 130.02 11.10 -31.96
C CYS A 498 130.68 10.39 -30.78
N ASN A 499 131.99 10.21 -30.85
CA ASN A 499 132.72 9.64 -29.73
C ASN A 499 132.65 10.60 -28.54
N GLN A 500 132.33 10.04 -27.36
CA GLN A 500 132.16 10.88 -26.18
C GLN A 500 133.50 11.39 -25.66
N ASN A 501 134.49 10.51 -25.57
CA ASN A 501 135.79 10.92 -25.01
C ASN A 501 136.47 11.95 -25.89
N VAL A 502 136.39 11.78 -27.22
CA VAL A 502 137.01 12.71 -28.14
C VAL A 502 136.33 14.07 -28.03
N ASP A 503 137.14 15.13 -27.99
CA ASP A 503 136.60 16.47 -27.85
C ASP A 503 135.78 16.86 -29.07
N ASN A 504 134.79 17.72 -28.84
CA ASN A 504 133.92 18.18 -29.91
C ASN A 504 134.73 18.91 -30.97
N ILE A 505 134.55 18.52 -32.23
CA ILE A 505 135.36 19.08 -33.31
C ILE A 505 134.49 19.86 -34.30
N PHE A 506 133.53 19.18 -34.94
CA PHE A 506 132.77 19.84 -36.00
C PHE A 506 131.99 21.02 -35.44
N GLN A 507 131.33 20.83 -34.29
CA GLN A 507 130.56 21.91 -33.69
C GLN A 507 131.45 23.10 -33.35
N THR A 508 132.64 22.83 -32.81
CA THR A 508 133.49 23.94 -32.39
C THR A 508 134.10 24.67 -33.58
N ILE A 509 134.40 23.96 -34.68
CA ILE A 509 134.92 24.67 -35.85
C ILE A 509 133.82 25.50 -36.50
N VAL A 510 132.59 24.99 -36.53
CA VAL A 510 131.51 25.79 -37.07
C VAL A 510 131.26 27.01 -36.19
N GLU A 511 131.31 26.85 -34.86
CA GLU A 511 131.14 27.99 -33.98
C GLU A 511 132.26 29.01 -34.16
N ASP A 512 133.50 28.53 -34.36
CA ASP A 512 134.61 29.43 -34.59
C ASP A 512 134.45 30.21 -35.88
N LEU A 513 133.95 29.55 -36.94
CA LEU A 513 133.64 30.27 -38.16
C LEU A 513 132.58 31.34 -37.91
N SER A 514 131.53 30.98 -37.16
CA SER A 514 130.47 31.95 -36.88
C SER A 514 131.00 33.15 -36.13
N ARG A 515 131.87 32.93 -35.14
CA ARG A 515 132.42 34.03 -34.36
C ARG A 515 133.17 35.01 -35.27
N PHE A 516 133.90 34.49 -36.25
CA PHE A 516 134.58 35.36 -37.19
C PHE A 516 133.60 36.04 -38.13
N ALA A 517 132.46 35.42 -38.39
CA ALA A 517 131.51 35.95 -39.35
C ALA A 517 130.59 37.04 -38.77
N THR A 518 130.91 37.61 -37.61
CA THR A 518 130.03 38.60 -36.99
C THR A 518 130.67 39.98 -36.91
N ALA A 519 131.85 40.11 -36.32
CA ALA A 519 132.44 41.42 -36.12
C ALA A 519 132.85 42.04 -37.45
N SER A 520 132.77 43.37 -37.52
CA SER A 520 133.07 44.07 -38.76
C SER A 520 133.70 45.42 -38.43
N VAL A 521 134.97 45.59 -38.79
CA VAL A 521 135.64 46.88 -38.65
C VAL A 521 135.30 47.82 -39.80
N PRO A 522 135.47 47.44 -41.07
CA PRO A 522 135.28 48.43 -42.15
C PRO A 522 133.84 48.88 -42.26
N ILE A 523 133.66 50.16 -42.57
CA ILE A 523 132.33 50.74 -42.72
C ILE A 523 132.21 51.32 -44.13
N THR A 524 133.34 51.65 -44.74
CA THR A 524 133.32 52.30 -46.05
C THR A 524 132.98 51.27 -47.12
N PRO A 525 131.89 51.43 -47.86
CA PRO A 525 131.49 50.40 -48.83
C PRO A 525 132.47 50.21 -49.97
N THR A 526 133.34 51.17 -50.24
CA THR A 526 134.31 50.98 -51.32
C THR A 526 135.28 49.86 -50.97
N GLN A 527 135.54 49.62 -49.68
CA GLN A 527 136.33 48.46 -49.29
C GLN A 527 135.62 47.17 -49.68
N GLU A 528 134.31 47.11 -49.45
CA GLU A 528 133.54 45.94 -49.86
C GLU A 528 133.58 45.77 -51.38
N GLN A 529 133.46 46.87 -52.11
CA GLN A 529 133.53 46.79 -53.57
C GLN A 529 134.90 46.29 -54.03
N GLN A 530 135.96 46.77 -53.40
CA GLN A 530 137.30 46.31 -53.75
C GLN A 530 137.47 44.83 -53.47
N TYR A 531 136.99 44.37 -52.31
CA TYR A 531 137.09 42.95 -51.99
C TYR A 531 136.31 42.10 -52.98
N GLU A 532 135.10 42.54 -53.35
CA GLU A 532 134.31 41.81 -54.32
C GLU A 532 135.01 41.76 -55.67
N GLU A 533 135.61 42.89 -56.08
CA GLU A 533 136.44 42.90 -57.28
C GLU A 533 137.66 42.00 -57.11
N SER A 534 138.15 41.86 -55.89
CA SER A 534 139.33 41.03 -55.61
C SER A 534 138.93 39.55 -55.59
N ARG A 535 138.41 39.09 -56.72
CA ARG A 535 138.04 37.70 -56.91
C ARG A 535 138.66 37.20 -58.21
N SER A 536 139.32 36.05 -58.15
CA SER A 536 139.96 35.48 -59.32
C SER A 536 138.94 34.75 -60.20
N THR A 540 136.91 29.38 -55.29
CA THR A 540 136.21 28.27 -55.94
C THR A 540 136.50 26.95 -55.23
N ALA A 541 136.04 25.85 -55.82
CA ALA A 541 136.26 24.54 -55.22
C ALA A 541 137.73 24.18 -55.27
N GLY A 542 138.20 23.54 -54.19
CA GLY A 542 139.59 23.14 -54.11
C GLY A 542 139.93 21.96 -55.00
N GLU A 543 140.67 22.20 -56.06
CA GLU A 543 141.12 21.17 -56.98
C GLU A 543 142.64 21.23 -57.10
N TRP A 544 143.26 20.07 -57.29
CA TRP A 544 144.69 19.93 -57.08
C TRP A 544 145.44 19.82 -58.40
N GLN A 545 146.67 20.33 -58.38
CA GLN A 545 147.55 20.36 -59.55
C GLN A 545 148.98 20.29 -59.05
N ILE A 546 149.93 20.51 -59.97
CA ILE A 546 151.34 20.54 -59.59
C ILE A 546 151.61 21.82 -58.80
N LYS A 547 152.33 21.68 -57.69
CA LYS A 547 152.67 22.82 -56.84
C LYS A 547 154.17 22.91 -56.67
N SER A 548 154.71 24.12 -56.81
CA SER A 548 156.14 24.35 -56.65
C SER A 548 156.36 25.83 -56.37
N VAL A 549 157.26 26.14 -55.44
CA VAL A 549 157.56 27.53 -55.10
C VAL A 549 159.04 27.80 -55.33
N LEU A 550 159.49 29.02 -55.03
CA LEU A 550 160.88 29.41 -55.28
C LEU A 550 161.33 30.44 -54.24
N PRO A 551 162.10 30.01 -53.25
CA PRO A 551 162.85 30.96 -52.40
C PRO A 551 164.28 31.15 -52.87
N PRO A 552 164.52 31.93 -53.91
CA PRO A 552 165.89 32.01 -54.49
C PRO A 552 166.93 32.47 -53.48
N PRO A 553 166.76 33.65 -52.84
CA PRO A 553 167.93 34.06 -52.05
C PRO A 553 168.12 33.24 -50.77
N LEU A 569 140.59 45.02 -48.28
CA LEU A 569 141.99 45.12 -47.88
C LEU A 569 142.27 44.66 -46.44
N PRO A 570 141.51 45.14 -45.45
CA PRO A 570 141.80 44.72 -44.06
C PRO A 570 141.70 43.21 -43.91
N LYS A 571 142.63 42.65 -43.14
CA LYS A 571 142.64 41.21 -42.92
C LYS A 571 141.38 40.75 -42.19
N GLU A 572 140.89 41.57 -41.26
CA GLU A 572 139.72 41.17 -40.49
C GLU A 572 138.49 41.02 -41.37
N TYR A 573 138.29 41.95 -42.31
CA TYR A 573 137.08 41.89 -43.13
C TYR A 573 137.11 40.70 -44.09
N VAL A 574 138.24 40.50 -44.78
CA VAL A 574 138.33 39.37 -45.69
C VAL A 574 138.24 38.07 -44.91
N MET A 575 138.78 38.04 -43.70
CA MET A 575 138.66 36.86 -42.84
C MET A 575 137.21 36.60 -42.48
N LYS A 576 136.45 37.65 -42.15
CA LYS A 576 135.03 37.48 -41.85
C LYS A 576 134.27 36.99 -43.07
N ARG A 577 134.56 37.56 -44.24
CA ARG A 577 133.86 37.13 -45.45
C ARG A 577 134.18 35.69 -45.79
N THR A 578 135.44 35.28 -45.59
CA THR A 578 135.81 33.88 -45.81
C THR A 578 135.09 32.97 -44.84
N ALA A 579 134.97 33.39 -43.57
CA ALA A 579 134.23 32.57 -42.61
C ALA A 579 132.77 32.43 -43.01
N LEU A 580 132.14 33.52 -43.42
CA LEU A 580 130.73 33.47 -43.81
C LEU A 580 130.54 32.61 -45.05
N ASP A 581 131.42 32.77 -46.04
CA ASP A 581 131.34 31.94 -47.23
C ASP A 581 131.58 30.47 -46.90
N SER A 582 132.47 30.20 -45.95
CA SER A 582 132.69 28.82 -45.53
C SER A 582 131.46 28.24 -44.86
N LEU A 583 130.75 29.04 -44.06
CA LEU A 583 129.51 28.56 -43.46
C LEU A 583 128.45 28.28 -44.51
N VAL A 584 128.29 29.18 -45.48
CA VAL A 584 127.35 28.93 -46.56
C VAL A 584 127.74 27.67 -47.32
N GLU A 585 129.04 27.48 -47.53
CA GLU A 585 129.51 26.26 -48.19
C GLU A 585 129.21 25.03 -47.34
N THR A 586 129.33 25.16 -46.01
CA THR A 586 128.99 24.04 -45.14
C THR A 586 127.53 23.66 -45.29
N LEU A 587 126.64 24.65 -45.31
CA LEU A 587 125.22 24.34 -45.49
C LEU A 587 124.96 23.75 -46.86
N ARG A 588 125.59 24.28 -47.91
CA ARG A 588 125.40 23.72 -49.24
C ARG A 588 125.89 22.29 -49.31
N SER A 589 127.05 22.01 -48.70
CA SER A 589 127.57 20.66 -48.68
C SER A 589 126.66 19.73 -47.90
N LEU A 590 126.07 20.22 -46.81
CA LEU A 590 125.16 19.38 -46.03
C LEU A 590 123.90 19.05 -46.82
N VAL A 591 123.31 20.05 -47.48
CA VAL A 591 122.11 19.75 -48.26
C VAL A 591 122.45 18.87 -49.45
N HIS A 592 123.69 18.93 -49.94
CA HIS A 592 124.10 18.02 -51.00
C HIS A 592 124.27 16.60 -50.48
N TRP A 593 124.76 16.47 -49.24
CA TRP A 593 124.93 15.16 -48.62
C TRP A 593 123.60 14.57 -48.18
N SER A 594 122.58 15.40 -47.97
CA SER A 594 121.29 14.89 -47.51
C SER A 594 120.58 14.10 -48.60
N GLN A 595 120.68 14.54 -49.84
CA GLN A 595 119.99 13.89 -50.95
C GLN A 595 120.55 12.49 -51.20
N THR A 658 92.48 -25.36 -82.15
CA THR A 658 93.68 -25.42 -82.96
C THR A 658 94.32 -24.04 -83.14
N ALA A 659 93.91 -23.09 -82.31
CA ALA A 659 94.41 -21.73 -82.38
C ALA A 659 94.10 -21.03 -81.06
N MET A 660 94.29 -19.70 -81.04
CA MET A 660 93.91 -18.82 -79.95
C MET A 660 94.82 -19.00 -78.74
N THR A 661 95.69 -20.03 -78.79
CA THR A 661 96.62 -20.26 -77.70
C THR A 661 97.61 -19.12 -77.56
N ASN A 662 98.09 -18.58 -78.70
CA ASN A 662 99.00 -17.45 -78.69
C ASN A 662 98.28 -16.12 -78.49
N ALA A 663 96.95 -16.11 -78.52
CA ALA A 663 96.22 -14.86 -78.34
C ALA A 663 96.35 -14.32 -76.92
N ILE A 664 96.50 -15.19 -75.93
CA ILE A 664 96.60 -14.75 -74.54
C ILE A 664 97.86 -13.92 -74.33
N LYS A 665 98.97 -14.34 -74.92
CA LYS A 665 100.26 -13.70 -74.67
C LYS A 665 100.28 -12.24 -75.12
N VAL A 666 99.39 -11.85 -76.02
CA VAL A 666 99.39 -10.48 -76.51
C VAL A 666 99.05 -9.50 -75.40
N PHE A 667 98.04 -9.84 -74.59
CA PHE A 667 97.64 -8.95 -73.49
C PHE A 667 98.73 -8.87 -72.41
N ASN A 668 99.55 -9.91 -72.28
CA ASN A 668 100.49 -9.98 -71.16
C ASN A 668 101.49 -8.84 -71.18
N PHE A 669 101.69 -8.20 -72.32
CA PHE A 669 102.58 -7.04 -72.41
C PHE A 669 101.88 -5.78 -72.90
N LYS A 670 100.97 -5.92 -73.86
CA LYS A 670 100.22 -4.78 -74.40
C LYS A 670 98.73 -5.00 -74.10
N PRO A 671 98.20 -4.35 -73.05
CA PRO A 671 96.82 -4.65 -72.63
C PRO A 671 95.78 -4.25 -73.66
N LYS A 672 95.81 -2.99 -74.09
CA LYS A 672 94.82 -2.52 -75.06
C LYS A 672 94.95 -3.26 -76.38
N HIS A 673 96.18 -3.46 -76.86
CA HIS A 673 96.38 -4.23 -78.08
C HIS A 673 95.89 -5.66 -77.91
N GLY A 674 96.20 -6.28 -76.77
CA GLY A 674 95.78 -7.65 -76.53
C GLY A 674 94.28 -7.79 -76.55
N ILE A 675 93.57 -6.86 -75.89
CA ILE A 675 92.11 -6.92 -75.88
C ILE A 675 91.56 -6.67 -77.27
N LYS A 676 92.02 -5.60 -77.93
CA LYS A 676 91.47 -5.23 -79.23
C LYS A 676 91.75 -6.28 -80.30
N LEU A 677 92.77 -7.11 -80.10
CA LEU A 677 92.98 -8.25 -80.99
C LEU A 677 92.20 -9.48 -80.55
N LEU A 678 91.95 -9.62 -79.24
CA LEU A 678 91.31 -10.81 -78.72
C LEU A 678 89.82 -10.88 -79.01
N ILE A 679 89.15 -9.74 -79.11
CA ILE A 679 87.69 -9.73 -79.16
C ILE A 679 87.18 -10.35 -80.46
N LYS A 680 87.87 -10.10 -81.56
CA LYS A 680 87.36 -10.49 -82.88
C LYS A 680 87.28 -12.00 -83.09
N GLU A 681 87.94 -12.80 -82.26
CA GLU A 681 87.93 -14.24 -82.43
C GLU A 681 87.89 -14.92 -81.07
N GLY A 682 87.46 -16.19 -81.08
CA GLY A 682 87.42 -16.97 -79.87
C GLY A 682 86.24 -16.67 -78.98
N PHE A 683 86.51 -16.19 -77.77
CA PHE A 683 85.48 -15.90 -76.80
C PHE A 683 85.04 -14.44 -77.01
N ILE A 684 84.33 -13.87 -76.05
CA ILE A 684 83.87 -12.48 -76.12
C ILE A 684 82.98 -12.24 -77.34
N PRO A 685 81.74 -12.73 -77.32
CA PRO A 685 80.82 -12.41 -78.44
C PRO A 685 80.61 -10.91 -78.64
N SER A 686 80.57 -10.12 -77.57
CA SER A 686 80.29 -8.69 -77.67
C SER A 686 81.30 -7.90 -76.86
N ASP A 687 81.56 -6.68 -77.33
CA ASP A 687 82.48 -5.76 -76.66
C ASP A 687 81.93 -5.22 -75.35
N LYS A 688 80.75 -5.66 -74.91
CA LYS A 688 80.17 -5.15 -73.70
C LYS A 688 81.04 -5.52 -72.49
N PRO A 689 81.03 -4.69 -71.44
CA PRO A 689 81.89 -4.96 -70.28
C PRO A 689 81.63 -6.30 -69.63
N GLU A 690 80.39 -6.79 -69.69
CA GLU A 690 80.04 -8.03 -69.00
C GLU A 690 80.84 -9.21 -69.56
N ASP A 691 80.88 -9.33 -70.89
CA ASP A 691 81.54 -10.49 -71.50
C ASP A 691 83.04 -10.46 -71.28
N ILE A 692 83.67 -9.28 -71.43
CA ILE A 692 85.11 -9.19 -71.25
C ILE A 692 85.47 -9.43 -69.79
N ALA A 693 84.65 -8.95 -68.86
CA ALA A 693 84.88 -9.28 -67.45
C ALA A 693 84.73 -10.78 -67.20
N ARG A 694 83.74 -11.41 -67.84
CA ARG A 694 83.57 -12.85 -67.72
C ARG A 694 84.83 -13.59 -68.12
N PHE A 695 85.36 -13.28 -69.31
CA PHE A 695 86.57 -13.95 -69.76
C PHE A 695 87.75 -13.62 -68.87
N LEU A 696 87.86 -12.36 -68.43
CA LEU A 696 89.01 -11.94 -67.66
C LEU A 696 89.08 -12.67 -66.33
N LEU A 697 87.94 -12.82 -65.64
CA LEU A 697 87.97 -13.58 -64.40
C LEU A 697 88.10 -15.08 -64.67
N ARG A 698 87.34 -15.60 -65.64
CA ARG A 698 87.26 -17.05 -65.80
C ARG A 698 88.54 -17.64 -66.39
N GLU A 699 89.26 -16.89 -67.21
CA GLU A 699 90.42 -17.43 -67.92
C GLU A 699 91.72 -17.06 -67.21
N GLU A 700 92.56 -18.06 -66.99
CA GLU A 700 93.86 -17.89 -66.37
C GLU A 700 94.92 -17.66 -67.44
N ARG A 701 96.20 -17.80 -67.06
CA ARG A 701 97.36 -17.63 -67.93
C ARG A 701 97.55 -16.19 -68.36
N LEU A 702 96.93 -15.24 -67.68
CA LEU A 702 97.03 -13.83 -68.01
C LEU A 702 97.58 -13.09 -66.80
N ASP A 703 98.54 -12.20 -67.03
CA ASP A 703 99.29 -11.59 -65.93
C ASP A 703 98.37 -10.86 -64.97
N LYS A 704 98.45 -11.23 -63.69
CA LYS A 704 97.60 -10.60 -62.68
C LYS A 704 97.93 -9.12 -62.54
N ALA A 705 99.21 -8.77 -62.57
CA ALA A 705 99.59 -7.36 -62.52
C ALA A 705 99.08 -6.63 -63.75
N GLN A 706 99.16 -7.25 -64.93
CA GLN A 706 98.69 -6.60 -66.15
C GLN A 706 97.18 -6.38 -66.12
N ILE A 707 96.42 -7.38 -65.68
CA ILE A 707 94.97 -7.18 -65.62
C ILE A 707 94.61 -6.18 -64.54
N GLY A 708 95.37 -6.13 -63.45
CA GLY A 708 95.14 -5.09 -62.46
C GLY A 708 95.37 -3.70 -63.02
N GLU A 709 96.46 -3.53 -63.78
CA GLU A 709 96.72 -2.24 -64.41
C GLU A 709 95.64 -1.88 -65.41
N TYR A 710 95.20 -2.86 -66.21
CA TYR A 710 94.20 -2.59 -67.24
C TYR A 710 92.85 -2.23 -66.62
N LEU A 711 92.43 -2.97 -65.60
CA LEU A 711 91.13 -2.71 -64.97
C LEU A 711 91.15 -1.41 -64.17
N GLY A 712 92.27 -1.08 -63.56
CA GLY A 712 92.38 0.14 -62.79
C GLY A 712 92.58 1.40 -63.60
N GLU A 713 92.66 1.27 -64.93
CA GLU A 713 92.86 2.42 -65.78
C GLU A 713 91.65 3.35 -65.74
N GLY A 714 91.91 4.64 -65.96
CA GLY A 714 90.89 5.65 -65.84
C GLY A 714 89.92 5.77 -67.00
N ASP A 715 90.11 4.98 -68.06
CA ASP A 715 89.20 5.04 -69.19
C ASP A 715 87.79 4.62 -68.76
N GLN A 716 86.79 5.28 -69.34
CA GLN A 716 85.41 5.00 -68.96
C GLN A 716 85.03 3.56 -69.28
N LYS A 717 85.42 3.07 -70.46
CA LYS A 717 85.13 1.68 -70.80
C LYS A 717 85.83 0.73 -69.85
N ASN A 718 87.10 0.99 -69.54
CA ASN A 718 87.82 0.14 -68.60
C ASN A 718 87.17 0.18 -67.22
N VAL A 719 86.69 1.36 -66.82
CA VAL A 719 86.07 1.50 -65.51
C VAL A 719 84.74 0.73 -65.47
N ASP A 720 83.98 0.75 -66.56
CA ASP A 720 82.77 -0.07 -66.64
C ASP A 720 83.10 -1.56 -66.58
N ILE A 721 84.14 -1.97 -67.30
CA ILE A 721 84.54 -3.37 -67.28
C ILE A 721 84.94 -3.79 -65.87
N MET A 722 85.59 -2.88 -65.14
CA MET A 722 86.02 -3.24 -63.80
C MET A 722 84.86 -3.18 -62.81
N HIS A 723 83.85 -2.34 -63.06
CA HIS A 723 82.56 -2.52 -62.38
C HIS A 723 82.07 -3.95 -62.55
N ALA A 724 82.03 -4.41 -63.80
CA ALA A 724 81.50 -5.75 -64.06
C ALA A 724 82.33 -6.81 -63.36
N PHE A 725 83.65 -6.67 -63.40
CA PHE A 725 84.54 -7.65 -62.78
C PHE A 725 84.36 -7.68 -61.27
N VAL A 726 84.23 -6.52 -60.63
CA VAL A 726 84.05 -6.49 -59.18
C VAL A 726 82.68 -7.04 -58.80
N ASP A 727 81.65 -6.70 -59.58
CA ASP A 727 80.31 -7.21 -59.31
C ASP A 727 80.23 -8.72 -59.49
N MET A 728 81.03 -9.26 -60.40
CA MET A 728 80.94 -10.69 -60.70
C MET A 728 81.31 -11.54 -59.50
N MET A 729 82.33 -11.14 -58.76
CA MET A 729 82.63 -11.80 -57.49
C MET A 729 81.58 -11.45 -56.46
N ASP A 730 81.39 -12.37 -55.51
CA ASP A 730 80.35 -12.22 -54.48
C ASP A 730 80.99 -12.26 -53.10
N PHE A 731 80.49 -11.40 -52.21
CA PHE A 731 80.96 -11.33 -50.83
C PHE A 731 79.81 -11.42 -49.84
N SER A 732 78.64 -11.89 -50.28
CA SER A 732 77.48 -11.96 -49.41
C SER A 732 77.69 -12.99 -48.31
N LYS A 733 77.28 -12.64 -47.10
CA LYS A 733 77.36 -13.54 -45.94
C LYS A 733 78.79 -14.03 -45.72
N LYS A 734 79.75 -13.14 -45.92
CA LYS A 734 81.17 -13.48 -45.76
C LYS A 734 81.85 -12.42 -44.93
N ARG A 735 82.92 -12.83 -44.25
CA ARG A 735 83.67 -11.91 -43.41
C ARG A 735 84.37 -10.85 -44.27
N PHE A 736 84.59 -9.69 -43.67
CA PHE A 736 85.24 -8.59 -44.41
C PHE A 736 86.66 -8.98 -44.81
N VAL A 737 87.41 -9.60 -43.91
CA VAL A 737 88.78 -10.00 -44.25
C VAL A 737 88.78 -11.05 -45.33
N ASP A 738 87.90 -12.05 -45.22
CA ASP A 738 87.82 -13.09 -46.24
C ASP A 738 87.38 -12.51 -47.58
N ALA A 739 86.44 -11.57 -47.56
CA ALA A 739 86.01 -10.92 -48.79
C ALA A 739 87.15 -10.14 -49.43
N LEU A 740 87.94 -9.43 -48.61
CA LEU A 740 89.09 -8.71 -49.14
C LEU A 740 90.10 -9.68 -49.74
N ARG A 741 90.35 -10.80 -49.06
CA ARG A 741 91.29 -11.79 -49.58
C ARG A 741 90.81 -12.33 -50.93
N GLU A 742 89.51 -12.61 -51.04
CA GLU A 742 88.95 -13.04 -52.32
C GLU A 742 89.12 -11.96 -53.38
N PHE A 743 88.90 -10.70 -53.00
CA PHE A 743 89.01 -9.59 -53.95
C PHE A 743 90.43 -9.46 -54.47
N LEU A 744 91.42 -9.60 -53.59
CA LEU A 744 92.82 -9.52 -54.00
C LEU A 744 93.35 -10.79 -54.63
N GLN A 745 92.63 -11.91 -54.51
CA GLN A 745 93.07 -13.17 -55.07
C GLN A 745 92.64 -13.35 -56.52
N ALA A 746 91.93 -12.38 -57.09
CA ALA A 746 91.54 -12.44 -58.49
C ALA A 746 92.44 -11.62 -59.40
N PHE A 747 93.18 -10.66 -58.86
CA PHE A 747 94.09 -9.83 -59.64
C PHE A 747 95.14 -9.24 -58.70
N ARG A 748 96.20 -8.73 -59.30
CA ARG A 748 97.24 -8.02 -58.56
C ARG A 748 97.02 -6.52 -58.74
N LEU A 749 96.79 -5.82 -57.63
CA LEU A 749 96.51 -4.39 -57.71
C LEU A 749 97.78 -3.62 -58.05
N PRO A 750 97.68 -2.58 -58.88
CA PRO A 750 98.87 -1.81 -59.25
C PRO A 750 99.41 -0.96 -58.11
N GLY A 751 100.46 -0.20 -58.36
CA GLY A 751 101.06 0.63 -57.34
C GLY A 751 100.57 2.06 -57.33
N GLU A 752 99.88 2.47 -58.40
CA GLU A 752 99.36 3.83 -58.46
C GLU A 752 98.27 4.04 -57.43
N ALA A 753 98.29 5.21 -56.78
CA ALA A 753 97.28 5.51 -55.78
C ALA A 753 95.89 5.60 -56.41
N GLN A 754 95.79 6.18 -57.60
CA GLN A 754 94.50 6.33 -58.25
C GLN A 754 93.90 4.97 -58.61
N LYS A 755 94.73 4.05 -59.11
CA LYS A 755 94.21 2.73 -59.47
C LYS A 755 93.76 1.94 -58.25
N ILE A 756 94.55 2.00 -57.17
CA ILE A 756 94.14 1.35 -55.93
C ILE A 756 92.83 1.94 -55.43
N ASP A 757 92.71 3.26 -55.50
CA ASP A 757 91.48 3.92 -55.06
C ASP A 757 90.29 3.46 -55.89
N ARG A 758 90.43 3.43 -57.21
CA ARG A 758 89.33 3.04 -58.08
C ARG A 758 88.91 1.60 -57.82
N PHE A 759 89.88 0.71 -57.63
CA PHE A 759 89.56 -0.67 -57.29
C PHE A 759 88.83 -0.76 -55.96
N MET A 760 89.38 -0.12 -54.94
CA MET A 760 88.96 -0.38 -53.58
C MET A 760 87.63 0.29 -53.27
N LEU A 761 87.31 1.39 -53.98
CA LEU A 761 85.97 1.97 -53.88
C LEU A 761 84.92 0.97 -54.30
N LYS A 762 85.08 0.37 -55.48
CA LYS A 762 84.11 -0.61 -55.93
C LYS A 762 84.14 -1.88 -55.09
N PHE A 763 85.30 -2.23 -54.53
CA PHE A 763 85.33 -3.34 -53.59
C PHE A 763 84.42 -3.07 -52.39
N ALA A 764 84.54 -1.88 -51.80
CA ALA A 764 83.71 -1.54 -50.66
C ALA A 764 82.24 -1.49 -51.05
N HIS A 765 81.93 -0.90 -52.21
CA HIS A 765 80.54 -0.82 -52.65
C HIS A 765 79.95 -2.20 -52.87
N ARG A 766 80.71 -3.10 -53.50
CA ARG A 766 80.23 -4.46 -53.72
C ARG A 766 80.05 -5.21 -52.40
N TYR A 767 80.98 -5.02 -51.46
CA TYR A 767 80.84 -5.67 -50.17
C TYR A 767 79.59 -5.18 -49.45
N VAL A 768 79.31 -3.89 -49.52
CA VAL A 768 78.11 -3.35 -48.88
C VAL A 768 76.87 -3.89 -49.56
N THR A 769 76.81 -3.83 -50.89
CA THR A 769 75.62 -4.28 -51.61
C THR A 769 75.44 -5.79 -51.55
N GLY A 770 76.46 -6.54 -51.14
CA GLY A 770 76.33 -7.97 -50.98
C GLY A 770 76.12 -8.36 -49.54
N ASN A 771 76.70 -7.59 -48.62
CA ASN A 771 76.61 -7.85 -47.19
C ASN A 771 76.17 -6.57 -46.48
N PRO A 772 74.88 -6.23 -46.58
CA PRO A 772 74.40 -5.03 -45.89
C PRO A 772 74.41 -5.21 -44.38
N ASN A 773 74.26 -4.08 -43.69
CA ASN A 773 74.19 -3.97 -42.24
C ASN A 773 75.50 -4.34 -41.56
N ALA A 774 76.55 -4.71 -42.31
CA ALA A 774 77.85 -4.94 -41.70
C ALA A 774 78.46 -3.64 -41.19
N PHE A 775 78.28 -2.55 -41.94
CA PHE A 775 78.77 -1.24 -41.54
C PHE A 775 77.70 -0.21 -41.86
N ALA A 776 77.71 0.89 -41.11
CA ALA A 776 76.66 1.89 -41.24
C ALA A 776 76.63 2.50 -42.64
N ASN A 777 77.80 2.83 -43.18
CA ASN A 777 77.89 3.43 -44.50
C ASN A 777 79.03 2.77 -45.28
N ALA A 778 78.92 2.82 -46.60
CA ALA A 778 79.92 2.19 -47.46
C ALA A 778 81.29 2.85 -47.35
N ASP A 779 81.37 4.04 -46.74
CA ASP A 779 82.67 4.63 -46.47
C ASP A 779 83.45 3.82 -45.44
N THR A 780 82.74 3.18 -44.50
CA THR A 780 83.42 2.42 -43.46
C THR A 780 84.19 1.21 -43.99
N PRO A 781 83.62 0.34 -44.84
CA PRO A 781 84.45 -0.73 -45.41
C PRO A 781 85.60 -0.22 -46.24
N TYR A 782 85.43 0.93 -46.90
CA TYR A 782 86.51 1.53 -47.67
C TYR A 782 87.68 1.92 -46.77
N VAL A 783 87.38 2.65 -45.71
CA VAL A 783 88.44 3.08 -44.78
C VAL A 783 89.06 1.87 -44.11
N LEU A 784 88.23 0.91 -43.69
CA LEU A 784 88.77 -0.32 -43.11
C LEU A 784 89.64 -1.08 -44.09
N ALA A 785 89.31 -1.02 -45.38
CA ALA A 785 90.10 -1.72 -46.38
C ALA A 785 91.48 -1.09 -46.53
N TYR A 786 91.56 0.25 -46.57
CA TYR A 786 92.88 0.87 -46.51
C TYR A 786 93.61 0.52 -45.23
N SER A 787 92.92 0.55 -44.08
CA SER A 787 93.61 0.25 -42.83
C SER A 787 94.15 -1.17 -42.82
N VAL A 788 93.36 -2.13 -43.29
CA VAL A 788 93.78 -3.52 -43.26
C VAL A 788 94.88 -3.78 -44.26
N ILE A 789 94.84 -3.15 -45.43
CA ILE A 789 95.92 -3.35 -46.39
C ILE A 789 97.21 -2.73 -45.87
N MET A 790 97.12 -1.58 -45.20
CA MET A 790 98.30 -0.97 -44.59
C MET A 790 98.86 -1.88 -43.50
N LEU A 791 97.98 -2.46 -42.68
CA LEU A 791 98.45 -3.35 -41.62
C LEU A 791 99.05 -4.62 -42.19
N ASN A 792 98.49 -5.13 -43.30
CA ASN A 792 99.06 -6.29 -43.96
C ASN A 792 100.46 -5.98 -44.49
N THR A 793 100.64 -4.82 -45.11
CA THR A 793 101.96 -4.44 -45.58
C THR A 793 102.93 -4.27 -44.42
N ASP A 794 102.48 -3.66 -43.32
CA ASP A 794 103.38 -3.39 -42.20
C ASP A 794 103.78 -4.67 -41.47
N LEU A 795 102.81 -5.52 -41.15
CA LEU A 795 103.07 -6.64 -40.24
C LEU A 795 103.98 -7.68 -40.87
N HIS A 796 103.70 -8.07 -42.10
CA HIS A 796 104.44 -9.13 -42.76
C HIS A 796 105.69 -8.62 -43.48
N SER A 797 106.18 -7.44 -43.11
CA SER A 797 107.41 -6.89 -43.64
C SER A 797 108.37 -6.64 -42.50
N SER A 798 109.62 -7.09 -42.65
CA SER A 798 110.65 -6.93 -41.64
C SER A 798 111.57 -5.75 -41.94
N LYS A 799 111.22 -4.92 -42.92
CA LYS A 799 112.06 -3.79 -43.29
C LYS A 799 112.09 -2.70 -42.22
N VAL A 800 111.20 -2.75 -41.23
CA VAL A 800 111.14 -1.75 -40.18
C VAL A 800 111.31 -2.46 -38.83
N VAL A 801 112.17 -1.91 -37.98
CA VAL A 801 112.40 -2.50 -36.67
C VAL A 801 111.20 -2.28 -35.75
N LYS A 802 110.58 -1.11 -35.83
CA LYS A 802 109.40 -0.82 -35.01
C LYS A 802 108.26 -1.75 -35.40
N ARG A 803 107.50 -2.19 -34.41
CA ARG A 803 106.45 -3.17 -34.64
C ARG A 803 105.08 -2.54 -34.40
N MET A 804 104.13 -2.89 -35.25
CA MET A 804 102.78 -2.33 -35.20
C MET A 804 101.92 -3.19 -34.27
N SER A 805 101.38 -2.58 -33.22
CA SER A 805 100.65 -3.32 -32.19
C SER A 805 99.14 -3.15 -32.39
N LYS A 806 98.38 -3.81 -31.51
CA LYS A 806 96.92 -3.78 -31.61
C LYS A 806 96.36 -2.44 -31.17
N ALA A 807 96.85 -1.90 -30.05
CA ALA A 807 96.28 -0.66 -29.52
C ALA A 807 96.50 0.50 -30.49
N GLU A 808 97.69 0.58 -31.09
CA GLU A 808 97.93 1.64 -32.07
C GLU A 808 97.03 1.49 -33.28
N PHE A 809 96.78 0.25 -33.72
CA PHE A 809 95.90 0.02 -34.86
C PHE A 809 94.47 0.46 -34.54
N ILE A 810 93.98 0.11 -33.34
CA ILE A 810 92.63 0.52 -32.95
C ILE A 810 92.54 2.04 -32.85
N LYS A 811 93.58 2.67 -32.30
CA LYS A 811 93.60 4.13 -32.24
C LYS A 811 93.59 4.74 -33.64
N ASN A 812 94.31 4.12 -34.57
CA ASN A 812 94.29 4.59 -35.96
C ASN A 812 92.92 4.43 -36.57
N ASN A 813 92.16 3.41 -36.16
CA ASN A 813 90.83 3.15 -36.71
C ASN A 813 89.72 3.66 -35.80
N ARG A 814 89.93 4.79 -35.14
CA ARG A 814 88.93 5.34 -34.23
C ARG A 814 87.88 6.13 -35.01
N GLY A 815 86.61 5.81 -34.76
CA GLY A 815 85.51 6.58 -35.30
C GLY A 815 85.46 6.64 -36.81
N ILE A 816 85.64 5.49 -37.47
CA ILE A 816 85.62 5.45 -38.93
C ILE A 816 84.29 4.95 -39.48
N ASN A 817 83.28 4.75 -38.63
CA ASN A 817 81.96 4.32 -39.05
C ASN A 817 80.98 5.43 -38.65
N ASP A 818 80.84 6.44 -39.51
CA ASP A 818 80.04 7.62 -39.22
C ASP A 818 80.40 8.19 -37.85
N ASN A 819 81.66 8.65 -37.78
CA ASN A 819 82.37 9.11 -36.59
C ASN A 819 81.92 8.35 -35.35
N ALA A 820 81.90 7.03 -35.46
CA ALA A 820 81.58 6.14 -34.35
C ALA A 820 82.48 4.92 -34.44
N ASP A 821 83.06 4.53 -33.31
CA ASP A 821 84.04 3.46 -33.30
C ASP A 821 83.40 2.13 -33.67
N LEU A 822 84.14 1.34 -34.46
CA LEU A 822 83.71 -0.01 -34.79
C LEU A 822 83.88 -0.92 -33.56
N PRO A 823 83.18 -2.04 -33.53
CA PRO A 823 83.34 -2.98 -32.41
C PRO A 823 84.79 -3.43 -32.28
N ASP A 824 85.25 -3.51 -31.03
CA ASP A 824 86.65 -3.86 -30.77
C ASP A 824 86.93 -5.29 -31.21
N GLU A 825 86.01 -6.21 -30.95
CA GLU A 825 86.24 -7.61 -31.32
C GLU A 825 86.38 -7.79 -32.81
N TYR A 826 85.67 -6.98 -33.61
CA TYR A 826 85.83 -7.02 -35.06
C TYR A 826 87.28 -6.71 -35.45
N LEU A 827 87.84 -5.64 -34.88
CA LEU A 827 89.20 -5.27 -35.19
C LEU A 827 90.20 -6.28 -34.66
N ILE A 828 89.90 -6.89 -33.50
CA ILE A 828 90.76 -7.94 -32.97
C ILE A 828 90.81 -9.13 -33.92
N GLY A 829 89.64 -9.52 -34.43
CA GLY A 829 89.60 -10.61 -35.39
C GLY A 829 90.32 -10.27 -36.68
N ILE A 830 90.18 -9.03 -37.15
CA ILE A 830 90.90 -8.61 -38.34
C ILE A 830 92.42 -8.68 -38.11
N TYR A 831 92.86 -8.20 -36.94
CA TYR A 831 94.29 -8.25 -36.62
C TYR A 831 94.79 -9.69 -36.55
N ASP A 832 94.01 -10.58 -35.94
CA ASP A 832 94.41 -11.98 -35.86
C ASP A 832 94.48 -12.61 -37.25
N ASP A 833 93.52 -12.28 -38.12
CA ASP A 833 93.56 -12.80 -39.48
C ASP A 833 94.78 -12.27 -40.23
N ILE A 834 95.13 -11.01 -40.02
CA ILE A 834 96.34 -10.45 -40.64
C ILE A 834 97.58 -11.19 -40.15
N ALA A 835 97.65 -11.41 -38.83
CA ALA A 835 98.80 -12.10 -38.26
C ALA A 835 98.87 -13.56 -38.68
N SER A 836 97.74 -14.17 -39.03
CA SER A 836 97.75 -15.57 -39.44
C SER A 836 98.57 -15.78 -40.69
N ASN A 837 98.33 -14.97 -41.72
CA ASN A 837 99.04 -15.11 -42.98
C ASN A 837 98.97 -13.80 -43.74
N GLU A 838 99.83 -13.68 -44.76
CA GLU A 838 99.96 -12.46 -45.55
C GLU A 838 99.15 -12.58 -46.82
N ILE A 839 98.36 -11.54 -47.12
CA ILE A 839 97.58 -11.51 -48.35
C ILE A 839 98.55 -11.42 -49.52
N VAL A 840 98.64 -12.47 -50.32
CA VAL A 840 99.62 -12.58 -51.39
C VAL A 840 98.89 -12.75 -52.72
N LEU A 841 99.51 -12.26 -53.79
CA LEU A 841 98.97 -12.38 -55.13
C LEU A 841 99.09 -13.83 -55.62
N HIS A 921 121.69 11.42 -42.92
CA HIS A 921 122.77 11.19 -41.96
C HIS A 921 123.18 12.48 -41.25
N VAL A 922 122.73 13.61 -41.80
CA VAL A 922 122.97 14.91 -41.20
C VAL A 922 122.09 15.15 -39.98
N GLY A 923 121.23 14.20 -39.64
CA GLY A 923 120.26 14.34 -38.57
C GLY A 923 120.85 14.75 -37.22
N PRO A 924 121.89 14.05 -36.77
CA PRO A 924 122.56 14.52 -35.54
C PRO A 924 123.08 15.94 -35.66
N MET A 925 123.65 16.30 -36.82
CA MET A 925 124.10 17.66 -37.06
C MET A 925 122.94 18.61 -37.39
N PHE A 926 121.78 18.06 -37.75
CA PHE A 926 120.57 18.86 -37.85
C PHE A 926 120.24 19.52 -36.51
N ASP A 927 120.19 18.72 -35.45
CA ASP A 927 119.78 19.20 -34.14
C ASP A 927 120.95 19.59 -33.24
N ALA A 928 122.18 19.36 -33.67
CA ALA A 928 123.31 19.66 -32.80
C ALA A 928 123.62 21.15 -32.77
N THR A 929 123.57 21.82 -33.92
CA THR A 929 124.21 23.12 -34.02
C THR A 929 123.41 24.11 -34.88
N TRP A 930 122.09 24.00 -34.92
CA TRP A 930 121.33 24.88 -35.80
C TRP A 930 120.40 25.81 -35.04
N MET A 931 119.50 25.29 -34.20
CA MET A 931 118.32 26.01 -33.76
C MET A 931 118.67 27.39 -33.21
N SER A 932 119.48 27.41 -32.16
CA SER A 932 119.89 28.65 -31.51
C SER A 932 121.31 29.04 -31.88
N PHE A 933 121.85 28.49 -32.97
CA PHE A 933 123.19 28.85 -33.41
C PHE A 933 123.22 29.54 -34.76
N PHE A 934 122.69 28.91 -35.81
CA PHE A 934 122.83 29.49 -37.14
C PHE A 934 121.99 30.75 -37.29
N SER A 935 120.80 30.76 -36.69
CA SER A 935 119.97 31.96 -36.73
C SER A 935 120.69 33.14 -36.10
N THR A 936 121.51 32.88 -35.07
CA THR A 936 122.17 33.98 -34.37
C THR A 936 123.05 34.80 -35.30
N LEU A 937 123.95 34.14 -36.04
CA LEU A 937 124.79 34.91 -36.94
C LEU A 937 124.06 35.27 -38.23
N SER A 938 123.16 34.42 -38.73
CA SER A 938 122.42 34.80 -39.92
C SER A 938 121.48 35.97 -39.66
N SER A 939 121.29 36.35 -38.40
CA SER A 939 120.62 37.58 -38.06
C SER A 939 121.55 38.78 -38.25
N LEU A 940 122.64 38.59 -39.01
CA LEU A 940 123.43 39.72 -39.46
C LEU A 940 122.80 40.42 -40.65
N VAL A 941 121.71 39.88 -41.20
CA VAL A 941 121.01 40.55 -42.29
C VAL A 941 120.48 41.91 -41.87
N GLN A 942 120.37 42.16 -40.56
CA GLN A 942 120.01 43.49 -40.08
C GLN A 942 121.08 44.54 -40.38
N LYS A 943 122.29 44.12 -40.74
CA LYS A 943 123.33 45.04 -41.17
C LYS A 943 123.82 44.61 -42.54
N THR A 944 123.83 45.55 -43.49
CA THR A 944 124.20 45.24 -44.87
C THR A 944 125.65 44.79 -44.98
N ASP A 948 125.13 41.74 -52.38
CA ASP A 948 126.31 41.68 -51.51
C ASP A 948 126.23 40.52 -50.53
N VAL A 949 126.65 40.77 -49.29
CA VAL A 949 126.65 39.71 -48.28
C VAL A 949 125.23 39.26 -47.97
N ASN A 950 124.25 40.15 -48.15
CA ASN A 950 122.87 39.79 -47.88
C ASN A 950 122.40 38.68 -48.80
N LYS A 951 122.87 38.67 -50.04
CA LYS A 951 122.41 37.67 -51.00
C LYS A 951 122.77 36.26 -50.55
N LEU A 952 124.04 36.02 -50.24
CA LEU A 952 124.40 34.67 -49.81
C LEU A 952 124.02 34.39 -48.37
N CYS A 953 123.77 35.42 -47.55
CA CYS A 953 123.17 35.14 -46.25
C CYS A 953 121.75 34.61 -46.41
N LEU A 954 120.96 35.21 -47.30
CA LEU A 954 119.64 34.69 -47.60
C LEU A 954 119.73 33.30 -48.23
N GLU A 955 120.72 33.09 -49.09
CA GLU A 955 120.91 31.76 -49.67
C GLU A 955 121.27 30.74 -48.60
N GLY A 956 121.99 31.17 -47.56
CA GLY A 956 122.23 30.28 -46.43
C GLY A 956 120.95 29.96 -45.68
N MET A 957 120.10 30.97 -45.47
CA MET A 957 118.80 30.70 -44.86
C MET A 957 117.96 29.75 -45.70
N LYS A 958 118.09 29.82 -47.03
CA LYS A 958 117.35 28.91 -47.89
C LYS A 958 117.68 27.46 -47.59
N LEU A 959 118.91 27.18 -47.16
CA LEU A 959 119.33 25.82 -46.91
C LEU A 959 118.90 25.38 -45.51
N ALA A 960 117.63 25.58 -45.20
CA ALA A 960 117.03 25.07 -43.97
C ALA A 960 116.49 23.68 -44.29
N THR A 961 117.22 22.64 -43.86
CA THR A 961 116.81 21.27 -44.11
C THR A 961 115.76 20.90 -43.07
N LYS A 962 114.53 20.69 -43.53
CA LYS A 962 113.44 20.32 -42.64
C LYS A 962 113.35 18.81 -42.51
N ILE A 963 114.41 18.24 -41.96
CA ILE A 963 114.57 16.79 -41.80
C ILE A 963 114.40 16.17 -43.17
N ALA A 964 114.95 16.83 -44.19
CA ALA A 964 114.82 16.38 -45.57
C ALA A 964 115.51 15.02 -45.76
N LEU A 969 112.96 18.99 -33.61
CA LEU A 969 112.82 18.55 -34.99
C LEU A 969 112.17 19.64 -35.84
N SER A 970 111.29 20.42 -35.21
CA SER A 970 110.61 21.52 -35.87
C SER A 970 111.13 22.88 -35.46
N THR A 971 111.90 22.97 -34.38
CA THR A 971 112.45 24.25 -33.95
C THR A 971 113.32 24.92 -35.01
N PRO A 972 114.25 24.24 -35.68
CA PRO A 972 115.06 24.96 -36.69
C PRO A 972 114.22 25.49 -37.83
N ARG A 973 113.27 24.69 -38.32
CA ARG A 973 112.42 25.14 -39.41
C ARG A 973 111.58 26.33 -38.98
N GLU A 974 111.00 26.27 -37.79
CA GLU A 974 110.20 27.39 -37.31
C GLU A 974 111.04 28.65 -37.18
N ALA A 975 112.25 28.52 -36.61
CA ALA A 975 113.09 29.69 -36.42
C ALA A 975 113.51 30.31 -37.74
N PHE A 976 113.99 29.49 -38.67
CA PHE A 976 114.43 30.03 -39.95
C PHE A 976 113.28 30.60 -40.77
N ILE A 977 112.12 29.94 -40.75
CA ILE A 977 110.99 30.46 -41.51
C ILE A 977 110.48 31.77 -40.91
N SER A 978 110.44 31.85 -39.58
CA SER A 978 110.05 33.10 -38.94
C SER A 978 111.03 34.21 -39.28
N MET A 979 112.33 33.91 -39.26
CA MET A 979 113.32 34.92 -39.62
C MET A 979 113.15 35.36 -41.07
N LEU A 980 112.90 34.41 -41.98
CA LEU A 980 112.74 34.76 -43.38
C LEU A 980 111.49 35.62 -43.59
N LYS A 981 110.40 35.28 -42.90
CA LYS A 981 109.20 36.11 -42.98
C LYS A 981 109.46 37.50 -42.43
N ASN A 982 110.18 37.59 -41.30
CA ASN A 982 110.43 38.89 -40.69
C ASN A 982 111.30 39.76 -41.58
N THR A 983 112.35 39.18 -42.18
CA THR A 983 113.20 39.96 -43.07
C THR A 983 112.54 40.22 -44.42
N ALA A 984 111.52 39.44 -44.78
CA ALA A 984 110.73 39.76 -45.96
C ALA A 984 109.97 41.06 -45.76
N ASN A 985 109.43 41.27 -44.56
CA ASN A 985 108.80 42.52 -44.16
C ASN A 985 107.66 42.89 -45.10
N LEU A 986 106.82 41.90 -45.41
CA LEU A 986 105.69 42.12 -46.31
C LEU A 986 104.62 42.99 -45.66
N ASN A 987 104.38 42.80 -44.35
CA ASN A 987 103.30 43.51 -43.69
C ASN A 987 103.56 45.01 -43.55
N ASN A 988 104.76 45.48 -43.87
CA ASN A 988 105.12 46.89 -43.79
C ASN A 988 105.63 47.34 -45.15
N PRO A 989 104.73 47.52 -46.12
CA PRO A 989 105.17 47.95 -47.45
C PRO A 989 105.68 49.39 -47.46
N ARG A 990 106.10 49.86 -48.62
CA ARG A 990 106.71 51.18 -48.82
C ARG A 990 108.00 51.35 -48.02
N GLU A 991 108.49 50.27 -47.41
CA GLU A 991 109.77 50.28 -46.70
C GLU A 991 110.71 49.21 -47.22
N MET A 992 110.32 48.47 -48.26
CA MET A 992 111.13 47.37 -48.77
C MET A 992 112.33 47.90 -49.55
N GLN A 993 113.37 47.07 -49.60
CA GLN A 993 114.48 47.27 -50.52
C GLN A 993 114.69 46.00 -51.31
N ALA A 994 115.79 45.91 -52.05
CA ALA A 994 116.09 44.67 -52.76
C ALA A 994 116.24 43.49 -51.80
N LYS A 995 116.67 43.76 -50.57
CA LYS A 995 116.84 42.69 -49.59
C LYS A 995 115.51 41.99 -49.31
N ASN A 996 114.45 42.77 -49.08
CA ASN A 996 113.15 42.18 -48.79
C ASN A 996 112.62 41.38 -49.98
N VAL A 997 112.79 41.90 -51.19
CA VAL A 997 112.34 41.19 -52.37
C VAL A 997 113.08 39.87 -52.51
N GLU A 998 114.39 39.89 -52.28
CA GLU A 998 115.16 38.65 -52.36
C GLU A 998 114.71 37.65 -51.30
N ALA A 999 114.43 38.13 -50.09
CA ALA A 999 113.96 37.25 -49.04
C ALA A 999 112.62 36.61 -49.42
N LEU A 1000 111.70 37.41 -49.97
CA LEU A 1000 110.43 36.87 -50.40
C LEU A 1000 110.60 35.84 -51.51
N LYS A 1001 111.50 36.12 -52.45
CA LYS A 1001 111.78 35.16 -53.52
C LYS A 1001 112.30 33.84 -52.95
N VAL A 1002 113.23 33.93 -51.99
CA VAL A 1002 113.77 32.72 -51.38
C VAL A 1002 112.67 31.96 -50.66
N LEU A 1003 111.80 32.65 -49.93
CA LEU A 1003 110.76 31.97 -49.19
C LEU A 1003 109.78 31.27 -50.13
N LEU A 1004 109.39 31.95 -51.21
CA LEU A 1004 108.50 31.33 -52.18
C LEU A 1004 109.14 30.12 -52.83
N ASP A 1005 110.43 30.24 -53.20
CA ASP A 1005 111.11 29.10 -53.80
C ASP A 1005 111.21 27.93 -52.84
N LEU A 1006 111.49 28.21 -51.56
CA LEU A 1006 111.56 27.15 -50.56
C LEU A 1006 110.21 26.48 -50.39
N ALA A 1007 109.14 27.26 -50.42
CA ALA A 1007 107.80 26.67 -50.37
C ALA A 1007 107.55 25.78 -51.58
N GLN A 1008 107.96 26.25 -52.76
CA GLN A 1008 107.74 25.46 -53.98
C GLN A 1008 108.48 24.13 -53.93
N THR A 1009 109.75 24.15 -53.52
CA THR A 1009 110.61 22.98 -53.64
C THR A 1009 110.59 22.07 -52.43
N GLU A 1010 109.89 22.44 -51.36
CA GLU A 1010 109.91 21.63 -50.14
C GLU A 1010 108.51 21.51 -49.54
N GLY A 1011 107.48 21.47 -50.37
CA GLY A 1011 106.12 21.56 -49.87
C GLY A 1011 105.78 20.49 -48.85
N ASN A 1012 106.26 19.26 -49.08
CA ASN A 1012 105.87 18.14 -48.24
C ASN A 1012 106.46 18.23 -46.83
N TYR A 1013 107.38 19.16 -46.57
CA TYR A 1013 108.12 19.13 -45.32
C TYR A 1013 107.95 20.36 -44.44
N LEU A 1014 107.27 21.41 -44.89
CA LEU A 1014 107.10 22.57 -44.01
C LEU A 1014 106.16 22.27 -42.85
N LYS A 1015 105.23 21.34 -43.03
CA LYS A 1015 104.32 20.89 -41.96
C LYS A 1015 103.59 22.12 -41.43
N GLU A 1016 103.60 22.38 -40.12
CA GLU A 1016 102.85 23.49 -39.55
C GLU A 1016 103.41 24.85 -39.95
N SER A 1017 104.60 24.89 -40.54
CA SER A 1017 105.22 26.16 -40.91
C SER A 1017 104.58 26.80 -42.13
N TRP A 1018 103.65 26.11 -42.80
CA TRP A 1018 102.99 26.68 -43.96
C TRP A 1018 102.25 27.97 -43.64
N LYS A 1019 101.91 28.19 -42.38
CA LYS A 1019 101.14 29.38 -42.01
C LYS A 1019 101.91 30.65 -42.33
N ASP A 1020 103.21 30.67 -42.05
CA ASP A 1020 103.99 31.87 -42.32
C ASP A 1020 104.15 32.11 -43.81
N VAL A 1021 104.33 31.04 -44.59
CA VAL A 1021 104.43 31.18 -46.04
C VAL A 1021 103.12 31.74 -46.60
N LEU A 1022 101.99 31.22 -46.12
CA LEU A 1022 100.70 31.71 -46.60
C LEU A 1022 100.45 33.15 -46.16
N LEU A 1023 100.90 33.52 -44.96
CA LEU A 1023 100.80 34.91 -44.55
C LEU A 1023 101.60 35.80 -45.48
N CYS A 1024 102.80 35.38 -45.85
CA CYS A 1024 103.60 36.15 -46.80
C CYS A 1024 102.89 36.27 -48.13
N ILE A 1025 102.32 35.17 -48.62
CA ILE A 1025 101.63 35.21 -49.91
C ILE A 1025 100.44 36.16 -49.85
N SER A 1026 99.65 36.07 -48.78
CA SER A 1026 98.47 36.91 -48.66
C SER A 1026 98.85 38.39 -48.57
N GLN A 1027 99.86 38.71 -47.77
CA GLN A 1027 100.28 40.10 -47.65
C GLN A 1027 100.88 40.61 -48.95
N LEU A 1028 101.56 39.74 -49.70
CA LEU A 1028 102.07 40.12 -51.01
C LEU A 1028 100.92 40.40 -51.97
N ASP A 1029 99.82 39.66 -51.84
CA ASP A 1029 98.66 39.91 -52.69
C ASP A 1029 98.11 41.31 -52.47
N ARG A 1030 98.28 41.87 -51.28
CA ARG A 1030 97.89 43.25 -51.04
C ARG A 1030 98.81 44.25 -51.75
N LEU A 1031 99.91 43.77 -52.33
CA LEU A 1031 100.88 44.60 -53.05
C LEU A 1031 101.51 45.62 -52.12
N SER A 1093 105.33 41.81 -60.88
CA SER A 1093 106.53 41.04 -61.16
C SER A 1093 106.17 39.69 -61.80
N ASP A 1094 106.78 39.39 -62.94
CA ASP A 1094 106.42 38.18 -63.67
C ASP A 1094 106.81 36.93 -62.88
N GLU A 1095 108.05 36.86 -62.42
CA GLU A 1095 108.52 35.65 -61.75
C GLU A 1095 107.81 35.44 -60.42
N VAL A 1096 107.57 36.51 -59.67
CA VAL A 1096 106.93 36.38 -58.38
C VAL A 1096 105.50 35.86 -58.53
N ILE A 1097 104.75 36.43 -59.48
CA ILE A 1097 103.38 35.98 -59.69
C ILE A 1097 103.37 34.56 -60.22
N LYS A 1098 104.32 34.21 -61.09
CA LYS A 1098 104.40 32.83 -61.57
C LYS A 1098 104.66 31.87 -60.42
N SER A 1099 105.54 32.24 -59.50
CA SER A 1099 105.85 31.37 -58.38
C SER A 1099 104.66 31.24 -57.43
N VAL A 1100 103.98 32.35 -57.15
CA VAL A 1100 102.86 32.26 -56.23
C VAL A 1100 101.72 31.46 -56.85
N ASP A 1101 101.58 31.52 -58.18
CA ASP A 1101 100.57 30.68 -58.84
C ASP A 1101 100.98 29.21 -58.80
N ARG A 1102 102.27 28.93 -59.05
CA ARG A 1102 102.72 27.54 -59.04
C ARG A 1102 102.64 26.92 -57.67
N ILE A 1103 102.74 27.73 -56.61
CA ILE A 1103 102.62 27.19 -55.25
C ILE A 1103 101.27 26.50 -55.08
N PHE A 1104 100.20 27.16 -55.52
CA PHE A 1104 98.88 26.56 -55.43
C PHE A 1104 98.64 25.52 -56.50
N THR A 1105 99.19 25.70 -57.70
CA THR A 1105 99.02 24.71 -58.75
C THR A 1105 99.68 23.39 -58.40
N ASN A 1106 100.72 23.43 -57.55
CA ASN A 1106 101.42 22.22 -57.12
C ASN A 1106 100.73 21.52 -55.96
N THR A 1107 99.61 22.05 -55.46
CA THR A 1107 98.96 21.45 -54.31
C THR A 1107 98.53 20.02 -54.57
N ALA A 1108 98.15 19.69 -55.80
CA ALA A 1108 97.68 18.35 -56.12
C ALA A 1108 98.76 17.30 -55.92
N ASN A 1109 100.03 17.69 -55.89
CA ASN A 1109 101.13 16.74 -55.76
C ASN A 1109 101.59 16.56 -54.31
N LEU A 1110 100.97 17.23 -53.35
CA LEU A 1110 101.38 17.11 -51.97
C LEU A 1110 100.88 15.80 -51.37
N SER A 1111 101.58 15.35 -50.33
CA SER A 1111 101.15 14.17 -49.59
C SER A 1111 100.04 14.54 -48.62
N ARG A 1112 99.41 13.52 -48.05
CA ARG A 1112 98.24 13.74 -47.20
C ARG A 1112 98.59 14.57 -45.98
N ASP A 1113 99.60 14.15 -45.22
CA ASP A 1113 99.97 14.87 -44.02
C ASP A 1113 100.49 16.27 -44.31
N ALA A 1114 100.89 16.54 -45.55
CA ALA A 1114 101.32 17.88 -45.95
C ALA A 1114 100.15 18.71 -46.45
N ILE A 1115 99.27 18.12 -47.25
CA ILE A 1115 98.13 18.88 -47.76
C ILE A 1115 97.17 19.23 -46.64
N ILE A 1116 97.08 18.40 -45.61
CA ILE A 1116 96.25 18.75 -44.46
C ILE A 1116 96.78 20.00 -43.78
N HIS A 1117 98.10 20.07 -43.58
CA HIS A 1117 98.70 21.26 -42.99
C HIS A 1117 98.54 22.48 -43.88
N PHE A 1118 98.68 22.28 -45.21
CA PHE A 1118 98.46 23.39 -46.13
C PHE A 1118 97.03 23.90 -46.01
N ALA A 1119 96.06 23.00 -45.96
CA ALA A 1119 94.66 23.39 -45.83
C ALA A 1119 94.42 24.13 -44.53
N ARG A 1120 94.98 23.63 -43.42
CA ARG A 1120 94.78 24.30 -42.14
C ARG A 1120 95.41 25.68 -42.13
N ALA A 1121 96.60 25.83 -42.71
CA ALA A 1121 97.25 27.13 -42.77
C ALA A 1121 96.44 28.10 -43.60
N LEU A 1122 95.95 27.66 -44.76
CA LEU A 1122 95.14 28.55 -45.58
C LEU A 1122 93.84 28.90 -44.87
N THR A 1123 93.24 27.95 -44.15
CA THR A 1123 92.04 28.24 -43.37
C THR A 1123 92.32 29.31 -42.33
N GLU A 1124 93.41 29.17 -41.59
CA GLU A 1124 93.72 30.14 -40.54
C GLU A 1124 93.96 31.53 -41.11
N VAL A 1125 94.75 31.62 -42.19
CA VAL A 1125 95.04 32.93 -42.75
C VAL A 1125 93.78 33.52 -43.37
N SER A 1126 92.91 32.69 -43.95
CA SER A 1126 91.66 33.19 -44.51
C SER A 1126 90.76 33.74 -43.42
N TRP A 1127 90.68 33.05 -42.29
CA TRP A 1127 89.88 33.56 -41.19
C TRP A 1127 90.46 34.86 -40.65
N ASP A 1128 91.79 34.96 -40.58
CA ASP A 1128 92.42 36.20 -40.15
C ASP A 1128 92.08 37.33 -41.11
N GLU A 1129 92.09 37.06 -42.40
CA GLU A 1129 91.73 38.09 -43.39
C GLU A 1129 90.27 38.49 -43.26
N ILE A 1130 89.38 37.53 -43.07
CA ILE A 1130 87.95 37.83 -43.02
C ILE A 1130 87.60 38.62 -41.77
N LYS A 1131 88.23 38.29 -40.63
CA LYS A 1131 87.87 38.92 -39.38
C LYS A 1131 88.11 40.42 -39.42
N VAL A 1132 89.24 40.85 -39.98
CA VAL A 1132 89.54 42.27 -40.08
C VAL A 1132 88.61 42.95 -41.07
N PRO A 1139 88.54 43.93 -45.67
CA PRO A 1139 87.97 42.58 -45.66
C PRO A 1139 88.13 41.87 -46.99
N ARG A 1140 89.34 41.43 -47.30
CA ARG A 1140 89.62 40.78 -48.57
C ARG A 1140 89.23 39.30 -48.52
N THR A 1141 89.06 38.72 -49.71
CA THR A 1141 88.70 37.31 -49.86
C THR A 1141 89.66 36.60 -50.81
N TYR A 1142 90.88 37.12 -50.96
CA TYR A 1142 91.85 36.47 -51.82
C TYR A 1142 92.16 35.06 -51.33
N SER A 1143 92.33 34.90 -50.03
CA SER A 1143 92.57 33.58 -49.45
C SER A 1143 91.42 32.63 -49.73
N LEU A 1144 90.18 33.13 -49.65
CA LEU A 1144 89.03 32.29 -49.99
C LEU A 1144 89.07 31.87 -51.45
N GLN A 1145 89.44 32.78 -52.34
CA GLN A 1145 89.59 32.42 -53.74
C GLN A 1145 90.63 31.33 -53.92
N LYS A 1146 91.74 31.42 -53.18
CA LYS A 1146 92.75 30.37 -53.28
C LYS A 1146 92.26 29.05 -52.71
N ILE A 1147 91.44 29.09 -51.65
CA ILE A 1147 90.85 27.85 -51.15
C ILE A 1147 89.98 27.21 -52.22
N VAL A 1148 89.20 28.03 -52.92
CA VAL A 1148 88.35 27.51 -53.99
C VAL A 1148 89.22 26.91 -55.11
N GLU A 1149 90.30 27.59 -55.47
CA GLU A 1149 91.18 27.06 -56.52
C GLU A 1149 91.80 25.73 -56.10
N ILE A 1150 92.24 25.62 -54.84
CA ILE A 1150 92.77 24.35 -54.36
C ILE A 1150 91.71 23.26 -54.40
N SER A 1151 90.48 23.60 -54.00
CA SER A 1151 89.41 22.61 -54.06
C SER A 1151 89.19 22.13 -55.48
N TYR A 1152 89.28 23.06 -56.45
CA TYR A 1152 89.20 22.65 -57.86
C TYR A 1152 90.34 21.72 -58.23
N TYR A 1153 91.55 22.03 -57.76
CA TYR A 1153 92.71 21.24 -58.12
C TYR A 1153 92.73 19.87 -57.44
N ASN A 1154 91.97 19.68 -56.36
CA ASN A 1154 92.00 18.45 -55.60
C ASN A 1154 90.76 17.59 -55.83
N MET A 1155 89.95 17.89 -56.83
CA MET A 1155 88.83 17.03 -57.17
C MET A 1155 89.31 15.63 -57.54
N THR A 1156 90.42 15.54 -58.25
CA THR A 1156 90.95 14.28 -58.73
C THR A 1156 91.74 13.52 -57.66
N ARG A 1157 91.91 14.09 -56.47
CA ARG A 1157 92.72 13.46 -55.44
C ARG A 1157 92.06 12.16 -54.97
N VAL A 1158 92.88 11.31 -54.33
CA VAL A 1158 92.37 10.09 -53.73
C VAL A 1158 91.24 10.44 -52.77
N ARG A 1159 90.18 9.62 -52.78
CA ARG A 1159 88.92 10.05 -52.21
C ARG A 1159 89.00 10.26 -50.70
N PHE A 1160 89.67 9.35 -49.98
CA PHE A 1160 89.72 9.50 -48.53
C PHE A 1160 90.60 10.67 -48.12
N GLU A 1161 91.69 10.90 -48.85
CA GLU A 1161 92.49 12.10 -48.61
C GLU A 1161 91.67 13.35 -48.88
N TRP A 1162 90.83 13.31 -49.93
CA TRP A 1162 89.97 14.45 -50.20
C TRP A 1162 88.98 14.67 -49.08
N SER A 1163 88.43 13.59 -48.52
CA SER A 1163 87.51 13.73 -47.40
C SER A 1163 88.20 14.34 -46.19
N HIS A 1164 89.44 13.92 -45.93
CA HIS A 1164 90.19 14.52 -44.83
C HIS A 1164 90.45 16.00 -45.08
N ILE A 1165 90.74 16.37 -46.32
CA ILE A 1165 90.93 17.78 -46.66
C ILE A 1165 89.64 18.57 -46.43
N TRP A 1166 88.52 18.01 -46.87
CA TRP A 1166 87.25 18.69 -46.67
C TRP A 1166 86.89 18.77 -45.21
N ASP A 1167 87.41 17.87 -44.37
CA ASP A 1167 87.12 17.95 -42.94
C ASP A 1167 87.55 19.27 -42.33
N VAL A 1168 88.48 19.99 -42.97
CA VAL A 1168 88.84 21.32 -42.53
C VAL A 1168 88.36 22.41 -43.48
N LEU A 1169 88.34 22.15 -44.79
CA LEU A 1169 87.83 23.16 -45.71
C LEU A 1169 86.36 23.46 -45.47
N GLY A 1170 85.54 22.42 -45.27
CA GLY A 1170 84.15 22.64 -44.94
C GLY A 1170 83.97 23.34 -43.61
N GLU A 1171 84.84 23.05 -42.65
CA GLU A 1171 84.78 23.77 -41.38
C GLU A 1171 85.01 25.26 -41.59
N HIS A 1172 86.02 25.61 -42.41
CA HIS A 1172 86.25 27.01 -42.71
C HIS A 1172 85.07 27.62 -43.45
N PHE A 1173 84.45 26.84 -44.34
CA PHE A 1173 83.31 27.37 -45.08
C PHE A 1173 82.11 27.61 -44.16
N ASN A 1174 81.92 26.73 -43.17
CA ASN A 1174 80.90 26.99 -42.15
C ASN A 1174 81.22 28.26 -41.39
N ARG A 1175 82.49 28.44 -41.01
CA ARG A 1175 82.86 29.67 -40.30
C ARG A 1175 82.57 30.90 -41.14
N VAL A 1176 82.83 30.82 -42.45
CA VAL A 1176 82.61 31.98 -43.33
C VAL A 1176 81.12 32.23 -43.52
N GLY A 1177 80.32 31.16 -43.64
CA GLY A 1177 78.89 31.33 -43.84
C GLY A 1177 78.22 32.03 -42.67
N CYS A 1178 78.65 31.72 -41.45
CA CYS A 1178 78.08 32.35 -40.27
C CYS A 1178 78.59 33.76 -40.05
N HIS A 1179 79.49 34.26 -40.89
CA HIS A 1179 80.00 35.62 -40.75
C HIS A 1179 78.89 36.63 -40.99
N ALA A 1180 79.06 37.81 -40.40
CA ALA A 1180 78.05 38.86 -40.43
C ALA A 1180 78.12 39.74 -41.67
N ASN A 1181 79.07 39.49 -42.56
CA ASN A 1181 79.19 40.28 -43.79
C ASN A 1181 78.39 39.58 -44.89
N THR A 1182 77.36 40.27 -45.38
CA THR A 1182 76.49 39.68 -46.39
C THR A 1182 77.25 39.37 -47.68
N ALA A 1183 78.09 40.31 -48.13
CA ALA A 1183 78.78 40.13 -49.41
C ALA A 1183 79.73 38.93 -49.36
N ILE A 1184 80.46 38.78 -48.26
CA ILE A 1184 81.42 37.67 -48.17
C ILE A 1184 80.68 36.34 -48.13
N VAL A 1185 79.58 36.27 -47.37
CA VAL A 1185 78.81 35.03 -47.31
C VAL A 1185 78.23 34.70 -48.67
N PHE A 1186 77.73 35.71 -49.39
CA PHE A 1186 77.19 35.48 -50.72
C PHE A 1186 78.27 34.98 -51.66
N PHE A 1187 79.47 35.56 -51.61
CA PHE A 1187 80.54 35.09 -52.46
C PHE A 1187 80.93 33.66 -52.12
N ALA A 1188 81.03 33.35 -50.82
CA ALA A 1188 81.39 32.00 -50.41
C ALA A 1188 80.37 30.99 -50.88
N LEU A 1189 79.08 31.32 -50.77
CA LEU A 1189 78.04 30.38 -51.17
C LEU A 1189 77.96 30.23 -52.68
N ASP A 1190 78.14 31.33 -53.42
CA ASP A 1190 78.16 31.24 -54.88
C ASP A 1190 79.33 30.37 -55.34
N SER A 1191 80.50 30.57 -54.73
CA SER A 1191 81.66 29.77 -55.12
C SER A 1191 81.51 28.33 -54.69
N LEU A 1192 80.85 28.08 -53.56
CA LEU A 1192 80.57 26.71 -53.17
C LEU A 1192 79.57 26.05 -54.12
N ARG A 1193 78.62 26.81 -54.65
CA ARG A 1193 77.73 26.28 -55.67
C ARG A 1193 78.50 25.88 -56.92
N GLN A 1194 79.39 26.75 -57.39
CA GLN A 1194 80.19 26.41 -58.56
C GLN A 1194 81.06 25.19 -58.30
N LEU A 1195 81.69 25.15 -57.12
CA LEU A 1195 82.54 24.02 -56.76
C LEU A 1195 81.72 22.74 -56.65
N SER A 1196 80.47 22.84 -56.19
CA SER A 1196 79.62 21.66 -56.10
C SER A 1196 79.23 21.16 -57.49
N MET A 1197 78.91 22.06 -58.41
CA MET A 1197 78.66 21.62 -59.77
C MET A 1197 79.88 20.93 -60.37
N ARG A 1198 81.07 21.43 -60.05
CA ARG A 1198 82.27 20.71 -60.49
C ARG A 1198 82.37 19.35 -59.81
N PHE A 1199 82.04 19.28 -58.52
CA PHE A 1199 82.21 18.06 -57.75
C PHE A 1199 81.30 16.94 -58.24
N MET A 1200 80.05 17.27 -58.58
CA MET A 1200 79.06 16.23 -58.82
C MET A 1200 79.45 15.27 -59.94
N GLU A 1201 80.30 15.71 -60.87
CA GLU A 1201 80.72 14.83 -61.96
C GLU A 1201 81.74 13.79 -61.52
N ILE A 1202 82.00 13.66 -60.22
CA ILE A 1202 83.01 12.71 -59.74
C ILE A 1202 82.57 11.27 -59.86
N GLU A 1203 81.32 11.02 -60.24
CA GLU A 1203 80.79 9.66 -60.40
C GLU A 1203 80.91 8.89 -59.10
N GLU A 1204 80.16 9.35 -58.10
CA GLU A 1204 80.15 8.67 -56.81
C GLU A 1204 79.29 7.42 -56.90
N LEU A 1205 79.85 6.30 -56.44
CA LEU A 1205 79.10 5.05 -56.42
C LEU A 1205 77.95 5.14 -55.43
N ALA A 1206 76.87 4.44 -55.76
CA ALA A 1206 75.72 4.40 -54.86
C ALA A 1206 76.09 3.70 -53.56
N GLY A 1207 75.59 4.23 -52.45
CA GLY A 1207 75.88 3.70 -51.14
C GLY A 1207 76.93 4.48 -50.35
N PHE A 1208 77.68 5.35 -51.01
CA PHE A 1208 78.70 6.15 -50.35
C PHE A 1208 78.07 7.38 -49.71
N LYS A 1209 78.90 8.26 -49.15
CA LYS A 1209 78.39 9.46 -48.51
C LYS A 1209 79.27 10.69 -48.79
N PHE A 1210 80.04 10.68 -49.87
CA PHE A 1210 80.99 11.77 -50.11
C PHE A 1210 80.28 13.06 -50.47
N GLN A 1211 79.31 12.99 -51.39
CA GLN A 1211 78.57 14.20 -51.75
C GLN A 1211 77.75 14.70 -50.57
N LYS A 1212 77.21 13.79 -49.77
CA LYS A 1212 76.45 14.18 -48.59
C LYS A 1212 77.32 14.97 -47.62
N ASP A 1213 78.56 14.53 -47.39
CA ASP A 1213 79.45 15.27 -46.51
C ASP A 1213 79.95 16.55 -47.17
N PHE A 1214 80.13 16.55 -48.49
CA PHE A 1214 80.62 17.74 -49.17
C PHE A 1214 79.60 18.87 -49.15
N LEU A 1215 78.31 18.52 -49.23
CA LEU A 1215 77.28 19.55 -49.19
C LEU A 1215 76.89 19.96 -47.78
N LYS A 1216 77.56 19.42 -46.76
CA LYS A 1216 77.26 19.77 -45.38
C LYS A 1216 77.33 21.26 -45.09
N PRO A 1217 78.29 22.04 -45.62
CA PRO A 1217 78.32 23.48 -45.29
C PRO A 1217 77.02 24.20 -45.58
N PHE A 1218 76.28 23.81 -46.62
CA PHE A 1218 74.99 24.44 -46.87
C PHE A 1218 74.04 24.19 -45.71
N GLU A 1219 73.98 22.95 -45.21
CA GLU A 1219 73.13 22.66 -44.06
C GLU A 1219 73.58 23.42 -42.83
N HIS A 1220 74.90 23.52 -42.62
CA HIS A 1220 75.41 24.26 -41.48
C HIS A 1220 75.03 25.74 -41.56
N VAL A 1221 75.14 26.33 -42.75
CA VAL A 1221 74.75 27.73 -42.92
C VAL A 1221 73.26 27.91 -42.69
N MET A 1222 72.45 26.98 -43.22
CA MET A 1222 71.01 27.07 -43.01
C MET A 1222 70.64 27.00 -41.54
N SER A 1223 71.28 26.10 -40.80
CA SER A 1223 70.94 25.89 -39.40
C SER A 1223 71.70 26.80 -38.45
N ASN A 1224 72.61 27.64 -38.94
CA ASN A 1224 73.43 28.45 -38.04
C ASN A 1224 73.54 29.90 -38.49
N SER A 1225 72.69 30.35 -39.39
CA SER A 1225 72.71 31.74 -39.84
C SER A 1225 71.38 32.41 -39.54
N SER A 1226 71.45 33.64 -39.06
CA SER A 1226 70.26 34.45 -38.78
C SER A 1226 70.20 35.55 -39.83
N ASN A 1227 69.64 35.20 -40.99
CA ASN A 1227 69.46 36.14 -42.09
C ASN A 1227 68.52 35.54 -43.12
N VAL A 1228 67.46 36.27 -43.47
CA VAL A 1228 66.53 35.77 -44.48
C VAL A 1228 67.21 35.68 -45.83
N THR A 1229 67.99 36.70 -46.20
CA THR A 1229 68.59 36.72 -47.52
C THR A 1229 69.69 35.68 -47.68
N VAL A 1230 70.41 35.37 -46.59
CA VAL A 1230 71.44 34.33 -46.68
C VAL A 1230 70.80 32.96 -46.94
N LYS A 1231 69.74 32.66 -46.19
CA LYS A 1231 69.03 31.40 -46.42
C LYS A 1231 68.43 31.36 -47.82
N ASP A 1232 67.91 32.49 -48.28
CA ASP A 1232 67.38 32.55 -49.64
C ASP A 1232 68.47 32.27 -50.67
N MET A 1233 69.67 32.82 -50.45
CA MET A 1233 70.77 32.57 -51.37
C MET A 1233 71.17 31.10 -51.36
N VAL A 1234 71.20 30.48 -50.18
CA VAL A 1234 71.55 29.07 -50.10
C VAL A 1234 70.52 28.24 -50.86
N LEU A 1235 69.23 28.55 -50.65
CA LEU A 1235 68.19 27.84 -51.39
C LEU A 1235 68.33 28.06 -52.89
N ARG A 1236 68.62 29.29 -53.30
CA ARG A 1236 68.73 29.58 -54.73
C ARG A 1236 69.89 28.80 -55.36
N CYS A 1237 71.03 28.74 -54.66
CA CYS A 1237 72.15 28.00 -55.22
C CYS A 1237 71.86 26.50 -55.25
N LEU A 1238 71.19 25.98 -54.21
CA LEU A 1238 70.84 24.56 -54.20
C LEU A 1238 69.88 24.23 -55.34
N ILE A 1239 68.93 25.13 -55.61
CA ILE A 1239 67.98 24.86 -56.69
C ILE A 1239 68.63 25.03 -58.05
N GLN A 1240 69.60 25.94 -58.18
CA GLN A 1240 70.37 26.01 -59.41
C GLN A 1240 71.15 24.72 -59.62
N MET A 1241 71.67 24.14 -58.54
CA MET A 1241 72.29 22.83 -58.62
C MET A 1241 71.31 21.78 -59.13
N ILE A 1242 70.09 21.78 -58.58
CA ILE A 1242 69.05 20.86 -59.04
C ILE A 1242 68.81 21.01 -60.53
N GLN A 1243 68.63 22.25 -60.99
CA GLN A 1243 68.28 22.48 -62.38
C GLN A 1243 69.43 22.10 -63.31
N ALA A 1244 70.66 22.37 -62.90
CA ALA A 1244 71.81 22.17 -63.79
C ALA A 1244 72.31 20.73 -63.78
N ARG A 1245 72.72 20.23 -62.62
CA ARG A 1245 73.34 18.91 -62.53
C ARG A 1245 72.55 17.98 -61.63
N GLY A 1246 71.23 17.97 -61.79
CA GLY A 1246 70.40 17.09 -60.98
C GLY A 1246 70.62 15.63 -61.27
N GLU A 1247 70.86 15.30 -62.54
CA GLU A 1247 70.96 13.91 -62.95
C GLU A 1247 72.15 13.19 -62.31
N ASN A 1248 73.20 13.93 -61.97
CA ASN A 1248 74.40 13.34 -61.40
C ASN A 1248 74.39 13.32 -59.88
N ILE A 1249 73.32 13.80 -59.24
CA ILE A 1249 73.26 13.87 -57.79
C ILE A 1249 73.05 12.45 -57.28
N ARG A 1250 74.12 11.80 -56.83
CA ARG A 1250 74.07 10.46 -56.28
C ARG A 1250 74.63 10.47 -54.88
N SER A 1251 73.88 9.91 -53.93
CA SER A 1251 74.28 9.82 -52.54
C SER A 1251 74.41 11.18 -51.88
N GLY A 1252 74.11 12.24 -52.61
CA GLY A 1252 74.14 13.59 -52.10
C GLY A 1252 72.78 14.18 -51.78
N TRP A 1253 71.73 13.36 -51.76
CA TRP A 1253 70.40 13.89 -51.48
C TRP A 1253 70.11 14.00 -49.99
N ARG A 1254 70.88 13.31 -49.15
CA ARG A 1254 70.59 13.31 -47.71
C ARG A 1254 70.68 14.71 -47.12
N THR A 1255 71.88 15.29 -47.12
CA THR A 1255 72.02 16.64 -46.60
C THR A 1255 71.29 17.65 -47.47
N MET A 1256 71.02 17.30 -48.72
CA MET A 1256 70.43 18.30 -49.60
C MET A 1256 68.91 18.37 -49.46
N PHE A 1257 68.29 17.36 -48.84
CA PHE A 1257 66.98 17.55 -48.24
C PHE A 1257 67.07 18.00 -46.78
N GLY A 1258 68.20 17.73 -46.12
CA GLY A 1258 68.39 18.28 -44.80
C GLY A 1258 68.35 19.80 -44.81
N VAL A 1259 68.88 20.40 -45.87
CA VAL A 1259 68.80 21.85 -46.02
C VAL A 1259 67.34 22.29 -46.13
N PHE A 1260 66.56 21.58 -46.94
CA PHE A 1260 65.16 21.94 -47.11
C PHE A 1260 64.39 21.81 -45.79
N THR A 1261 64.57 20.69 -45.11
CA THR A 1261 63.84 20.47 -43.85
C THR A 1261 64.33 21.38 -42.74
N VAL A 1262 65.55 21.90 -42.84
CA VAL A 1262 65.96 22.93 -41.88
C VAL A 1262 65.42 24.29 -42.30
N ALA A 1263 65.24 24.50 -43.60
CA ALA A 1263 64.61 25.71 -44.11
C ALA A 1263 63.09 25.68 -43.98
N ALA A 1264 62.55 24.75 -43.20
CA ALA A 1264 61.12 24.66 -42.93
C ALA A 1264 60.65 25.63 -41.86
N ARG A 1265 61.48 26.62 -41.51
CA ARG A 1265 61.19 27.49 -40.37
C ARG A 1265 61.37 28.94 -40.81
N GLU A 1266 60.39 29.78 -40.47
CA GLU A 1266 60.47 31.19 -40.81
C GLU A 1266 60.72 32.03 -39.57
N SER A 1270 58.90 34.16 -49.16
CA SER A 1270 59.36 33.54 -47.92
C SER A 1270 60.25 32.34 -48.21
N ILE A 1271 61.00 31.91 -47.19
CA ILE A 1271 61.88 30.75 -47.37
C ILE A 1271 61.06 29.47 -47.51
N VAL A 1272 60.05 29.30 -46.65
CA VAL A 1272 59.33 28.03 -46.62
C VAL A 1272 58.54 27.82 -47.91
N ASN A 1273 57.98 28.89 -48.46
CA ASN A 1273 57.24 28.75 -49.72
C ASN A 1273 58.14 28.20 -50.82
N LEU A 1274 59.29 28.84 -51.02
CA LEU A 1274 60.20 28.40 -52.07
C LEU A 1274 60.71 26.99 -51.80
N ALA A 1275 61.06 26.69 -50.54
CA ALA A 1275 61.56 25.36 -50.21
C ALA A 1275 60.51 24.31 -50.50
N TYR A 1276 59.26 24.56 -50.13
CA TYR A 1276 58.21 23.58 -50.38
C TYR A 1276 57.95 23.41 -51.86
N GLU A 1277 57.97 24.52 -52.62
CA GLU A 1277 57.76 24.40 -54.06
C GLU A 1277 58.83 23.53 -54.70
N ASN A 1278 60.09 23.74 -54.30
CA ASN A 1278 61.17 22.96 -54.89
C ASN A 1278 61.12 21.50 -54.45
N VAL A 1279 60.79 21.24 -53.18
CA VAL A 1279 60.66 19.86 -52.73
C VAL A 1279 59.53 19.17 -53.49
N THR A 1280 58.42 19.87 -53.71
CA THR A 1280 57.32 19.29 -54.47
C THR A 1280 57.75 18.96 -55.89
N GLN A 1281 58.47 19.88 -56.54
CA GLN A 1281 58.94 19.61 -57.90
C GLN A 1281 59.89 18.41 -57.94
N VAL A 1282 60.81 18.34 -56.98
CA VAL A 1282 61.76 17.23 -56.93
C VAL A 1282 61.03 15.92 -56.72
N TYR A 1283 60.07 15.90 -55.79
CA TYR A 1283 59.33 14.67 -55.51
C TYR A 1283 58.50 14.23 -56.71
N LYS A 1284 57.91 15.19 -57.42
CA LYS A 1284 57.06 14.86 -58.56
C LYS A 1284 57.83 14.76 -59.87
N THR A 1285 59.16 14.89 -59.84
CA THR A 1285 59.95 14.71 -61.05
C THR A 1285 61.05 13.67 -60.94
N ARG A 1286 61.57 13.40 -59.74
CA ARG A 1286 62.72 12.51 -59.58
C ARG A 1286 62.52 11.56 -58.42
N PHE A 1287 61.29 11.06 -58.24
CA PHE A 1287 61.03 10.20 -57.09
C PHE A 1287 61.81 8.89 -57.19
N GLY A 1288 61.92 8.32 -58.39
CA GLY A 1288 62.70 7.11 -58.55
C GLY A 1288 64.16 7.32 -58.17
N VAL A 1289 64.73 8.45 -58.58
CA VAL A 1289 66.10 8.78 -58.19
C VAL A 1289 66.20 8.94 -56.68
N VAL A 1290 65.23 9.63 -56.08
CA VAL A 1290 65.30 9.91 -54.64
C VAL A 1290 65.25 8.60 -53.85
N ILE A 1291 64.34 7.70 -54.22
CA ILE A 1291 64.26 6.42 -53.52
C ILE A 1291 65.46 5.53 -53.84
N SER A 1292 66.07 5.71 -55.02
CA SER A 1292 67.19 4.86 -55.41
C SER A 1292 68.38 5.05 -54.47
N GLN A 1293 68.69 6.30 -54.13
CA GLN A 1293 69.88 6.61 -53.34
C GLN A 1293 69.62 6.62 -51.84
N GLY A 1294 68.59 5.92 -51.38
CA GLY A 1294 68.30 5.86 -49.96
C GLY A 1294 67.94 7.20 -49.36
N ALA A 1295 67.32 8.08 -50.14
CA ALA A 1295 66.90 9.39 -49.67
C ALA A 1295 65.41 9.43 -49.34
N PHE A 1296 64.74 8.28 -49.32
CA PHE A 1296 63.31 8.25 -49.04
C PHE A 1296 63.01 8.77 -47.65
N THR A 1297 63.78 8.32 -46.66
CA THR A 1297 63.56 8.75 -45.29
C THR A 1297 63.72 10.26 -45.15
N ASP A 1298 64.75 10.82 -45.79
CA ASP A 1298 64.96 12.26 -45.71
C ASP A 1298 63.86 13.03 -46.42
N LEU A 1299 63.38 12.52 -47.55
CA LEU A 1299 62.27 13.18 -48.23
C LEU A 1299 61.03 13.18 -47.37
N ILE A 1300 60.73 12.05 -46.73
CA ILE A 1300 59.56 11.97 -45.86
C ILE A 1300 59.73 12.91 -44.67
N VAL A 1301 60.94 12.98 -44.11
CA VAL A 1301 61.17 13.86 -42.97
C VAL A 1301 60.98 15.32 -43.37
N CYS A 1302 61.47 15.70 -44.55
CA CYS A 1302 61.28 17.07 -45.02
C CYS A 1302 59.80 17.38 -45.21
N LEU A 1303 59.07 16.48 -45.84
CA LEU A 1303 57.65 16.73 -46.08
C LEU A 1303 56.88 16.81 -44.77
N THR A 1304 57.19 15.92 -43.83
CA THR A 1304 56.47 15.94 -42.57
C THR A 1304 56.92 17.06 -41.67
N GLU A 1305 58.10 17.64 -41.92
CA GLU A 1305 58.48 18.86 -41.21
C GLU A 1305 57.77 20.08 -41.77
N PHE A 1306 57.52 20.09 -43.08
CA PHE A 1306 56.63 21.10 -43.63
C PHE A 1306 55.22 20.96 -43.04
N SER A 1307 54.74 19.72 -42.92
CA SER A 1307 53.40 19.51 -42.36
C SER A 1307 53.35 19.91 -40.89
N LYS A 1308 54.31 19.43 -40.10
CA LYS A 1308 54.35 19.74 -38.67
C LYS A 1308 54.44 21.23 -38.41
N ASN A 1309 55.08 21.97 -39.31
CA ASN A 1309 55.12 23.41 -39.20
C ASN A 1309 53.73 24.00 -39.34
N MET A 1310 53.32 24.80 -38.35
CA MET A 1310 52.08 25.53 -38.41
C MET A 1310 52.29 26.79 -39.24
N ARG A 1311 51.32 27.71 -39.19
CA ARG A 1311 51.35 29.01 -39.88
C ARG A 1311 52.08 29.00 -41.23
N LEU A 1317 48.43 27.21 -44.72
CA LEU A 1317 48.10 26.89 -46.11
C LEU A 1317 49.11 25.93 -46.69
N GLN A 1318 50.38 26.32 -46.66
CA GLN A 1318 51.44 25.40 -47.09
C GLN A 1318 51.43 24.13 -46.26
N ALA A 1319 51.11 24.26 -44.97
CA ALA A 1319 51.00 23.09 -44.13
C ALA A 1319 49.93 22.14 -44.63
N MET A 1320 48.77 22.69 -45.02
CA MET A 1320 47.72 21.84 -45.58
C MET A 1320 48.14 21.22 -46.90
N GLU A 1321 48.83 21.99 -47.74
CA GLU A 1321 49.26 21.46 -49.03
C GLU A 1321 50.22 20.29 -48.85
N THR A 1322 51.20 20.43 -47.96
CA THR A 1322 52.10 19.31 -47.71
C THR A 1322 51.44 18.20 -46.90
N LEU A 1323 50.37 18.52 -46.17
CA LEU A 1323 49.57 17.46 -45.54
C LEU A 1323 48.94 16.58 -46.60
N LYS A 1324 48.40 17.20 -47.65
CA LYS A 1324 47.83 16.45 -48.77
C LYS A 1324 48.90 15.84 -49.65
N SER A 1325 50.13 16.35 -49.59
CA SER A 1325 51.21 15.86 -50.43
C SER A 1325 52.18 14.92 -49.71
N VAL A 1326 51.94 14.60 -48.45
CA VAL A 1326 52.84 13.70 -47.75
C VAL A 1326 52.31 12.27 -47.74
N ILE A 1327 51.12 12.05 -47.20
CA ILE A 1327 50.52 10.72 -47.16
C ILE A 1327 49.78 10.41 -48.45
N PRO A 1328 48.80 11.23 -48.88
CA PRO A 1328 47.94 10.78 -49.99
C PRO A 1328 48.66 10.58 -51.30
N THR A 1329 49.40 11.59 -51.78
CA THR A 1329 50.01 11.47 -53.09
C THR A 1329 51.28 10.61 -53.08
N MET A 1330 51.80 10.27 -51.91
CA MET A 1330 53.02 9.46 -51.89
C MET A 1330 52.68 7.98 -51.92
N LEU A 1331 51.80 7.54 -51.01
CA LEU A 1331 51.53 6.11 -50.85
C LEU A 1331 51.00 5.47 -52.12
N LYS A 1332 50.44 6.26 -53.04
CA LYS A 1332 49.98 5.69 -54.30
C LYS A 1332 51.12 5.33 -55.24
N THR A 1333 52.29 5.94 -55.06
CA THR A 1333 53.37 5.76 -56.03
C THR A 1333 54.16 4.45 -55.85
N PRO A 1334 54.51 4.01 -54.61
CA PRO A 1334 55.22 2.71 -54.55
C PRO A 1334 54.25 1.55 -54.80
N GLU A 1335 53.95 1.33 -56.07
CA GLU A 1335 52.93 0.38 -56.51
C GLU A 1335 51.60 0.65 -55.81
N SER A 1366 61.17 -1.03 -45.38
CA SER A 1366 61.16 0.22 -44.63
C SER A 1366 60.51 1.34 -45.41
N VAL A 1367 59.94 1.00 -46.58
CA VAL A 1367 59.23 1.99 -47.36
C VAL A 1367 57.92 2.37 -46.68
N GLU A 1368 57.20 1.40 -46.13
CA GLU A 1368 55.93 1.67 -45.47
C GLU A 1368 56.09 1.97 -43.99
N GLU A 1369 56.79 1.11 -43.26
CA GLU A 1369 56.98 1.36 -41.83
C GLU A 1369 57.77 2.64 -41.60
N GLY A 1370 58.84 2.84 -42.36
CA GLY A 1370 59.59 4.08 -42.31
C GLY A 1370 58.84 5.27 -42.86
N PHE A 1371 57.68 5.03 -43.48
CA PHE A 1371 56.75 6.11 -43.81
C PHE A 1371 55.85 6.45 -42.64
N TRP A 1372 55.27 5.43 -42.01
CA TRP A 1372 54.33 5.69 -40.93
C TRP A 1372 55.02 6.19 -39.68
N PHE A 1373 56.31 5.91 -39.49
CA PHE A 1373 57.01 6.44 -38.32
C PHE A 1373 56.99 7.97 -38.31
N PRO A 1374 57.52 8.68 -39.31
CA PRO A 1374 57.46 10.16 -39.23
C PRO A 1374 56.05 10.70 -39.19
N VAL A 1375 55.09 10.03 -39.82
CA VAL A 1375 53.69 10.43 -39.70
C VAL A 1375 53.29 10.47 -38.23
N LEU A 1376 53.66 9.43 -37.49
CA LEU A 1376 53.40 9.43 -36.05
C LEU A 1376 54.18 10.55 -35.36
N PHE A 1377 55.50 10.61 -35.59
CA PHE A 1377 56.34 11.52 -34.82
C PHE A 1377 56.03 12.99 -35.06
N ALA A 1378 55.35 13.32 -36.15
CA ALA A 1378 55.08 14.73 -36.41
C ALA A 1378 53.61 15.08 -36.47
N PHE A 1379 52.77 14.20 -37.04
CA PHE A 1379 51.35 14.51 -37.16
C PHE A 1379 50.71 14.69 -35.80
N HIS A 1380 50.96 13.77 -34.87
CA HIS A 1380 50.36 13.89 -33.55
C HIS A 1380 51.19 14.79 -32.63
N ASP A 1381 52.32 15.29 -33.10
CA ASP A 1381 53.13 16.22 -32.31
C ASP A 1381 53.54 17.42 -33.15
N ARG A 1392 47.48 23.48 -35.85
CA ARG A 1392 47.86 22.38 -34.97
C ARG A 1392 46.81 21.27 -34.98
N SER A 1393 45.57 21.62 -34.60
CA SER A 1393 44.52 20.62 -34.47
C SER A 1393 44.22 19.94 -35.79
N ASN A 1394 44.38 20.64 -36.91
CA ASN A 1394 44.08 20.05 -38.21
C ASN A 1394 44.98 18.85 -38.50
N ALA A 1395 46.29 19.04 -38.38
CA ALA A 1395 47.21 17.92 -38.58
C ALA A 1395 47.00 16.84 -37.52
N LEU A 1396 46.76 17.26 -36.28
CA LEU A 1396 46.51 16.30 -35.20
C LEU A 1396 45.38 15.35 -35.58
N ASN A 1397 44.24 15.89 -36.02
CA ASN A 1397 43.14 15.01 -36.39
C ASN A 1397 43.45 14.24 -37.66
N TYR A 1398 44.08 14.90 -38.65
CA TYR A 1398 44.36 14.21 -39.90
C TYR A 1398 45.22 12.97 -39.68
N PHE A 1399 46.06 12.98 -38.65
CA PHE A 1399 46.70 11.74 -38.22
C PHE A 1399 45.66 10.66 -37.92
N PHE A 1400 44.59 11.04 -37.22
CA PHE A 1400 43.60 10.04 -36.82
C PHE A 1400 42.79 9.56 -38.02
N GLU A 1401 42.36 10.47 -38.89
CA GLU A 1401 41.66 10.02 -40.09
C GLU A 1401 42.56 9.29 -41.08
N THR A 1402 43.88 9.44 -41.00
CA THR A 1402 44.74 8.63 -41.84
C THR A 1402 45.16 7.33 -41.17
N LEU A 1403 44.91 7.18 -39.87
CA LEU A 1403 45.12 5.89 -39.21
C LEU A 1403 44.35 4.77 -39.91
N LEU A 1404 43.16 5.08 -40.43
CA LEU A 1404 42.29 4.04 -40.95
C LEU A 1404 42.53 3.71 -42.42
N ARG A 1405 43.45 4.40 -43.10
CA ARG A 1405 43.62 4.18 -44.53
C ARG A 1405 44.11 2.77 -44.82
N TYR A 1406 45.04 2.26 -44.01
CA TYR A 1406 45.59 0.93 -44.30
C TYR A 1406 44.79 -0.19 -43.67
N GLY A 1407 43.83 0.12 -42.80
CA GLY A 1407 43.02 -0.88 -42.16
C GLY A 1407 42.12 -1.62 -43.12
N PHE A 1414 56.43 -7.74 -38.78
CA PHE A 1414 56.09 -6.38 -39.21
C PHE A 1414 55.08 -5.78 -38.25
N TRP A 1415 54.10 -6.57 -37.83
CA TRP A 1415 53.08 -6.06 -36.92
C TRP A 1415 53.66 -5.80 -35.53
N ASP A 1416 54.62 -6.62 -35.11
CA ASP A 1416 55.20 -6.44 -33.78
C ASP A 1416 55.96 -5.13 -33.69
N ILE A 1417 56.80 -4.83 -34.70
CA ILE A 1417 57.58 -3.59 -34.66
C ILE A 1417 56.66 -2.39 -34.83
N LEU A 1418 55.63 -2.51 -35.67
CA LEU A 1418 54.68 -1.41 -35.83
C LEU A 1418 53.92 -1.16 -34.53
N TRP A 1419 53.62 -2.22 -33.77
CA TRP A 1419 52.98 -2.04 -32.48
C TRP A 1419 53.89 -1.34 -31.48
N ARG A 1420 55.20 -1.55 -31.61
CA ARG A 1420 56.13 -0.95 -30.65
C ARG A 1420 56.01 0.57 -30.62
N GLN A 1421 55.82 1.19 -31.77
CA GLN A 1421 55.58 2.61 -31.83
C GLN A 1421 54.10 2.96 -31.70
N GLN A 1422 53.21 1.96 -31.68
CA GLN A 1422 51.79 2.24 -31.49
C GLN A 1422 51.46 2.65 -30.06
N LEU A 1423 52.33 2.33 -29.09
CA LEU A 1423 52.09 2.77 -27.72
C LEU A 1423 52.16 4.28 -27.61
N TYR A 1424 53.10 4.90 -28.32
CA TYR A 1424 53.36 6.32 -28.15
C TYR A 1424 52.15 7.21 -28.38
N PRO A 1425 51.31 6.99 -29.40
CA PRO A 1425 50.09 7.83 -29.51
C PRO A 1425 49.22 7.75 -28.28
N ILE A 1426 49.15 6.60 -27.62
CA ILE A 1426 48.32 6.47 -26.42
C ILE A 1426 49.08 6.96 -25.20
N PHE A 1427 50.21 6.34 -24.90
CA PHE A 1427 50.97 6.68 -23.69
C PHE A 1427 51.82 7.92 -23.93
N THR A 1451 42.37 14.13 -24.47
CA THR A 1451 42.29 15.08 -25.56
C THR A 1451 41.56 14.47 -26.76
N THR A 1452 42.17 14.60 -27.93
CA THR A 1452 41.59 14.07 -29.17
C THR A 1452 41.94 12.62 -29.42
N MET A 1453 42.90 12.06 -28.68
CA MET A 1453 43.34 10.67 -28.84
C MET A 1453 42.22 9.66 -28.62
N ILE A 1454 41.06 10.09 -28.15
CA ILE A 1454 39.92 9.19 -28.05
C ILE A 1454 39.54 8.65 -29.43
N GLN A 1455 39.49 9.52 -30.43
CA GLN A 1455 39.22 9.08 -31.79
C GLN A 1455 40.31 8.14 -32.28
N ALA A 1456 41.57 8.41 -31.92
CA ALA A 1456 42.66 7.52 -32.31
C ALA A 1456 42.46 6.14 -31.72
N LEU A 1457 42.05 6.06 -30.47
CA LEU A 1457 41.83 4.76 -29.83
C LEU A 1457 40.64 4.03 -30.44
N ARG A 1458 39.57 4.76 -30.74
CA ARG A 1458 38.44 4.14 -31.43
C ARG A 1458 38.88 3.58 -32.78
N ASN A 1459 39.70 4.33 -33.52
CA ASN A 1459 40.25 3.81 -34.77
C ASN A 1459 41.16 2.61 -34.55
N MET A 1460 41.91 2.62 -33.45
CA MET A 1460 42.79 1.50 -33.14
C MET A 1460 41.99 0.21 -32.96
N ILE A 1461 40.85 0.31 -32.28
CA ILE A 1461 39.99 -0.87 -32.16
C ILE A 1461 39.35 -1.21 -33.50
N THR A 1462 38.93 -0.19 -34.26
CA THR A 1462 38.39 -0.43 -35.59
C THR A 1462 39.39 -1.12 -36.51
N LEU A 1463 40.68 -1.02 -36.18
CA LEU A 1463 41.73 -1.59 -37.03
C LEU A 1463 41.60 -3.10 -37.21
N PHE A 1464 40.84 -3.77 -36.35
CA PHE A 1464 40.70 -5.23 -36.47
C PHE A 1464 40.17 -5.64 -37.83
N THR A 1465 39.43 -4.76 -38.50
CA THR A 1465 38.86 -4.96 -39.83
C THR A 1465 38.36 -6.39 -40.07
N GLU A 1472 46.10 -12.48 -35.65
CA GLU A 1472 45.38 -11.44 -34.95
C GLU A 1472 45.31 -11.73 -33.45
N TYR A 1473 45.54 -13.00 -33.11
CA TYR A 1473 45.45 -13.42 -31.70
C TYR A 1473 46.51 -12.72 -30.86
N MET A 1474 47.75 -12.64 -31.35
CA MET A 1474 48.82 -12.05 -30.56
C MET A 1474 48.57 -10.59 -30.23
N LEU A 1475 47.76 -9.90 -31.03
CA LEU A 1475 47.39 -8.52 -30.72
C LEU A 1475 46.61 -8.45 -29.41
N ASP A 1476 45.74 -9.44 -29.18
CA ASP A 1476 44.88 -9.46 -28.01
C ASP A 1476 45.66 -9.61 -26.71
N ARG A 1477 46.95 -9.98 -26.77
CA ARG A 1477 47.71 -10.06 -25.53
C ARG A 1477 47.96 -8.68 -24.94
N PHE A 1478 48.08 -7.65 -25.78
CA PHE A 1478 48.40 -6.32 -25.32
C PHE A 1478 47.33 -5.27 -25.59
N LEU A 1479 46.35 -5.55 -26.44
CA LEU A 1479 45.34 -4.53 -26.72
C LEU A 1479 44.46 -4.26 -25.49
N GLU A 1480 44.08 -5.30 -24.76
CA GLU A 1480 43.36 -5.06 -23.50
C GLU A 1480 44.24 -4.37 -22.48
N LEU A 1481 45.55 -4.64 -22.49
CA LEU A 1481 46.45 -3.91 -21.61
C LEU A 1481 46.41 -2.42 -21.91
N LEU A 1482 46.48 -2.06 -23.20
CA LEU A 1482 46.38 -0.66 -23.57
C LEU A 1482 45.01 -0.08 -23.19
N ALA A 1483 43.95 -0.86 -23.41
CA ALA A 1483 42.61 -0.38 -23.08
C ALA A 1483 42.47 -0.07 -21.60
N LEU A 1484 43.01 -0.93 -20.75
CA LEU A 1484 42.93 -0.71 -19.31
C LEU A 1484 43.97 0.28 -18.80
N CYS A 1485 44.99 0.61 -19.60
CA CYS A 1485 46.00 1.56 -19.15
C CYS A 1485 45.40 2.93 -18.88
N ILE A 1486 44.34 3.30 -19.57
CA ILE A 1486 43.83 4.67 -19.48
C ILE A 1486 43.16 4.93 -18.14
N CYS A 1487 42.48 3.94 -17.58
CA CYS A 1487 41.72 4.15 -16.34
C CYS A 1487 42.65 4.44 -15.17
N ILE A 1493 38.08 14.18 -17.80
CA ILE A 1493 39.35 13.54 -18.15
C ILE A 1493 39.29 12.07 -17.79
N ALA A 1494 39.53 11.76 -16.51
CA ALA A 1494 39.48 10.38 -16.06
C ALA A 1494 38.07 9.81 -16.21
N ARG A 1495 37.05 10.59 -15.86
CA ARG A 1495 35.68 10.09 -15.95
C ARG A 1495 35.29 9.82 -17.40
N ILE A 1496 35.53 10.80 -18.28
CA ILE A 1496 35.22 10.60 -19.69
C ILE A 1496 36.17 9.57 -20.31
N GLY A 1497 37.41 9.51 -19.84
CA GLY A 1497 38.30 8.46 -20.31
C GLY A 1497 37.77 7.08 -20.03
N SER A 1498 37.23 6.86 -18.82
CA SER A 1498 36.66 5.56 -18.49
C SER A 1498 35.33 5.34 -19.20
N ASN A 1499 34.56 6.41 -19.44
CA ASN A 1499 33.35 6.27 -20.23
C ASN A 1499 33.66 5.80 -21.64
N CYS A 1500 34.78 6.28 -22.20
CA CYS A 1500 35.25 5.73 -23.47
C CYS A 1500 35.77 4.32 -23.31
N LEU A 1501 36.43 4.03 -22.18
CA LEU A 1501 36.96 2.69 -21.93
C LEU A 1501 35.88 1.63 -22.01
N GLN A 1502 34.77 1.86 -21.30
CA GLN A 1502 33.71 0.85 -21.27
C GLN A 1502 33.15 0.61 -22.67
N GLN A 1503 32.89 1.69 -23.42
CA GLN A 1503 32.34 1.54 -24.77
C GLN A 1503 33.32 0.81 -25.67
N LEU A 1504 34.61 1.16 -25.60
CA LEU A 1504 35.57 0.57 -26.51
C LEU A 1504 35.80 -0.90 -26.19
N ILE A 1505 35.82 -1.26 -24.90
CA ILE A 1505 35.93 -2.66 -24.51
C ILE A 1505 34.72 -3.43 -25.01
N LEU A 1506 33.53 -2.85 -24.87
CA LEU A 1506 32.34 -3.51 -25.39
C LEU A 1506 32.47 -3.77 -26.88
N GLN A 1507 32.88 -2.75 -27.64
CA GLN A 1507 33.01 -2.91 -29.08
C GLN A 1507 34.05 -3.95 -29.43
N ASN A 1508 35.17 -3.97 -28.71
CA ASN A 1508 36.23 -4.93 -28.98
C ASN A 1508 35.76 -6.35 -28.73
N VAL A 1509 35.06 -6.58 -27.62
CA VAL A 1509 34.68 -7.94 -27.27
C VAL A 1509 33.46 -8.42 -28.04
N THR A 1510 32.66 -7.51 -28.60
CA THR A 1510 31.55 -7.95 -29.45
C THR A 1510 32.04 -8.56 -30.75
N LYS A 1511 33.30 -8.36 -31.11
CA LYS A 1511 33.85 -8.97 -32.32
C LYS A 1511 35.11 -9.77 -32.00
N HIS A 1516 40.43 -18.07 -26.96
CA HIS A 1516 41.22 -16.85 -26.77
C HIS A 1516 40.63 -15.99 -25.64
N TRP A 1517 39.49 -16.44 -25.10
CA TRP A 1517 38.83 -15.69 -24.04
C TRP A 1517 39.66 -15.65 -22.77
N ALA A 1518 40.63 -16.55 -22.63
CA ALA A 1518 41.45 -16.56 -21.42
C ALA A 1518 42.18 -15.24 -21.23
N LYS A 1519 42.63 -14.63 -22.34
CA LYS A 1519 43.33 -13.35 -22.23
C LYS A 1519 42.41 -12.26 -21.66
N ILE A 1520 41.19 -12.17 -22.19
CA ILE A 1520 40.24 -11.16 -21.71
C ILE A 1520 39.90 -11.40 -20.25
N VAL A 1521 39.65 -12.66 -19.89
CA VAL A 1521 39.28 -12.98 -18.51
C VAL A 1521 40.43 -12.67 -17.57
N GLY A 1522 41.66 -12.99 -17.97
CA GLY A 1522 42.81 -12.67 -17.14
C GLY A 1522 43.02 -11.18 -16.99
N ALA A 1523 42.79 -10.42 -18.07
CA ALA A 1523 42.87 -8.97 -17.97
C ALA A 1523 41.85 -8.44 -16.97
N PHE A 1524 40.61 -8.91 -17.07
CA PHE A 1524 39.58 -8.52 -16.10
C PHE A 1524 40.02 -8.85 -14.68
N CYS A 1525 40.50 -10.09 -14.48
CA CYS A 1525 40.87 -10.54 -13.15
C CYS A 1525 41.96 -9.66 -12.56
N GLU A 1526 43.00 -9.35 -13.37
CA GLU A 1526 44.11 -8.57 -12.86
C GLU A 1526 43.77 -7.09 -12.74
N LEU A 1527 42.71 -6.62 -13.40
CA LEU A 1527 42.36 -5.22 -13.26
C LEU A 1527 41.38 -4.93 -12.13
N PHE A 1528 40.57 -5.92 -11.72
CA PHE A 1528 39.67 -5.63 -10.60
C PHE A 1528 40.41 -5.26 -9.32
N GLU A 1529 41.60 -5.81 -9.09
CA GLU A 1529 42.37 -5.36 -7.92
C GLU A 1529 42.73 -3.89 -8.03
N ARG A 1530 43.12 -3.45 -9.24
CA ARG A 1530 43.41 -2.04 -9.46
C ARG A 1530 42.17 -1.18 -9.24
N THR A 1531 41.03 -1.63 -9.74
CA THR A 1531 39.81 -0.85 -9.60
C THR A 1531 39.40 -0.71 -8.14
N THR A 1532 39.52 -1.77 -7.36
CA THR A 1532 39.14 -1.75 -5.95
C THR A 1532 40.05 -0.84 -5.14
N ARG A 1651 40.59 10.19 -4.63
CA ARG A 1651 41.37 8.96 -4.76
C ARG A 1651 40.45 7.74 -4.67
N ILE A 1652 39.95 7.51 -3.46
CA ILE A 1652 39.08 6.35 -3.21
C ILE A 1652 37.79 6.48 -3.99
N ILE A 1653 37.24 7.69 -4.05
CA ILE A 1653 36.00 7.91 -4.79
C ILE A 1653 36.20 7.61 -6.27
N SER A 1654 37.38 7.89 -6.80
CA SER A 1654 37.68 7.54 -8.18
C SER A 1654 37.64 6.02 -8.36
N ARG A 1655 38.24 5.28 -7.43
CA ARG A 1655 38.21 3.83 -7.52
C ARG A 1655 36.78 3.30 -7.48
N CYS A 1656 35.96 3.85 -6.59
CA CYS A 1656 34.56 3.43 -6.51
C CYS A 1656 33.83 3.74 -7.82
N VAL A 1657 34.11 4.89 -8.42
CA VAL A 1657 33.46 5.26 -9.68
C VAL A 1657 33.85 4.28 -10.77
N LEU A 1658 35.14 3.94 -10.87
CA LEU A 1658 35.56 2.96 -11.86
C LEU A 1658 34.94 1.59 -11.60
N GLN A 1659 34.82 1.20 -10.34
CA GLN A 1659 34.20 -0.09 -10.03
C GLN A 1659 32.74 -0.11 -10.46
N LEU A 1660 32.01 0.96 -10.18
CA LEU A 1660 30.62 1.06 -10.61
C LEU A 1660 30.53 0.99 -12.13
N LEU A 1661 31.38 1.76 -12.83
CA LEU A 1661 31.33 1.77 -14.27
C LEU A 1661 31.66 0.41 -14.85
N MET A 1662 32.59 -0.31 -14.22
CA MET A 1662 33.00 -1.60 -14.77
C MET A 1662 31.97 -2.69 -14.50
N ILE A 1663 31.29 -2.66 -13.35
CA ILE A 1663 30.23 -3.62 -13.15
C ILE A 1663 29.06 -3.32 -14.09
N GLU A 1664 28.78 -2.04 -14.33
CA GLU A 1664 27.79 -1.68 -15.35
C GLU A 1664 28.23 -2.16 -16.73
N THR A 1665 29.53 -2.08 -17.01
CA THR A 1665 30.06 -2.57 -18.29
C THR A 1665 29.85 -4.07 -18.42
N VAL A 1666 30.10 -4.82 -17.35
CA VAL A 1666 29.88 -6.26 -17.38
C VAL A 1666 28.41 -6.56 -17.60
N ASN A 1667 27.53 -5.80 -16.96
CA ASN A 1667 26.09 -5.97 -17.16
C ASN A 1667 25.72 -5.74 -18.62
N GLU A 1668 26.12 -4.59 -19.17
CA GLU A 1668 25.76 -4.26 -20.54
C GLU A 1668 26.38 -5.24 -21.53
N LEU A 1669 27.55 -5.78 -21.20
CA LEU A 1669 28.18 -6.76 -22.07
C LEU A 1669 27.42 -8.07 -22.07
N PHE A 1670 27.30 -8.71 -20.91
CA PHE A 1670 26.73 -10.04 -20.86
C PHE A 1670 25.21 -10.03 -21.02
N SER A 1671 24.59 -8.85 -21.03
CA SER A 1671 23.19 -8.79 -21.45
C SER A 1671 23.04 -9.14 -22.93
N ASN A 1672 24.10 -8.93 -23.72
CA ASN A 1672 24.07 -9.32 -25.13
C ASN A 1672 24.00 -10.83 -25.25
N ASP A 1673 23.15 -11.30 -26.18
CA ASP A 1673 22.98 -12.74 -26.33
C ASP A 1673 24.17 -13.39 -27.03
N ALA A 1674 24.81 -12.68 -27.97
CA ALA A 1674 25.89 -13.28 -28.75
C ALA A 1674 27.09 -13.60 -27.87
N VAL A 1675 27.56 -12.61 -27.10
CA VAL A 1675 28.72 -12.83 -26.26
C VAL A 1675 28.40 -13.84 -25.16
N TYR A 1676 27.17 -13.80 -24.65
CA TYR A 1676 26.75 -14.79 -23.65
C TYR A 1676 26.78 -16.20 -24.21
N ALA A 1677 26.33 -16.37 -25.46
CA ALA A 1677 26.33 -17.68 -26.08
C ALA A 1677 27.71 -18.13 -26.50
N GLN A 1678 28.63 -17.19 -26.72
CA GLN A 1678 29.96 -17.54 -27.19
C GLN A 1678 30.98 -17.75 -26.07
N ILE A 1679 30.77 -17.14 -24.92
CA ILE A 1679 31.78 -17.24 -23.85
C ILE A 1679 31.80 -18.66 -23.30
N PRO A 1680 32.98 -19.23 -23.05
CA PRO A 1680 33.02 -20.52 -22.34
C PRO A 1680 32.46 -20.39 -20.94
N SER A 1681 31.86 -21.49 -20.46
CA SER A 1681 31.21 -21.47 -19.15
C SER A 1681 32.23 -21.23 -18.04
N ALA A 1682 33.43 -21.80 -18.17
CA ALA A 1682 34.46 -21.59 -17.15
C ALA A 1682 34.84 -20.12 -17.05
N GLU A 1683 34.99 -19.45 -18.19
CA GLU A 1683 35.32 -18.02 -18.17
C GLU A 1683 34.18 -17.19 -17.57
N LEU A 1684 32.94 -17.53 -17.91
CA LEU A 1684 31.81 -16.83 -17.31
C LEU A 1684 31.79 -17.02 -15.80
N LEU A 1685 32.08 -18.24 -15.34
CA LEU A 1685 32.14 -18.48 -13.90
C LEU A 1685 33.28 -17.71 -13.25
N ARG A 1686 34.40 -17.56 -13.96
CA ARG A 1686 35.49 -16.75 -13.41
C ARG A 1686 35.06 -15.30 -13.26
N LEU A 1687 34.39 -14.75 -14.27
CA LEU A 1687 33.87 -13.39 -14.17
C LEU A 1687 32.88 -13.27 -13.03
N MET A 1688 32.01 -14.27 -12.87
CA MET A 1688 31.05 -14.25 -11.78
C MET A 1688 31.75 -14.32 -10.42
N ALA A 1689 32.84 -15.08 -10.33
CA ALA A 1689 33.62 -15.11 -9.09
C ALA A 1689 34.24 -13.75 -8.80
N LEU A 1690 34.74 -13.07 -9.84
CA LEU A 1690 35.24 -11.71 -9.66
C LEU A 1690 34.13 -10.79 -9.15
N LEU A 1691 32.94 -10.92 -9.71
CA LEU A 1691 31.82 -10.09 -9.31
C LEU A 1691 31.40 -10.37 -7.87
N LYS A 1692 31.43 -11.64 -7.48
CA LYS A 1692 31.17 -12.01 -6.09
C LYS A 1692 32.22 -11.42 -5.16
N LYS A 1693 33.48 -11.42 -5.59
CA LYS A 1693 34.54 -10.83 -4.79
C LYS A 1693 34.30 -9.33 -4.60
N SER A 1694 33.87 -8.65 -5.67
CA SER A 1694 33.53 -7.24 -5.54
C SER A 1694 32.35 -7.04 -4.58
N PHE A 1695 31.34 -7.90 -4.67
CA PHE A 1695 30.21 -7.84 -3.76
C PHE A 1695 30.66 -7.99 -2.31
N LEU A 1696 31.54 -8.96 -2.06
CA LEU A 1696 32.01 -9.20 -0.70
C LEU A 1696 32.85 -8.03 -0.19
N PHE A 1697 33.68 -7.44 -1.05
CA PHE A 1697 34.45 -6.27 -0.64
C PHE A 1697 33.53 -5.12 -0.28
N ALA A 1698 32.51 -4.89 -1.12
CA ALA A 1698 31.56 -3.80 -0.83
C ALA A 1698 30.81 -4.05 0.47
N LYS A 1699 30.35 -5.29 0.67
CA LYS A 1699 29.63 -5.62 1.90
C LYS A 1699 30.51 -5.45 3.12
N ARG A 1700 31.77 -5.88 3.03
CA ARG A 1700 32.69 -5.73 4.14
C ARG A 1700 32.93 -4.27 4.47
N PHE A 1701 33.09 -3.43 3.44
CA PHE A 1701 33.30 -2.01 3.68
C PHE A 1701 32.06 -1.37 4.33
N ASN A 1702 30.87 -1.65 3.77
CA ASN A 1702 29.66 -1.02 4.28
C ASN A 1702 29.10 -1.71 5.52
N ALA A 1703 29.64 -2.87 5.90
CA ALA A 1703 29.18 -3.56 7.08
C ALA A 1703 30.36 -4.14 7.86
N LEU A 1724 28.02 1.54 -1.83
CA LEU A 1724 26.64 1.12 -1.59
C LEU A 1724 25.97 0.67 -2.88
N LYS A 1725 25.95 1.56 -3.87
CA LYS A 1725 25.37 1.22 -5.17
C LYS A 1725 26.15 0.09 -5.84
N GLN A 1726 27.47 0.03 -5.61
CA GLN A 1726 28.28 -1.02 -6.22
C GLN A 1726 27.84 -2.40 -5.75
N GLU A 1727 27.52 -2.54 -4.46
CA GLU A 1727 27.08 -3.82 -3.93
C GLU A 1727 25.78 -4.27 -4.58
N SER A 1728 24.81 -3.36 -4.66
CA SER A 1728 23.53 -3.70 -5.27
C SER A 1728 23.69 -4.06 -6.73
N GLY A 1729 24.49 -3.28 -7.47
CA GLY A 1729 24.70 -3.57 -8.89
C GLY A 1729 25.39 -4.90 -9.11
N SER A 1730 26.44 -5.17 -8.33
CA SER A 1730 27.14 -6.45 -8.45
C SER A 1730 26.20 -7.61 -8.14
N ALA A 1731 25.39 -7.49 -7.08
CA ALA A 1731 24.45 -8.55 -6.74
C ALA A 1731 23.44 -8.75 -7.85
N ALA A 1732 22.90 -7.65 -8.40
CA ALA A 1732 21.90 -7.77 -9.46
C ALA A 1732 22.48 -8.48 -10.67
N THR A 1733 23.63 -8.02 -11.14
CA THR A 1733 24.24 -8.64 -12.32
C THR A 1733 24.59 -10.10 -12.07
N TYR A 1734 25.19 -10.38 -10.91
CA TYR A 1734 25.61 -11.75 -10.60
C TYR A 1734 24.41 -12.69 -10.57
N VAL A 1735 23.39 -12.33 -9.80
CA VAL A 1735 22.26 -13.24 -9.60
C VAL A 1735 21.46 -13.38 -10.90
N ALA A 1736 21.31 -12.28 -11.65
CA ALA A 1736 20.60 -12.37 -12.92
C ALA A 1736 21.30 -13.29 -13.88
N ILE A 1737 22.64 -13.20 -13.96
CA ILE A 1737 23.36 -14.07 -14.87
C ILE A 1737 23.28 -15.53 -14.39
N LEU A 1738 23.34 -15.74 -13.08
CA LEU A 1738 23.26 -17.12 -12.58
C LEU A 1738 21.88 -17.74 -12.80
N PHE A 1739 20.79 -16.96 -12.77
CA PHE A 1739 19.55 -17.49 -13.32
C PHE A 1739 19.67 -17.74 -14.82
N ARG A 1740 20.34 -16.85 -15.55
CA ARG A 1740 20.49 -17.07 -16.99
C ARG A 1740 21.23 -18.36 -17.31
N MET A 1741 22.04 -18.86 -16.37
CA MET A 1741 22.59 -20.21 -16.51
C MET A 1741 21.47 -21.25 -16.59
N PHE A 1742 20.50 -21.16 -15.70
CA PHE A 1742 19.41 -22.12 -15.68
C PHE A 1742 18.27 -21.70 -16.60
N SER A 1752 29.16 -27.92 -14.05
CA SER A 1752 28.42 -26.99 -14.89
C SER A 1752 27.17 -26.47 -14.16
N ARG A 1753 26.06 -27.19 -14.32
CA ARG A 1753 24.81 -26.77 -13.71
C ARG A 1753 24.90 -26.80 -12.19
N ALA A 1754 25.52 -27.85 -11.63
CA ALA A 1754 25.65 -27.95 -10.19
C ALA A 1754 26.59 -26.87 -9.64
N ASP A 1755 27.65 -26.56 -10.38
CA ASP A 1755 28.60 -25.54 -9.92
C ASP A 1755 27.94 -24.18 -9.80
N VAL A 1756 27.14 -23.79 -10.80
CA VAL A 1756 26.44 -22.51 -10.72
C VAL A 1756 25.31 -22.58 -9.70
N GLU A 1757 24.69 -23.75 -9.55
CA GLU A 1757 23.62 -23.89 -8.57
C GLU A 1757 24.15 -23.69 -7.15
N ALA A 1758 25.31 -24.25 -6.85
CA ALA A 1758 25.88 -24.09 -5.51
C ALA A 1758 26.30 -22.65 -5.25
N ALA A 1759 26.59 -21.89 -6.31
CA ALA A 1759 27.06 -20.52 -6.17
C ALA A 1759 25.93 -19.50 -6.30
N LEU A 1760 24.68 -19.95 -6.40
CA LEU A 1760 23.53 -19.07 -6.57
C LEU A 1760 22.60 -19.05 -5.38
N VAL A 1761 22.27 -20.22 -4.83
CA VAL A 1761 21.34 -20.29 -3.71
C VAL A 1761 21.83 -19.50 -2.50
N PRO A 1762 23.08 -19.62 -2.06
CA PRO A 1762 23.52 -18.79 -0.92
C PRO A 1762 23.38 -17.29 -1.18
N LEU A 1763 23.63 -16.85 -2.41
CA LEU A 1763 23.46 -15.44 -2.73
C LEU A 1763 22.00 -15.02 -2.60
N CYS A 1764 21.09 -15.87 -3.07
CA CYS A 1764 19.66 -15.57 -2.95
C CYS A 1764 19.25 -15.51 -1.49
N ARG A 1765 19.73 -16.45 -0.67
CA ARG A 1765 19.41 -16.40 0.75
C ARG A 1765 19.93 -15.13 1.39
N ASP A 1766 21.17 -14.75 1.06
CA ASP A 1766 21.76 -13.55 1.65
C ASP A 1766 21.00 -12.31 1.22
N ILE A 1767 20.62 -12.21 -0.06
CA ILE A 1767 19.95 -11.01 -0.53
C ILE A 1767 18.54 -10.90 0.04
N ILE A 1768 17.84 -12.03 0.17
CA ILE A 1768 16.52 -12.00 0.79
C ILE A 1768 16.62 -11.60 2.26
N ARG A 1769 17.60 -12.16 2.98
CA ARG A 1769 17.78 -11.80 4.37
C ARG A 1769 18.12 -10.32 4.51
N GLY A 1770 18.96 -9.79 3.62
CA GLY A 1770 19.29 -8.38 3.67
C GLY A 1770 18.10 -7.50 3.39
N TYR A 1771 17.29 -7.84 2.38
CA TYR A 1771 16.11 -7.05 2.07
C TYR A 1771 15.13 -7.06 3.23
N THR A 1772 14.94 -8.22 3.86
CA THR A 1772 14.05 -8.30 5.02
C THR A 1772 14.59 -7.47 6.18
N ALA A 1773 15.90 -7.51 6.41
CA ALA A 1773 16.52 -6.81 7.54
C ALA A 1773 16.75 -5.33 7.27
N LEU A 1774 16.47 -4.85 6.07
CA LEU A 1774 16.64 -3.43 5.78
C LEU A 1774 15.71 -2.59 6.65
N ASP A 1775 16.23 -1.45 7.12
CA ASP A 1775 15.41 -0.54 7.90
C ASP A 1775 14.36 0.11 7.02
N ASP A 1776 13.11 0.10 7.48
CA ASP A 1776 12.01 0.61 6.67
C ASP A 1776 12.11 2.12 6.48
N GLU A 1777 12.44 2.85 7.54
CA GLU A 1777 12.42 4.31 7.50
C GLU A 1777 13.80 4.93 7.34
N SER A 1778 14.82 4.40 8.01
CA SER A 1778 16.16 4.95 7.94
C SER A 1778 16.97 4.41 6.78
N GLN A 1779 16.42 3.46 6.01
CA GLN A 1779 17.11 2.89 4.86
C GLN A 1779 16.15 2.79 3.68
N HIS A 1780 15.36 3.84 3.46
CA HIS A 1780 14.42 3.84 2.34
C HIS A 1780 15.14 3.79 1.00
N ARG A 1781 16.25 4.52 0.89
CA ARG A 1781 17.05 4.46 -0.34
C ARG A 1781 17.58 3.05 -0.58
N ASN A 1782 18.06 2.39 0.46
CA ASN A 1782 18.54 1.02 0.32
C ASN A 1782 17.41 0.08 -0.10
N ILE A 1783 16.22 0.26 0.48
CA ILE A 1783 15.09 -0.58 0.11
C ILE A 1783 14.73 -0.36 -1.36
N VAL A 1784 14.72 0.89 -1.80
CA VAL A 1784 14.42 1.18 -3.21
C VAL A 1784 15.47 0.54 -4.11
N ALA A 1785 16.74 0.61 -3.71
CA ALA A 1785 17.80 0.01 -4.52
C ALA A 1785 17.66 -1.50 -4.60
N TRP A 1786 17.34 -2.14 -3.48
CA TRP A 1786 17.28 -3.60 -3.44
C TRP A 1786 15.96 -4.18 -3.94
N ARG A 1787 14.93 -3.35 -4.11
CA ARG A 1787 13.65 -3.88 -4.57
C ARG A 1787 13.71 -4.53 -5.94
N PRO A 1788 14.25 -3.88 -6.99
CA PRO A 1788 14.22 -4.54 -8.31
C PRO A 1788 14.99 -5.85 -8.35
N VAL A 1789 16.14 -5.93 -7.68
CA VAL A 1789 16.91 -7.17 -7.73
C VAL A 1789 16.18 -8.28 -6.98
N VAL A 1790 15.53 -7.96 -5.86
CA VAL A 1790 14.80 -8.97 -5.12
C VAL A 1790 13.62 -9.49 -5.93
N VAL A 1791 12.88 -8.59 -6.57
CA VAL A 1791 11.77 -9.06 -7.40
C VAL A 1791 12.29 -9.85 -8.58
N ASP A 1792 13.49 -9.50 -9.09
CA ASP A 1792 14.08 -10.28 -10.17
C ASP A 1792 14.43 -11.69 -9.72
N VAL A 1793 14.98 -11.83 -8.51
CA VAL A 1793 15.28 -13.16 -7.98
C VAL A 1793 13.99 -13.97 -7.82
N LEU A 1794 12.96 -13.33 -7.28
CA LEU A 1794 11.70 -14.03 -7.03
C LEU A 1794 11.06 -14.48 -8.35
N GLU A 1795 11.09 -13.64 -9.37
CA GLU A 1795 10.54 -14.06 -10.65
C GLU A 1795 11.42 -15.09 -11.34
N GLY A 1796 12.74 -15.04 -11.11
CA GLY A 1796 13.62 -16.04 -11.67
C GLY A 1796 13.44 -17.41 -11.05
N TYR A 1797 12.94 -17.47 -9.83
CA TYR A 1797 12.57 -18.78 -9.27
C TYR A 1797 11.56 -19.52 -10.15
N ALA A 1798 10.72 -18.79 -10.89
CA ALA A 1798 9.81 -19.44 -11.80
C ALA A 1798 10.55 -20.24 -12.87
N ALA A 1799 11.77 -19.82 -13.20
CA ALA A 1799 12.55 -20.51 -14.22
C ALA A 1799 13.15 -21.82 -13.74
N PHE A 1800 13.19 -22.06 -12.43
CA PHE A 1800 13.71 -23.33 -11.94
C PHE A 1800 12.80 -24.48 -12.37
N PRO A 1801 13.37 -25.65 -12.67
CA PRO A 1801 12.53 -26.81 -12.99
C PRO A 1801 11.79 -27.32 -11.77
N ARG A 1802 10.97 -28.36 -11.95
CA ARG A 1802 10.18 -28.88 -10.85
C ARG A 1802 11.06 -29.45 -9.74
N ASP A 1803 12.10 -30.19 -10.11
CA ASP A 1803 12.96 -30.80 -9.09
C ASP A 1803 13.75 -29.76 -8.31
N ALA A 1804 14.36 -28.79 -9.02
CA ALA A 1804 15.16 -27.79 -8.35
C ALA A 1804 14.32 -26.85 -7.49
N PHE A 1805 13.08 -26.60 -7.90
CA PHE A 1805 12.19 -25.76 -7.10
C PHE A 1805 11.92 -26.40 -5.75
N ALA A 1806 11.72 -27.72 -5.73
CA ALA A 1806 11.52 -28.43 -4.48
C ALA A 1806 12.84 -28.79 -3.79
N ALA A 1807 13.98 -28.54 -4.44
CA ALA A 1807 15.26 -28.84 -3.82
C ALA A 1807 15.56 -27.90 -2.66
N HIS A 1808 15.22 -26.63 -2.80
CA HIS A 1808 15.49 -25.62 -1.78
C HIS A 1808 14.22 -25.07 -1.15
N ILE A 1809 13.10 -25.80 -1.26
CA ILE A 1809 11.86 -25.33 -0.67
C ILE A 1809 11.99 -25.22 0.85
N ARG A 1810 12.55 -26.25 1.49
CA ARG A 1810 12.73 -26.22 2.93
C ARG A 1810 13.82 -25.24 3.34
N SER A 1811 14.73 -24.91 2.44
CA SER A 1811 15.82 -24.00 2.73
C SER A 1811 15.53 -22.57 2.31
N PHE A 1812 14.37 -22.29 1.72
CA PHE A 1812 14.06 -20.93 1.31
C PHE A 1812 12.66 -20.44 1.67
N TYR A 1813 11.70 -21.33 1.94
CA TYR A 1813 10.35 -20.86 2.27
C TYR A 1813 10.32 -19.96 3.50
N PRO A 1814 10.94 -20.31 4.63
CA PRO A 1814 10.91 -19.39 5.78
C PRO A 1814 11.53 -18.03 5.49
N LEU A 1815 12.55 -17.98 4.64
CA LEU A 1815 13.18 -16.70 4.33
C LEU A 1815 12.27 -15.83 3.48
N VAL A 1816 11.44 -16.44 2.63
CA VAL A 1816 10.62 -15.67 1.70
C VAL A 1816 9.23 -15.35 2.22
N VAL A 1817 8.73 -16.12 3.20
CA VAL A 1817 7.38 -15.85 3.69
C VAL A 1817 7.31 -14.51 4.42
N GLU A 1818 8.38 -14.13 5.13
CA GLU A 1818 8.35 -12.94 5.95
C GLU A 1818 8.35 -11.64 5.15
N LEU A 1819 8.50 -11.71 3.82
CA LEU A 1819 8.54 -10.49 3.02
C LEU A 1819 7.24 -9.72 3.11
N LEU A 1820 6.10 -10.42 3.10
CA LEU A 1820 4.81 -9.74 3.08
C LEU A 1820 4.48 -9.06 4.41
N GLY A 1821 5.24 -9.32 5.47
CA GLY A 1821 5.02 -8.58 6.70
C GLY A 1821 5.28 -7.09 6.54
N LYS A 1822 6.36 -6.75 5.83
CA LYS A 1822 6.63 -5.37 5.46
C LYS A 1822 5.80 -4.99 4.24
N ASP A 1823 5.64 -3.68 4.04
CA ASP A 1823 4.94 -3.19 2.86
C ASP A 1823 5.65 -3.64 1.59
N LEU A 1824 4.89 -4.15 0.63
CA LEU A 1824 5.43 -4.73 -0.59
C LEU A 1824 4.77 -4.11 -1.79
N GLY A 1825 5.56 -3.90 -2.85
CA GLY A 1825 5.05 -3.29 -4.06
C GLY A 1825 4.33 -4.28 -4.95
N GLN A 1826 3.71 -3.73 -6.01
CA GLN A 1826 2.94 -4.57 -6.94
C GLN A 1826 3.83 -5.57 -7.65
N ASP A 1827 5.03 -5.15 -8.06
CA ASP A 1827 5.96 -6.06 -8.69
C ASP A 1827 6.33 -7.20 -7.75
N LEU A 1828 6.71 -6.87 -6.52
CA LEU A 1828 7.02 -7.90 -5.54
C LEU A 1828 5.77 -8.70 -5.18
N ARG A 1829 4.59 -8.05 -5.21
CA ARG A 1829 3.34 -8.78 -5.00
C ARG A 1829 3.20 -9.91 -6.02
N ALA A 1830 3.34 -9.57 -7.30
CA ALA A 1830 3.19 -10.58 -8.35
C ALA A 1830 4.28 -11.64 -8.25
N ALA A 1831 5.52 -11.23 -7.99
CA ALA A 1831 6.60 -12.20 -7.90
C ALA A 1831 6.36 -13.18 -6.77
N LEU A 1832 5.97 -12.67 -5.60
CA LEU A 1832 5.68 -13.55 -4.47
C LEU A 1832 4.48 -14.44 -4.76
N LEU A 1833 3.45 -13.91 -5.41
CA LEU A 1833 2.27 -14.71 -5.73
C LEU A 1833 2.64 -15.88 -6.63
N LEU A 1834 3.41 -15.61 -7.69
CA LEU A 1834 3.82 -16.69 -8.57
C LEU A 1834 4.70 -17.70 -7.86
N VAL A 1835 5.66 -17.24 -7.05
CA VAL A 1835 6.57 -18.20 -6.42
C VAL A 1835 5.82 -19.06 -5.42
N LEU A 1836 4.87 -18.48 -4.67
CA LEU A 1836 4.15 -19.29 -3.70
C LEU A 1836 3.11 -20.20 -4.36
N ARG A 1837 2.52 -19.77 -5.49
CA ARG A 1837 1.66 -20.69 -6.23
C ARG A 1837 2.46 -21.87 -6.75
N ARG A 1838 3.68 -21.62 -7.25
CA ARG A 1838 4.54 -22.72 -7.64
C ARG A 1838 4.91 -23.59 -6.44
N VAL A 1839 5.09 -22.97 -5.28
CA VAL A 1839 5.40 -23.71 -4.06
C VAL A 1839 4.27 -24.67 -3.73
N GLY A 1840 3.03 -24.17 -3.77
CA GLY A 1840 1.89 -25.02 -3.51
C GLY A 1840 1.73 -26.12 -4.55
N GLU A 1841 1.96 -25.78 -5.82
CA GLU A 1841 1.84 -26.77 -6.88
C GLU A 1841 2.85 -27.90 -6.72
N VAL A 1842 4.10 -27.56 -6.41
CA VAL A 1842 5.13 -28.58 -6.27
C VAL A 1842 5.05 -29.30 -4.94
N GLY A 1843 4.41 -28.71 -3.93
CA GLY A 1843 4.31 -29.36 -2.64
C GLY A 1843 2.99 -30.09 -2.43
N LEU A 1844 1.88 -29.40 -2.70
CA LEU A 1844 0.57 -29.97 -2.42
C LEU A 1844 -0.33 -29.93 -3.65
N GLY A 1845 -0.16 -28.93 -4.50
CA GLY A 1845 -1.00 -28.76 -5.67
C GLY A 1845 -0.88 -29.88 -6.69
N LEU B 32 -178.43 -30.59 77.09
CA LEU B 32 -178.25 -30.30 78.50
C LEU B 32 -179.39 -29.46 79.06
N LYS B 33 -179.04 -28.29 79.59
CA LYS B 33 -180.05 -27.41 80.17
C LYS B 33 -180.83 -26.67 79.09
N PHE B 34 -180.17 -26.28 78.01
CA PHE B 34 -180.79 -25.44 76.99
C PHE B 34 -181.75 -26.23 76.11
N VAL B 35 -181.51 -27.53 75.91
CA VAL B 35 -182.34 -28.30 74.99
C VAL B 35 -183.78 -28.36 75.48
N VAL B 36 -183.98 -28.56 76.79
CA VAL B 36 -185.34 -28.57 77.33
C VAL B 36 -185.98 -27.21 77.18
N SER B 37 -185.23 -26.14 77.51
CA SER B 37 -185.77 -24.79 77.39
C SER B 37 -186.11 -24.45 75.95
N SER B 38 -185.22 -24.80 75.02
CA SER B 38 -185.50 -24.56 73.60
C SER B 38 -186.72 -25.35 73.14
N LEU B 39 -186.81 -26.62 73.54
CA LEU B 39 -188.00 -27.41 73.22
C LEU B 39 -189.25 -26.83 73.85
N ASP B 40 -189.12 -26.16 75.00
CA ASP B 40 -190.26 -25.50 75.60
C ASP B 40 -190.77 -24.36 74.72
N ILE B 41 -189.84 -23.59 74.14
CA ILE B 41 -190.24 -22.45 73.33
C ILE B 41 -190.96 -22.90 72.06
N ILE B 42 -190.42 -23.92 71.39
CA ILE B 42 -191.06 -24.39 70.16
C ILE B 42 -192.42 -25.01 70.48
N ALA B 43 -192.54 -25.67 71.63
CA ALA B 43 -193.85 -26.17 72.06
C ALA B 43 -194.81 -25.02 72.31
N ALA B 44 -194.31 -23.92 72.86
CA ALA B 44 -195.16 -22.76 73.11
C ALA B 44 -195.74 -22.21 71.82
N GLN B 45 -194.92 -22.15 70.76
CA GLN B 45 -195.42 -21.67 69.48
C GLN B 45 -196.31 -22.69 68.79
N ALA B 46 -196.24 -23.96 69.20
CA ALA B 46 -197.06 -25.03 68.63
C ALA B 46 -196.90 -25.13 67.11
N GLN B 51 -199.88 -29.67 65.41
CA GLN B 51 -198.98 -30.42 64.55
C GLN B 51 -197.55 -30.36 65.06
N LEU B 52 -196.99 -29.15 65.10
CA LEU B 52 -195.60 -29.01 65.53
C LEU B 52 -195.43 -29.34 67.00
N ALA B 53 -196.41 -28.96 67.83
CA ALA B 53 -196.25 -29.09 69.28
C ALA B 53 -196.08 -30.55 69.71
N GLU B 54 -196.87 -31.45 69.12
CA GLU B 54 -196.88 -32.84 69.57
C GLU B 54 -195.50 -33.48 69.49
N LEU B 55 -194.65 -32.99 68.58
CA LEU B 55 -193.28 -33.49 68.51
C LEU B 55 -192.50 -33.11 69.77
N ALA B 56 -192.73 -31.91 70.29
CA ALA B 56 -191.95 -31.44 71.44
C ALA B 56 -192.27 -32.25 72.69
N GLU B 57 -193.55 -32.43 73.00
CA GLU B 57 -193.91 -33.13 74.24
C GLU B 57 -193.43 -34.57 74.22
N LYS B 58 -193.48 -35.21 73.05
CA LYS B 58 -192.95 -36.56 72.93
C LYS B 58 -191.47 -36.60 73.29
N ALA B 59 -190.70 -35.64 72.77
CA ALA B 59 -189.29 -35.53 73.14
C ALA B 59 -189.15 -35.12 74.61
N LEU B 60 -189.99 -34.20 75.07
CA LEU B 60 -189.91 -33.75 76.46
C LEU B 60 -190.18 -34.90 77.43
N ALA B 61 -191.14 -35.75 77.11
CA ALA B 61 -191.39 -36.93 77.94
C ALA B 61 -190.17 -37.86 77.93
N ALA B 62 -189.50 -37.97 76.78
CA ALA B 62 -188.32 -38.83 76.70
C ALA B 62 -187.22 -38.34 77.64
N ILE B 63 -187.01 -37.03 77.72
CA ILE B 63 -186.02 -36.49 78.64
C ILE B 63 -186.38 -36.81 80.08
N LYS B 64 -187.68 -36.82 80.39
CA LYS B 64 -188.12 -37.19 81.74
C LYS B 64 -187.70 -38.61 82.11
N GLU B 65 -187.50 -39.47 81.13
CA GLU B 65 -187.05 -40.85 81.35
C GLU B 65 -185.56 -41.01 81.14
N ASN B 66 -184.78 -40.01 81.52
CA ASN B 66 -183.32 -40.05 81.41
C ASN B 66 -182.72 -41.19 82.22
N LEU B 70 -178.65 -37.89 76.71
CA LEU B 70 -179.63 -38.81 77.26
C LEU B 70 -180.89 -39.10 76.39
N PRO B 71 -181.35 -38.16 75.57
CA PRO B 71 -182.48 -38.45 74.69
C PRO B 71 -182.02 -39.12 73.41
N ASP B 72 -182.98 -39.70 72.71
CA ASP B 72 -182.70 -40.27 71.40
C ASP B 72 -182.36 -39.16 70.42
N PRO B 73 -181.30 -39.31 69.61
CA PRO B 73 -180.94 -38.23 68.68
C PRO B 73 -182.03 -37.88 67.69
N GLU B 74 -182.81 -38.86 67.24
CA GLU B 74 -183.83 -38.59 66.25
C GLU B 74 -185.03 -37.86 66.86
N VAL B 75 -185.42 -38.24 68.08
CA VAL B 75 -186.63 -37.69 68.68
C VAL B 75 -186.47 -36.21 69.01
N VAL B 76 -185.24 -35.72 69.11
CA VAL B 76 -185.01 -34.31 69.40
C VAL B 76 -184.76 -33.56 68.10
N PHE B 77 -184.19 -34.24 67.11
CA PHE B 77 -183.89 -33.59 65.84
C PHE B 77 -185.15 -33.26 65.07
N ALA B 78 -186.14 -34.15 65.10
CA ALA B 78 -187.35 -33.95 64.31
C ALA B 78 -188.11 -32.68 64.69
N PRO B 79 -188.42 -32.40 65.97
CA PRO B 79 -189.17 -31.18 66.28
C PRO B 79 -188.44 -29.91 65.88
N LEU B 80 -187.12 -29.86 66.10
CA LEU B 80 -186.35 -28.69 65.70
C LEU B 80 -186.35 -28.52 64.19
N GLN B 81 -186.19 -29.63 63.46
CA GLN B 81 -186.22 -29.56 62.00
C GLN B 81 -187.57 -29.06 61.50
N LEU B 82 -188.66 -29.57 62.08
CA LEU B 82 -189.98 -29.08 61.69
C LEU B 82 -190.23 -27.66 62.18
N ALA B 83 -189.64 -27.30 63.32
CA ALA B 83 -189.83 -25.94 63.84
C ALA B 83 -189.26 -24.90 62.88
N THR B 84 -188.09 -25.17 62.31
CA THR B 84 -187.47 -24.24 61.38
C THR B 84 -188.01 -24.39 59.96
N LYS B 85 -188.90 -25.36 59.73
CA LYS B 85 -189.49 -25.52 58.40
C LYS B 85 -190.31 -24.32 57.98
N SER B 86 -190.74 -23.49 58.93
CA SER B 86 -191.52 -22.30 58.66
C SER B 86 -190.72 -21.05 59.02
N GLY B 87 -190.91 -20.00 58.25
CA GLY B 87 -190.21 -18.74 58.51
C GLY B 87 -190.97 -17.83 59.46
N THR B 88 -190.57 -17.84 60.73
CA THR B 88 -191.19 -17.03 61.77
C THR B 88 -190.11 -16.34 62.58
N ILE B 89 -190.53 -15.38 63.39
CA ILE B 89 -189.60 -14.61 64.21
C ILE B 89 -189.09 -15.44 65.39
N PRO B 90 -189.96 -15.94 66.30
CA PRO B 90 -189.43 -16.58 67.51
C PRO B 90 -189.17 -18.07 67.35
N LEU B 91 -189.87 -18.72 66.42
CA LEU B 91 -189.79 -20.17 66.31
C LEU B 91 -188.58 -20.61 65.51
N THR B 92 -188.36 -19.99 64.35
CA THR B 92 -187.25 -20.40 63.49
C THR B 92 -185.91 -20.14 64.18
N THR B 93 -185.78 -19.01 64.86
CA THR B 93 -184.50 -18.64 65.46
C THR B 93 -184.09 -19.63 66.54
N THR B 94 -185.00 -19.95 67.46
CA THR B 94 -184.65 -20.87 68.53
C THR B 94 -184.40 -22.27 68.00
N ALA B 95 -185.08 -22.66 66.92
CA ALA B 95 -184.83 -23.96 66.31
C ALA B 95 -183.42 -24.03 65.74
N LEU B 96 -183.03 -23.02 64.96
CA LEU B 96 -181.68 -22.99 64.40
C LEU B 96 -180.63 -22.90 65.51
N ASP B 97 -180.88 -22.04 66.49
CA ASP B 97 -179.93 -21.91 67.59
C ASP B 97 -179.76 -23.20 68.37
N CYS B 98 -180.88 -23.89 68.63
CA CYS B 98 -180.79 -25.14 69.38
C CYS B 98 -180.02 -26.21 68.61
N ILE B 99 -180.27 -26.31 67.30
CA ILE B 99 -179.62 -27.35 66.52
C ILE B 99 -178.11 -27.16 66.51
N GLY B 100 -177.66 -25.93 66.27
CA GLY B 100 -176.23 -25.67 66.25
C GLY B 100 -175.57 -26.00 67.58
N LYS B 101 -176.21 -25.62 68.68
CA LYS B 101 -175.72 -26.03 69.98
C LYS B 101 -175.80 -27.54 70.16
N LEU B 102 -176.87 -28.16 69.64
CA LEU B 102 -177.02 -29.60 69.77
C LEU B 102 -176.01 -30.35 68.90
N ILE B 103 -175.65 -29.81 67.75
CA ILE B 103 -174.60 -30.42 66.94
C ILE B 103 -173.29 -30.44 67.71
N SER B 104 -173.04 -29.41 68.52
CA SER B 104 -171.81 -29.31 69.27
C SER B 104 -171.65 -30.45 70.28
N TYR B 105 -172.73 -31.13 70.65
CA TYR B 105 -172.68 -32.20 71.63
C TYR B 105 -173.21 -33.49 71.03
N SER B 106 -172.68 -34.61 71.50
CA SER B 106 -173.14 -35.96 71.13
C SER B 106 -172.98 -36.10 69.61
N TYR B 107 -173.94 -36.72 68.94
CA TYR B 107 -173.92 -36.92 67.49
C TYR B 107 -172.65 -37.64 67.04
N LEU B 125 -177.36 -37.98 60.77
CA LEU B 125 -177.84 -36.93 61.66
C LEU B 125 -177.06 -35.65 61.44
N ILE B 126 -175.72 -35.75 61.47
CA ILE B 126 -174.88 -34.59 61.24
C ILE B 126 -175.12 -34.02 59.84
N GLU B 127 -175.19 -34.90 58.84
CA GLU B 127 -175.47 -34.44 57.48
C GLU B 127 -176.83 -33.80 57.39
N ARG B 128 -177.84 -34.40 58.02
CA ARG B 128 -179.19 -33.85 57.97
C ARG B 128 -179.27 -32.51 58.70
N ALA B 129 -178.61 -32.40 59.84
CA ALA B 129 -178.66 -31.16 60.61
C ALA B 129 -178.05 -29.99 59.84
N ILE B 130 -176.93 -30.22 59.18
CA ILE B 130 -176.30 -29.15 58.40
C ILE B 130 -177.19 -28.76 57.23
N ASP B 131 -177.77 -29.74 56.54
CA ASP B 131 -178.55 -29.45 55.34
C ASP B 131 -179.76 -28.59 55.66
N THR B 132 -180.49 -28.91 56.73
CA THR B 132 -181.68 -28.14 57.06
C THR B 132 -181.32 -26.74 57.52
N ILE B 133 -180.17 -26.57 58.18
CA ILE B 133 -179.72 -25.23 58.56
C ILE B 133 -179.45 -24.41 57.31
N CYS B 134 -178.75 -25.00 56.34
CA CYS B 134 -178.53 -24.32 55.07
C CYS B 134 -179.85 -24.08 54.35
N ASP B 135 -180.76 -25.05 54.41
CA ASP B 135 -182.05 -24.92 53.75
C ASP B 135 -182.89 -23.79 54.34
N CYS B 136 -182.60 -23.37 55.57
CA CYS B 136 -183.37 -22.28 56.17
C CYS B 136 -183.20 -20.98 55.40
N PHE B 137 -182.06 -20.80 54.74
CA PHE B 137 -181.77 -19.57 54.02
C PHE B 137 -182.31 -19.70 52.60
N GLN B 138 -183.58 -19.30 52.42
CA GLN B 138 -184.17 -19.33 51.09
C GLN B 138 -183.50 -18.33 50.15
N GLY B 139 -183.13 -17.17 50.67
CA GLY B 139 -182.50 -16.14 49.87
C GLY B 139 -182.61 -14.79 50.56
N GLU B 140 -182.54 -13.74 49.73
CA GLU B 140 -182.71 -12.38 50.25
C GLU B 140 -184.10 -12.15 50.81
N THR B 141 -185.08 -12.98 50.43
CA THR B 141 -186.41 -12.87 51.00
C THR B 141 -186.41 -13.13 52.50
N THR B 142 -185.56 -14.06 52.95
CA THR B 142 -185.44 -14.35 54.37
C THR B 142 -185.04 -13.08 55.12
N LEU B 143 -185.70 -12.83 56.25
CA LEU B 143 -185.47 -11.59 56.98
C LEU B 143 -184.11 -11.62 57.67
N VAL B 144 -183.68 -10.44 58.13
CA VAL B 144 -182.30 -10.25 58.55
C VAL B 144 -181.98 -11.11 59.77
N GLU B 145 -182.90 -11.21 60.73
CA GLU B 145 -182.59 -11.90 61.97
C GLU B 145 -182.36 -13.39 61.76
N ILE B 146 -183.11 -13.99 60.83
CA ILE B 146 -182.92 -15.42 60.56
C ILE B 146 -181.53 -15.68 60.00
N GLN B 147 -181.08 -14.84 59.06
CA GLN B 147 -179.78 -15.04 58.44
C GLN B 147 -178.65 -14.95 59.46
N LEU B 148 -178.73 -13.98 60.37
CA LEU B 148 -177.70 -13.86 61.39
C LEU B 148 -177.63 -15.11 62.26
N GLN B 149 -178.79 -15.65 62.65
CA GLN B 149 -178.79 -16.88 63.43
C GLN B 149 -178.25 -18.06 62.62
N ILE B 150 -178.54 -18.08 61.31
CA ILE B 150 -178.04 -19.15 60.47
C ILE B 150 -176.52 -19.16 60.46
N VAL B 151 -175.91 -17.98 60.33
CA VAL B 151 -174.45 -17.89 60.32
C VAL B 151 -173.88 -18.33 61.65
N LYS B 152 -174.46 -17.83 62.74
CA LYS B 152 -173.96 -18.18 64.07
C LYS B 152 -174.10 -19.67 64.34
N SER B 153 -175.22 -20.25 63.95
CA SER B 153 -175.41 -21.69 64.12
C SER B 153 -174.38 -22.47 63.30
N LEU B 154 -174.14 -22.04 62.06
CA LEU B 154 -173.16 -22.72 61.24
C LEU B 154 -171.77 -22.63 61.85
N LEU B 155 -171.42 -21.44 62.37
CA LEU B 155 -170.11 -21.28 62.99
C LEU B 155 -169.93 -22.22 64.18
N ALA B 156 -170.95 -22.35 65.02
CA ALA B 156 -170.88 -23.29 66.13
C ALA B 156 -170.89 -24.73 65.63
N ALA B 157 -171.63 -25.00 64.56
CA ALA B 157 -171.68 -26.36 64.01
C ALA B 157 -170.32 -26.79 63.48
N VAL B 158 -169.67 -25.92 62.70
CA VAL B 158 -168.37 -26.27 62.15
C VAL B 158 -167.30 -26.29 63.23
N LEU B 159 -167.31 -25.29 64.10
CA LEU B 159 -166.23 -25.09 65.06
C LEU B 159 -166.64 -25.59 66.43
N ASN B 160 -165.87 -26.54 66.97
CA ASN B 160 -166.06 -27.05 68.32
C ASN B 160 -164.83 -27.87 68.66
N ASP B 161 -164.59 -28.08 69.96
CA ASP B 161 -163.45 -28.89 70.36
C ASP B 161 -163.61 -30.33 69.89
N LYS B 162 -164.82 -30.86 70.01
CA LYS B 162 -165.17 -32.18 69.50
C LYS B 162 -166.18 -32.02 68.37
N ILE B 163 -166.41 -33.12 67.66
CA ILE B 163 -167.25 -33.15 66.46
C ILE B 163 -166.69 -32.20 65.42
N ILE B 164 -165.87 -32.73 64.52
CA ILE B 164 -165.26 -31.95 63.44
C ILE B 164 -165.81 -32.50 62.13
N VAL B 165 -166.70 -31.75 61.49
CA VAL B 165 -167.32 -32.20 60.25
C VAL B 165 -166.31 -32.14 59.12
N HIS B 166 -166.28 -33.19 58.29
CA HIS B 166 -165.40 -33.25 57.14
C HIS B 166 -166.20 -33.58 55.90
N GLY B 167 -165.74 -33.07 54.76
CA GLY B 167 -166.33 -33.44 53.48
C GLY B 167 -167.48 -32.54 53.10
N ALA B 168 -168.59 -33.15 52.69
CA ALA B 168 -169.70 -32.39 52.12
C ALA B 168 -170.30 -31.42 53.13
N GLY B 169 -170.44 -31.85 54.38
CA GLY B 169 -171.06 -30.99 55.38
C GLY B 169 -170.32 -29.69 55.58
N LEU B 170 -168.99 -29.77 55.74
CA LEU B 170 -168.21 -28.56 55.93
C LEU B 170 -168.23 -27.68 54.70
N LEU B 171 -168.05 -28.28 53.52
CA LEU B 171 -168.03 -27.49 52.29
C LEU B 171 -169.37 -26.80 52.05
N LYS B 172 -170.48 -27.52 52.27
CA LYS B 172 -171.78 -26.89 52.13
C LYS B 172 -171.97 -25.79 53.16
N ALA B 173 -171.53 -26.02 54.39
CA ALA B 173 -171.59 -24.99 55.41
C ALA B 173 -170.76 -23.78 55.02
N VAL B 174 -169.53 -24.01 54.56
CA VAL B 174 -168.68 -22.92 54.12
C VAL B 174 -169.31 -22.20 52.93
N ARG B 175 -169.82 -22.98 51.97
CA ARG B 175 -170.52 -22.37 50.83
C ARG B 175 -171.74 -21.58 51.30
N GLN B 176 -172.47 -22.12 52.27
CA GLN B 176 -173.68 -21.45 52.74
C GLN B 176 -173.37 -20.07 53.30
N VAL B 177 -172.38 -19.99 54.21
CA VAL B 177 -172.06 -18.71 54.84
C VAL B 177 -171.68 -17.68 53.79
N TYR B 178 -170.96 -18.13 52.75
CA TYR B 178 -170.64 -17.23 51.64
C TYR B 178 -171.90 -16.77 50.92
N ASN B 179 -172.91 -17.64 50.83
CA ASN B 179 -174.14 -17.29 50.11
C ASN B 179 -174.85 -16.12 50.77
N ILE B 180 -174.97 -16.15 52.11
CA ILE B 180 -175.59 -15.03 52.81
C ILE B 180 -174.79 -13.75 52.60
N PHE B 181 -173.46 -13.84 52.65
CA PHE B 181 -172.63 -12.66 52.46
C PHE B 181 -172.91 -12.02 51.10
N LEU B 182 -173.09 -12.83 50.06
CA LEU B 182 -173.33 -12.30 48.74
C LEU B 182 -174.76 -11.78 48.57
N LEU B 183 -175.74 -12.35 49.29
CA LEU B 183 -177.14 -12.06 49.04
C LEU B 183 -177.87 -11.63 50.31
N SER B 184 -177.17 -10.93 51.21
CA SER B 184 -177.84 -10.51 52.45
C SER B 184 -178.77 -9.32 52.23
N ARG B 185 -178.39 -8.40 51.34
CA ARG B 185 -179.12 -7.15 51.16
C ARG B 185 -179.24 -6.39 52.48
N SER B 186 -178.19 -6.48 53.31
CA SER B 186 -178.16 -5.82 54.61
C SER B 186 -176.72 -5.72 55.06
N THR B 187 -176.26 -4.50 55.34
CA THR B 187 -174.85 -4.29 55.66
C THR B 187 -174.46 -5.02 56.94
N ALA B 188 -175.32 -4.99 57.96
CA ALA B 188 -174.97 -5.59 59.24
C ALA B 188 -174.75 -7.09 59.11
N ASN B 189 -175.65 -7.77 58.39
CA ASN B 189 -175.50 -9.21 58.21
C ASN B 189 -174.34 -9.54 57.29
N GLN B 190 -174.10 -8.69 56.29
CA GLN B 190 -172.96 -8.91 55.40
C GLN B 190 -171.64 -8.83 56.16
N GLN B 191 -171.50 -7.82 57.02
CA GLN B 191 -170.25 -7.64 57.75
C GLN B 191 -169.97 -8.84 58.66
N VAL B 192 -170.98 -9.29 59.40
CA VAL B 192 -170.78 -10.42 60.29
C VAL B 192 -170.60 -11.71 59.50
N ALA B 193 -171.23 -11.81 58.31
CA ALA B 193 -171.07 -13.01 57.50
C ALA B 193 -169.62 -13.19 57.07
N GLN B 194 -169.01 -12.11 56.55
CA GLN B 194 -167.64 -12.21 56.07
C GLN B 194 -166.68 -12.51 57.20
N GLY B 195 -166.82 -11.80 58.33
CA GLY B 195 -165.93 -12.05 59.45
C GLY B 195 -166.00 -13.47 59.95
N THR B 196 -167.21 -14.03 60.01
CA THR B 196 -167.34 -15.45 60.31
C THR B 196 -166.75 -16.30 59.20
N LEU B 197 -167.02 -15.93 57.93
CA LEU B 197 -166.59 -16.74 56.80
C LEU B 197 -165.07 -16.84 56.75
N THR B 198 -164.38 -15.71 56.91
CA THR B 198 -162.92 -15.74 56.89
C THR B 198 -162.37 -16.47 58.09
N GLN B 199 -163.12 -16.51 59.20
CA GLN B 199 -162.64 -17.18 60.40
C GLN B 199 -162.75 -18.69 60.26
N MET B 200 -163.83 -19.19 59.66
CA MET B 200 -163.96 -20.63 59.48
C MET B 200 -163.06 -21.13 58.36
N VAL B 201 -162.94 -20.36 57.28
CA VAL B 201 -162.06 -20.76 56.18
C VAL B 201 -160.61 -20.79 56.65
N GLY B 202 -160.19 -19.76 57.38
CA GLY B 202 -158.83 -19.73 57.88
C GLY B 202 -158.54 -20.85 58.87
N THR B 203 -159.49 -21.13 59.77
CA THR B 203 -159.24 -22.15 60.78
C THR B 203 -159.28 -23.56 60.21
N VAL B 204 -159.85 -23.74 59.02
CA VAL B 204 -159.78 -25.05 58.37
C VAL B 204 -158.32 -25.40 58.08
N PHE B 205 -157.57 -24.44 57.53
CA PHE B 205 -156.15 -24.67 57.29
C PHE B 205 -155.36 -24.70 58.60
N GLU B 206 -155.82 -23.98 59.61
CA GLU B 206 -155.18 -24.06 60.93
C GLU B 206 -155.21 -25.49 61.45
N ARG B 207 -156.32 -26.20 61.23
CA ARG B 207 -156.37 -27.61 61.56
C ARG B 207 -155.34 -28.40 60.77
N VAL B 208 -155.20 -28.08 59.47
CA VAL B 208 -154.19 -28.73 58.66
C VAL B 208 -152.79 -28.42 59.18
N LYS B 209 -152.55 -27.16 59.57
CA LYS B 209 -151.24 -26.78 60.06
C LYS B 209 -150.90 -27.52 61.35
N THR B 210 -151.88 -27.68 62.25
CA THR B 210 -151.63 -28.41 63.48
C THR B 210 -151.27 -29.87 63.19
N ARG B 211 -152.02 -30.51 62.29
CA ARG B 211 -151.72 -31.88 61.93
C ARG B 211 -150.35 -32.00 61.30
N LEU B 212 -150.00 -31.07 60.41
CA LEU B 212 -148.67 -31.05 59.82
C LEU B 212 -147.61 -30.79 60.89
N HIS B 213 -147.90 -29.88 61.83
CA HIS B 213 -146.92 -29.54 62.86
C HIS B 213 -146.57 -30.77 63.69
N MET B 214 -147.56 -31.56 64.08
CA MET B 214 -147.30 -32.76 64.85
C MET B 214 -146.83 -33.93 64.00
N LYS B 215 -146.86 -33.79 62.67
CA LYS B 215 -146.41 -34.87 61.80
C LYS B 215 -144.89 -34.87 61.67
N LEU B 273 -144.06 -22.77 25.58
CA LEU B 273 -145.07 -22.53 26.62
C LEU B 273 -145.54 -21.08 26.58
N THR B 274 -146.86 -20.89 26.65
CA THR B 274 -147.44 -19.56 26.61
C THR B 274 -148.64 -19.51 27.56
N LEU B 275 -149.32 -18.37 27.58
CA LEU B 275 -150.43 -18.18 28.50
C LEU B 275 -151.59 -19.12 28.20
N LYS B 276 -151.92 -19.28 26.92
CA LYS B 276 -153.04 -20.14 26.54
C LYS B 276 -152.76 -21.62 26.78
N ASP B 277 -151.50 -22.00 26.99
CA ASP B 277 -151.16 -23.39 27.27
C ASP B 277 -151.45 -23.77 28.72
N LEU B 278 -151.72 -22.82 29.60
CA LEU B 278 -151.97 -23.11 31.00
C LEU B 278 -153.40 -23.55 31.27
N GLU B 279 -154.31 -23.37 30.31
CA GLU B 279 -155.70 -23.74 30.52
C GLU B 279 -155.88 -25.25 30.62
N HIS B 280 -154.97 -26.03 30.03
CA HIS B 280 -155.15 -27.46 29.90
C HIS B 280 -154.09 -28.29 30.63
N ARG B 281 -153.13 -27.65 31.30
CA ARG B 281 -152.09 -28.38 32.03
C ARG B 281 -152.61 -28.76 33.41
N LYS B 282 -153.65 -29.59 33.41
CA LYS B 282 -154.27 -30.07 34.66
C LYS B 282 -153.50 -31.30 35.12
N SER B 283 -152.46 -31.07 35.91
CA SER B 283 -151.61 -32.16 36.36
C SER B 283 -152.35 -33.10 37.31
N PHE B 284 -153.19 -32.56 38.19
CA PHE B 284 -153.90 -33.35 39.19
C PHE B 284 -155.35 -33.51 38.79
N ASP B 285 -155.84 -34.75 38.80
CA ASP B 285 -157.21 -35.07 38.47
C ASP B 285 -158.02 -35.21 39.76
N ASP B 286 -159.16 -34.52 39.82
CA ASP B 286 -160.02 -34.50 41.00
C ASP B 286 -161.47 -34.70 40.60
N SER B 287 -161.73 -35.70 39.76
CA SER B 287 -163.08 -35.96 39.29
C SER B 287 -163.94 -36.42 40.46
N HIS B 288 -164.84 -35.54 40.92
CA HIS B 288 -165.78 -35.79 42.01
C HIS B 288 -165.15 -36.52 43.19
N MET B 289 -163.89 -36.20 43.50
CA MET B 289 -163.21 -36.87 44.60
C MET B 289 -163.71 -36.37 45.95
N GLY B 290 -164.11 -35.11 46.04
CA GLY B 290 -164.51 -34.52 47.29
C GLY B 290 -165.92 -34.91 47.68
N ASP B 291 -166.45 -34.15 48.65
CA ASP B 291 -167.83 -34.33 49.14
C ASP B 291 -168.04 -35.71 49.74
N GLY B 292 -167.27 -35.99 50.79
CA GLY B 292 -167.50 -37.17 51.60
C GLY B 292 -168.23 -36.81 52.87
N PRO B 293 -169.54 -37.07 52.91
CA PRO B 293 -170.36 -36.56 54.01
C PRO B 293 -170.18 -37.32 55.32
N THR B 294 -170.01 -38.64 55.23
CA THR B 294 -169.94 -39.48 56.43
C THR B 294 -168.68 -39.24 57.24
N MET B 295 -167.70 -38.51 56.70
CA MET B 295 -166.50 -38.21 57.45
C MET B 295 -166.81 -37.24 58.59
N VAL B 296 -166.46 -37.65 59.82
CA VAL B 296 -166.64 -36.81 60.99
C VAL B 296 -165.77 -37.38 62.10
N SER B 297 -165.26 -36.50 62.96
CA SER B 297 -164.39 -36.92 64.06
C SER B 297 -164.47 -35.89 65.17
N GLN B 298 -164.00 -36.28 66.35
CA GLN B 298 -164.04 -35.45 67.53
C GLN B 298 -162.64 -35.29 68.11
N VAL B 299 -162.36 -34.10 68.64
CA VAL B 299 -161.06 -33.76 69.23
C VAL B 299 -159.94 -33.98 68.23
N PRO B 323 -149.44 -44.92 63.15
CA PRO B 323 -149.09 -45.43 61.81
C PRO B 323 -150.04 -44.91 60.74
N GLU B 324 -150.66 -45.84 60.01
CA GLU B 324 -151.67 -45.45 59.03
C GLU B 324 -152.93 -44.90 59.68
N SER B 325 -153.17 -45.23 60.96
CA SER B 325 -154.34 -44.71 61.64
C SER B 325 -154.30 -43.20 61.75
N LEU B 326 -153.14 -42.64 62.09
CA LEU B 326 -153.01 -41.19 62.17
C LEU B 326 -153.19 -40.54 60.80
N ASP B 327 -152.58 -41.11 59.77
CA ASP B 327 -152.66 -40.53 58.44
C ASP B 327 -154.08 -40.54 57.89
N ALA B 328 -154.88 -41.53 58.30
CA ALA B 328 -156.26 -41.61 57.81
C ALA B 328 -157.05 -40.37 58.20
N GLU B 329 -156.90 -39.92 59.44
CA GLU B 329 -157.51 -38.66 59.84
C GLU B 329 -156.86 -37.48 59.13
N ASP B 330 -155.53 -37.56 58.93
CA ASP B 330 -154.82 -36.45 58.28
C ASP B 330 -155.32 -36.24 56.86
N GLU B 331 -155.53 -37.32 56.11
CA GLU B 331 -155.96 -37.18 54.72
C GLU B 331 -157.32 -36.50 54.63
N ALA B 332 -158.22 -36.82 55.55
CA ALA B 332 -159.52 -36.16 55.57
C ALA B 332 -159.37 -34.66 55.78
N TYR B 333 -158.47 -34.25 56.68
CA TYR B 333 -158.22 -32.83 56.89
C TYR B 333 -157.62 -32.20 55.64
N ILE B 334 -156.71 -32.92 54.96
CA ILE B 334 -156.11 -32.38 53.74
C ILE B 334 -157.18 -32.16 52.68
N ARG B 335 -158.05 -33.15 52.49
CA ARG B 335 -159.14 -33.01 51.53
C ARG B 335 -160.07 -31.86 51.90
N ASP B 336 -160.26 -31.62 53.19
CA ASP B 336 -161.07 -30.47 53.61
C ASP B 336 -160.44 -29.17 53.14
N ALA B 337 -159.12 -29.02 53.31
CA ALA B 337 -158.45 -27.82 52.82
C ALA B 337 -158.51 -27.74 51.31
N TYR B 338 -158.30 -28.87 50.62
CA TYR B 338 -158.29 -28.86 49.17
C TYR B 338 -159.65 -28.46 48.60
N LEU B 339 -160.71 -29.06 49.13
CA LEU B 339 -162.05 -28.74 48.64
C LEU B 339 -162.42 -27.29 48.93
N VAL B 340 -162.07 -26.79 50.11
CA VAL B 340 -162.35 -25.39 50.43
C VAL B 340 -161.61 -24.48 49.47
N PHE B 341 -160.33 -24.76 49.23
CA PHE B 341 -159.57 -23.98 48.26
C PHE B 341 -160.14 -24.14 46.86
N ARG B 342 -160.52 -25.36 46.49
CA ARG B 342 -161.09 -25.58 45.17
C ARG B 342 -162.39 -24.82 45.00
N SER B 343 -163.23 -24.81 46.03
CA SER B 343 -164.51 -24.10 45.94
C SER B 343 -164.29 -22.62 45.66
N PHE B 344 -163.24 -22.04 46.24
CA PHE B 344 -162.96 -20.64 45.98
C PHE B 344 -162.32 -20.43 44.61
N CYS B 345 -161.57 -21.40 44.11
CA CYS B 345 -161.03 -21.29 42.77
C CYS B 345 -162.15 -21.24 41.73
N ASN B 346 -163.19 -22.05 41.91
CA ASN B 346 -164.32 -22.02 41.00
C ASN B 346 -165.03 -20.67 41.06
N LEU B 347 -164.96 -19.99 42.20
CA LEU B 347 -165.60 -18.67 42.30
C LEU B 347 -164.80 -17.61 41.56
N SER B 348 -163.47 -17.65 41.69
CA SER B 348 -162.64 -16.63 41.05
C SER B 348 -162.59 -16.80 39.53
N THR B 349 -162.67 -18.04 39.05
CA THR B 349 -162.52 -18.31 37.62
C THR B 349 -163.69 -17.77 36.81
N LYS B 350 -164.77 -17.34 37.45
CA LYS B 350 -165.94 -16.86 36.74
C LYS B 350 -165.60 -15.66 35.87
N ILE B 351 -166.41 -15.43 34.84
CA ILE B 351 -166.18 -14.40 33.83
C ILE B 351 -164.83 -14.63 33.15
N TYR B 358 -166.28 -2.37 37.18
CA TYR B 358 -167.66 -1.93 37.15
C TYR B 358 -168.48 -2.61 38.24
N ASP B 359 -169.38 -1.84 38.85
CA ASP B 359 -170.28 -2.33 39.89
C ASP B 359 -169.49 -3.00 41.02
N LEU B 360 -168.64 -2.21 41.67
CA LEU B 360 -167.85 -2.74 42.77
C LEU B 360 -168.71 -3.25 43.92
N ARG B 361 -169.93 -2.74 44.06
CA ARG B 361 -170.87 -3.26 45.05
C ARG B 361 -171.84 -4.26 44.45
N GLY B 362 -171.71 -4.59 43.18
CA GLY B 362 -172.58 -5.57 42.56
C GLY B 362 -172.27 -6.98 43.05
N GLN B 363 -173.21 -7.89 42.75
CA GLN B 363 -173.03 -9.26 43.22
C GLN B 363 -171.95 -10.01 42.46
N PRO B 364 -171.96 -10.10 41.13
CA PRO B 364 -170.91 -10.88 40.46
C PRO B 364 -169.51 -10.35 40.71
N MET B 365 -169.35 -9.03 40.84
CA MET B 365 -168.04 -8.48 41.13
C MET B 365 -167.61 -8.81 42.55
N ARG B 366 -168.50 -8.58 43.52
CA ARG B 366 -168.13 -8.81 44.92
C ARG B 366 -167.81 -10.27 45.19
N SER B 367 -168.43 -11.18 44.44
CA SER B 367 -168.09 -12.59 44.57
C SER B 367 -166.64 -12.85 44.20
N LYS B 368 -166.17 -12.21 43.13
CA LYS B 368 -164.78 -12.39 42.71
C LYS B 368 -163.81 -11.85 43.76
N LEU B 369 -164.11 -10.68 44.33
CA LEU B 369 -163.20 -10.08 45.30
C LEU B 369 -163.06 -10.95 46.54
N ILE B 370 -164.18 -11.40 47.11
CA ILE B 370 -164.10 -12.22 48.31
C ILE B 370 -163.43 -13.55 48.01
N SER B 371 -163.66 -14.09 46.81
CA SER B 371 -162.99 -15.33 46.43
C SER B 371 -161.48 -15.15 46.38
N LEU B 372 -161.01 -14.03 45.81
CA LEU B 372 -159.58 -13.79 45.74
C LEU B 372 -158.99 -13.52 47.12
N HIS B 373 -159.62 -12.63 47.89
CA HIS B 373 -159.04 -12.23 49.16
C HIS B 373 -158.92 -13.42 50.10
N LEU B 374 -159.89 -14.34 50.05
CA LEU B 374 -159.77 -15.57 50.81
C LEU B 374 -158.61 -16.42 50.32
N ILE B 375 -158.43 -16.52 49.00
CA ILE B 375 -157.31 -17.27 48.45
C ILE B 375 -156.00 -16.63 48.88
N HIS B 376 -155.91 -15.31 48.80
CA HIS B 376 -154.71 -14.62 49.25
C HIS B 376 -154.51 -14.81 50.74
N THR B 377 -155.59 -14.74 51.53
CA THR B 377 -155.47 -14.95 52.97
C THR B 377 -154.99 -16.36 53.29
N LEU B 378 -155.53 -17.36 52.59
CA LEU B 378 -155.07 -18.73 52.80
C LEU B 378 -153.60 -18.87 52.46
N LEU B 379 -153.16 -18.26 51.36
CA LEU B 379 -151.75 -18.29 51.00
C LEU B 379 -150.90 -17.57 52.04
N ASN B 380 -151.37 -16.42 52.53
CA ASN B 380 -150.55 -15.60 53.41
C ASN B 380 -150.48 -16.20 54.81
N ASN B 381 -151.62 -16.54 55.39
CA ASN B 381 -151.65 -16.96 56.79
C ASN B 381 -151.31 -18.42 56.99
N HIS B 382 -151.20 -19.21 55.93
CA HIS B 382 -150.87 -20.63 56.05
C HIS B 382 -149.89 -21.03 54.96
N ILE B 383 -148.89 -20.19 54.71
CA ILE B 383 -147.92 -20.47 53.66
C ILE B 383 -147.13 -21.73 53.97
N THR B 384 -146.87 -22.00 55.25
CA THR B 384 -146.15 -23.20 55.62
C THR B 384 -146.92 -24.47 55.27
N VAL B 385 -148.24 -24.39 55.13
CA VAL B 385 -149.02 -25.56 54.73
C VAL B 385 -148.72 -25.94 53.30
N PHE B 386 -148.72 -24.95 52.39
CA PHE B 386 -148.53 -25.24 50.98
C PHE B 386 -147.11 -25.71 50.69
N THR B 387 -146.12 -25.06 51.29
CA THR B 387 -144.73 -25.35 50.96
C THR B 387 -144.18 -26.56 51.69
N SER B 388 -144.93 -27.14 52.62
CA SER B 388 -144.44 -28.30 53.36
C SER B 388 -144.59 -29.55 52.50
N PRO B 389 -143.50 -30.24 52.18
CA PRO B 389 -143.62 -31.46 51.37
C PRO B 389 -144.33 -32.60 52.08
N LEU B 390 -144.44 -32.56 53.39
CA LEU B 390 -145.13 -33.63 54.11
C LEU B 390 -146.61 -33.68 53.75
N CYS B 391 -147.25 -32.53 53.62
CA CYS B 391 -148.67 -32.45 53.30
C CYS B 391 -148.94 -33.06 51.94
N THR B 392 -149.63 -34.21 51.91
CA THR B 392 -149.92 -34.90 50.67
C THR B 392 -151.41 -35.20 50.59
N ILE B 393 -151.89 -35.38 49.36
CA ILE B 393 -153.29 -35.64 49.09
C ILE B 393 -153.39 -36.86 48.17
N ARG B 394 -154.30 -37.77 48.50
CA ARG B 394 -154.49 -38.96 47.68
C ARG B 394 -155.12 -38.59 46.34
N ASN B 395 -154.65 -39.23 45.28
CA ASN B 395 -155.14 -38.95 43.94
C ASN B 395 -156.52 -39.56 43.74
N THR B 396 -157.18 -39.14 42.65
CA THR B 396 -158.53 -39.59 42.33
C THR B 396 -158.52 -40.75 41.33
N LYS B 397 -157.94 -40.52 40.15
CA LYS B 397 -157.90 -41.54 39.12
C LYS B 397 -156.72 -42.49 39.27
N ASN B 398 -155.78 -42.18 40.15
CA ASN B 398 -154.64 -43.06 40.40
C ASN B 398 -154.50 -43.49 41.86
N ASN B 399 -155.16 -42.79 42.79
CA ASN B 399 -155.07 -43.11 44.21
C ASN B 399 -153.62 -43.16 44.69
N GLU B 400 -152.82 -42.22 44.19
CA GLU B 400 -151.43 -42.11 44.55
C GLU B 400 -151.19 -40.83 45.33
N PRO B 401 -150.53 -40.90 46.48
CA PRO B 401 -150.27 -39.68 47.25
C PRO B 401 -149.42 -38.71 46.45
N THR B 402 -149.84 -37.44 46.43
CA THR B 402 -149.13 -36.40 45.71
C THR B 402 -149.04 -35.16 46.60
N ASN B 403 -148.05 -34.33 46.30
CA ASN B 403 -147.86 -33.11 47.06
C ASN B 403 -149.09 -32.20 46.94
N PHE B 404 -149.43 -31.54 48.05
CA PHE B 404 -150.60 -30.68 48.05
C PHE B 404 -150.45 -29.55 47.05
N LEU B 405 -149.25 -28.97 46.95
CA LEU B 405 -149.05 -27.87 46.02
C LEU B 405 -149.27 -28.31 44.58
N GLN B 406 -148.75 -29.48 44.20
CA GLN B 406 -148.97 -29.97 42.85
C GLN B 406 -150.45 -30.21 42.58
N ALA B 407 -151.22 -30.54 43.61
CA ALA B 407 -152.64 -30.74 43.42
C ALA B 407 -153.34 -29.42 43.06
N ILE B 408 -152.94 -28.32 43.69
CA ILE B 408 -153.56 -27.03 43.45
C ILE B 408 -152.71 -26.16 42.53
N LYS B 409 -151.67 -26.72 41.92
CA LYS B 409 -150.82 -25.94 41.02
C LYS B 409 -151.63 -25.42 39.84
N TYR B 410 -152.50 -26.26 39.27
CA TYR B 410 -153.33 -25.82 38.16
C TYR B 410 -154.40 -24.84 38.63
N TYR B 411 -155.03 -25.09 39.78
CA TYR B 411 -156.10 -24.22 40.24
C TYR B 411 -155.60 -22.83 40.56
N LEU B 412 -154.45 -22.73 41.25
CA LEU B 412 -153.93 -21.42 41.62
C LEU B 412 -153.49 -20.63 40.40
N CYS B 413 -152.80 -21.27 39.47
CA CYS B 413 -152.37 -20.59 38.26
C CYS B 413 -153.57 -20.12 37.43
N LEU B 414 -154.59 -20.97 37.30
CA LEU B 414 -155.78 -20.58 36.56
C LEU B 414 -156.50 -19.42 37.24
N SER B 415 -156.31 -19.28 38.56
CA SER B 415 -156.89 -18.16 39.29
C SER B 415 -156.19 -16.84 38.99
N ILE B 416 -155.07 -16.87 38.28
CA ILE B 416 -154.35 -15.66 37.91
C ILE B 416 -154.43 -15.39 36.42
N THR B 417 -154.30 -16.44 35.60
CA THR B 417 -154.26 -16.26 34.15
C THR B 417 -155.53 -15.59 33.64
N ARG B 418 -156.70 -16.09 34.05
CA ARG B 418 -157.97 -15.58 33.59
C ARG B 418 -158.50 -14.46 34.47
N ASN B 419 -157.76 -14.07 35.50
CA ASN B 419 -158.30 -13.16 36.49
C ASN B 419 -157.36 -11.98 36.67
N GLY B 420 -156.06 -12.25 36.59
CA GLY B 420 -155.08 -11.19 36.70
C GLY B 420 -155.08 -10.28 35.49
N ALA B 421 -154.39 -9.14 35.64
CA ALA B 421 -154.30 -8.12 34.60
C ALA B 421 -155.69 -7.66 34.15
N SER B 422 -156.60 -7.56 35.11
CA SER B 422 -157.94 -7.09 34.82
C SER B 422 -157.95 -5.58 34.58
N SER B 423 -159.05 -5.09 34.03
CA SER B 423 -159.22 -3.67 33.79
C SER B 423 -159.71 -2.92 35.02
N VAL B 424 -160.00 -3.61 36.11
CA VAL B 424 -160.42 -2.99 37.35
C VAL B 424 -159.28 -3.10 38.36
N ASP B 425 -159.00 -1.99 39.04
CA ASP B 425 -157.80 -1.89 39.87
C ASP B 425 -157.83 -2.86 41.04
N ARG B 426 -158.97 -2.96 41.74
CA ARG B 426 -159.03 -3.72 42.97
C ARG B 426 -158.77 -5.20 42.72
N VAL B 427 -159.30 -5.74 41.62
CA VAL B 427 -159.04 -7.13 41.29
C VAL B 427 -157.57 -7.34 40.98
N PHE B 428 -156.99 -6.45 40.17
CA PHE B 428 -155.56 -6.54 39.86
C PHE B 428 -154.71 -6.36 41.11
N ASP B 429 -155.15 -5.48 42.02
CA ASP B 429 -154.36 -5.20 43.21
C ASP B 429 -154.20 -6.45 44.06
N ILE B 430 -155.27 -7.23 44.23
CA ILE B 430 -155.17 -8.45 45.02
C ILE B 430 -154.58 -9.59 44.20
N CYS B 431 -154.68 -9.52 42.87
CA CYS B 431 -154.07 -10.54 42.04
C CYS B 431 -152.54 -10.52 42.17
N CYS B 432 -151.96 -9.33 42.26
CA CYS B 432 -150.51 -9.21 42.39
C CYS B 432 -150.02 -9.84 43.69
N GLU B 433 -150.79 -9.67 44.78
CA GLU B 433 -150.38 -10.23 46.06
C GLU B 433 -150.23 -11.75 45.98
N ILE B 434 -151.17 -12.43 45.32
CA ILE B 434 -151.10 -13.87 45.21
C ILE B 434 -149.87 -14.28 44.42
N PHE B 435 -149.62 -13.61 43.30
CA PHE B 435 -148.45 -13.91 42.49
C PHE B 435 -147.17 -13.66 43.27
N TRP B 436 -147.10 -12.53 43.98
CA TRP B 436 -145.91 -12.23 44.76
C TRP B 436 -145.69 -13.27 45.85
N LEU B 437 -146.77 -13.74 46.46
CA LEU B 437 -146.64 -14.86 47.38
C LEU B 437 -146.15 -16.10 46.66
N MET B 438 -146.61 -16.30 45.41
CA MET B 438 -146.05 -17.37 44.60
C MET B 438 -144.61 -17.08 44.22
N LEU B 439 -144.24 -15.80 44.12
CA LEU B 439 -142.91 -15.45 43.67
C LEU B 439 -141.87 -15.66 44.76
N LYS B 440 -142.21 -15.34 46.01
CA LYS B 440 -141.23 -15.33 47.08
C LYS B 440 -141.10 -16.66 47.81
N TYR B 441 -142.18 -17.43 47.91
CA TYR B 441 -142.17 -18.66 48.70
C TYR B 441 -142.37 -19.91 47.88
N MET B 442 -142.60 -19.80 46.57
CA MET B 442 -143.19 -20.88 45.81
C MET B 442 -142.43 -21.12 44.50
N ARG B 443 -141.20 -20.63 44.41
CA ARG B 443 -140.47 -20.64 43.14
C ARG B 443 -140.16 -22.05 42.67
N SER B 444 -139.78 -22.93 43.59
CA SER B 444 -139.28 -24.25 43.19
C SER B 444 -140.34 -25.04 42.44
N SER B 445 -141.59 -24.97 42.88
CA SER B 445 -142.68 -25.69 42.23
C SER B 445 -143.33 -24.89 41.11
N PHE B 446 -142.83 -23.68 40.82
CA PHE B 446 -143.41 -22.84 39.79
C PHE B 446 -142.31 -22.20 38.95
N LYS B 447 -141.31 -22.99 38.56
CA LYS B 447 -140.23 -22.48 37.75
C LYS B 447 -140.72 -22.01 36.39
N ASN B 448 -141.64 -22.76 35.78
CA ASN B 448 -142.10 -22.42 34.44
C ASN B 448 -143.20 -21.36 34.47
N GLU B 449 -144.15 -21.48 35.39
CA GLU B 449 -145.32 -20.61 35.39
C GLU B 449 -144.94 -19.17 35.69
N ILE B 450 -144.00 -18.95 36.61
CA ILE B 450 -143.60 -17.60 36.96
C ILE B 450 -143.04 -16.89 35.74
N GLU B 451 -142.37 -17.62 34.86
CA GLU B 451 -141.88 -17.03 33.61
C GLU B 451 -143.04 -16.50 32.78
N VAL B 452 -144.10 -17.30 32.64
CA VAL B 452 -145.23 -16.90 31.80
C VAL B 452 -145.94 -15.69 32.41
N PHE B 453 -146.14 -15.70 33.73
CA PHE B 453 -146.85 -14.61 34.37
C PHE B 453 -146.11 -13.29 34.19
N LEU B 454 -144.80 -13.29 34.43
CA LEU B 454 -144.03 -12.06 34.29
C LEU B 454 -144.00 -11.58 32.85
N ASN B 455 -143.72 -12.48 31.91
CA ASN B 455 -143.54 -12.07 30.52
C ASN B 455 -144.86 -11.63 29.89
N GLU B 456 -145.92 -12.42 30.06
CA GLU B 456 -147.15 -12.20 29.32
C GLU B 456 -148.14 -11.29 30.02
N ILE B 457 -148.07 -11.20 31.35
CA ILE B 457 -149.05 -10.44 32.12
C ILE B 457 -148.43 -9.18 32.71
N TYR B 458 -147.36 -9.32 33.49
CA TYR B 458 -146.86 -8.21 34.30
C TYR B 458 -145.86 -7.33 33.55
N LEU B 459 -144.77 -7.91 33.06
CA LEU B 459 -143.80 -7.11 32.33
C LEU B 459 -144.41 -6.52 31.06
N ALA B 460 -145.32 -7.24 30.42
CA ALA B 460 -146.08 -6.67 29.32
C ALA B 460 -146.92 -5.50 29.79
N LEU B 461 -147.48 -5.60 31.00
CA LEU B 461 -148.20 -4.47 31.58
C LEU B 461 -147.28 -3.28 31.78
N LEU B 462 -146.06 -3.52 32.24
CA LEU B 462 -145.09 -2.44 32.37
C LEU B 462 -144.69 -1.89 31.01
N ALA B 463 -144.58 -2.76 30.00
CA ALA B 463 -144.16 -2.31 28.68
C ALA B 463 -145.23 -1.49 27.98
N ARG B 464 -146.50 -1.80 28.22
CA ARG B 464 -147.58 -1.10 27.53
C ARG B 464 -147.58 0.38 27.87
N ARG B 465 -147.68 1.21 26.83
CA ARG B 465 -147.72 2.65 27.04
C ARG B 465 -149.07 3.14 27.54
N ASN B 466 -150.14 2.43 27.18
CA ASN B 466 -151.49 2.81 27.57
C ASN B 466 -151.96 2.09 28.84
N ALA B 467 -151.11 1.29 29.47
CA ALA B 467 -151.51 0.56 30.66
C ALA B 467 -151.85 1.52 31.79
N PRO B 468 -152.81 1.18 32.64
CA PRO B 468 -153.17 2.07 33.74
C PRO B 468 -152.00 2.29 34.70
N LEU B 469 -151.90 3.51 35.21
CA LEU B 469 -150.82 3.83 36.14
C LEU B 469 -151.04 3.16 37.49
N SER B 470 -152.30 3.05 37.92
CA SER B 470 -152.58 2.43 39.22
C SER B 470 -152.11 0.99 39.24
N GLN B 471 -152.33 0.26 38.15
CA GLN B 471 -151.83 -1.11 38.07
C GLN B 471 -150.31 -1.13 37.98
N LYS B 472 -149.73 -0.18 37.24
CA LYS B 472 -148.27 -0.14 37.09
C LYS B 472 -147.59 0.07 38.43
N LEU B 473 -148.05 1.06 39.19
CA LEU B 473 -147.44 1.35 40.49
C LEU B 473 -147.58 0.18 41.45
N THR B 474 -148.73 -0.50 41.40
CA THR B 474 -148.94 -1.63 42.29
C THR B 474 -147.91 -2.72 42.05
N PHE B 475 -147.64 -3.05 40.78
CA PHE B 475 -146.62 -4.05 40.50
C PHE B 475 -145.23 -3.54 40.83
N VAL B 476 -144.97 -2.25 40.63
CA VAL B 476 -143.67 -1.69 40.99
C VAL B 476 -143.41 -1.89 42.47
N GLY B 477 -144.44 -1.71 43.29
CA GLY B 477 -144.31 -2.03 44.71
C GLY B 477 -143.95 -3.48 44.94
N ILE B 478 -144.50 -4.38 44.13
CA ILE B 478 -144.13 -5.78 44.21
C ILE B 478 -142.67 -5.97 43.85
N LEU B 479 -142.21 -5.31 42.78
CA LEU B 479 -140.82 -5.39 42.39
C LEU B 479 -139.91 -4.86 43.49
N LYS B 480 -140.27 -3.73 44.08
CA LYS B 480 -139.51 -3.23 45.22
C LYS B 480 -139.55 -4.23 46.37
N ARG B 481 -140.72 -4.82 46.62
CA ARG B 481 -140.82 -5.88 47.61
C ARG B 481 -140.02 -7.10 47.20
N LEU B 482 -139.88 -7.33 45.88
CA LEU B 482 -139.08 -8.44 45.40
C LEU B 482 -137.59 -8.15 45.49
N CYS B 483 -137.20 -6.89 45.38
CA CYS B 483 -135.78 -6.56 45.28
C CYS B 483 -135.02 -6.93 46.55
N GLU B 484 -135.62 -6.74 47.71
CA GLU B 484 -134.90 -6.97 48.96
C GLU B 484 -134.43 -8.41 49.12
N ASP B 485 -135.12 -9.36 48.51
CA ASP B 485 -134.72 -10.76 48.65
C ASP B 485 -133.57 -11.06 47.70
N PRO B 486 -132.40 -11.46 48.21
CA PRO B 486 -131.31 -11.82 47.29
C PRO B 486 -131.53 -13.17 46.62
N ARG B 487 -132.01 -14.16 47.37
CA ARG B 487 -132.24 -15.48 46.79
C ARG B 487 -133.29 -15.42 45.68
N ALA B 488 -134.35 -14.65 45.90
CA ALA B 488 -135.40 -14.53 44.88
C ALA B 488 -134.90 -13.84 43.62
N LEU B 489 -133.74 -13.18 43.68
CA LEU B 489 -133.17 -12.53 42.51
C LEU B 489 -132.24 -13.47 41.74
N VAL B 490 -131.25 -14.05 42.43
CA VAL B 490 -130.31 -14.94 41.76
C VAL B 490 -131.02 -16.18 41.23
N GLU B 491 -131.94 -16.74 42.02
CA GLU B 491 -132.73 -17.86 41.52
C GLU B 491 -133.58 -17.44 40.33
N LEU B 492 -134.01 -16.18 40.30
CA LEU B 492 -134.69 -15.67 39.12
C LEU B 492 -133.73 -15.52 37.96
N TYR B 493 -132.48 -15.16 38.23
CA TYR B 493 -131.50 -15.02 37.16
C TYR B 493 -131.08 -16.38 36.63
N LEU B 494 -130.80 -17.33 37.53
CA LEU B 494 -130.26 -18.62 37.10
C LEU B 494 -131.30 -19.42 36.33
N ASN B 495 -132.51 -19.53 36.86
CA ASN B 495 -133.51 -20.40 36.25
C ASN B 495 -134.09 -19.82 34.97
N TYR B 496 -133.96 -18.51 34.76
CA TYR B 496 -134.61 -17.87 33.62
C TYR B 496 -133.63 -17.24 32.65
N ASP B 497 -132.73 -16.37 33.12
CA ASP B 497 -131.84 -15.67 32.21
C ASP B 497 -130.71 -16.55 31.71
N CYS B 498 -130.17 -17.42 32.57
CA CYS B 498 -129.09 -18.30 32.15
C CYS B 498 -129.56 -19.24 31.04
N ASN B 499 -130.78 -19.75 31.13
CA ASN B 499 -131.33 -20.56 30.07
C ASN B 499 -131.50 -19.73 28.81
N GLN B 500 -131.04 -20.26 27.67
CA GLN B 500 -131.08 -19.51 26.43
C GLN B 500 -132.50 -19.41 25.89
N ASN B 501 -133.23 -20.52 25.89
CA ASN B 501 -134.59 -20.51 25.35
C ASN B 501 -135.51 -19.63 26.16
N VAL B 502 -135.36 -19.64 27.48
CA VAL B 502 -136.20 -18.81 28.34
C VAL B 502 -135.87 -17.35 28.10
N ASP B 503 -136.92 -16.52 27.99
CA ASP B 503 -136.74 -15.11 27.71
C ASP B 503 -136.03 -14.42 28.88
N ASN B 504 -135.33 -13.34 28.56
CA ASN B 504 -134.58 -12.58 29.55
C ASN B 504 -135.54 -11.98 30.58
N ILE B 505 -135.29 -12.28 31.85
CA ILE B 505 -136.21 -11.89 32.92
C ILE B 505 -135.59 -10.86 33.84
N PHE B 506 -134.48 -11.21 34.48
CA PHE B 506 -133.89 -10.31 35.46
C PHE B 506 -133.42 -9.01 34.80
N GLN B 507 -132.79 -9.12 33.62
CA GLN B 507 -132.29 -7.93 32.95
C GLN B 507 -133.43 -7.00 32.57
N THR B 508 -134.55 -7.55 32.12
CA THR B 508 -135.64 -6.69 31.65
C THR B 508 -136.39 -6.03 32.80
N ILE B 509 -136.52 -6.69 33.95
CA ILE B 509 -137.20 -6.04 35.07
C ILE B 509 -136.32 -4.93 35.65
N VAL B 510 -135.01 -5.15 35.73
CA VAL B 510 -134.11 -4.10 36.17
C VAL B 510 -134.10 -2.97 35.15
N GLU B 511 -134.13 -3.30 33.87
CA GLU B 511 -134.23 -2.26 32.85
C GLU B 511 -135.56 -1.51 32.95
N ASP B 512 -136.65 -2.24 33.19
CA ASP B 512 -137.95 -1.61 33.27
C ASP B 512 -138.07 -0.67 34.46
N LEU B 513 -137.36 -0.95 35.56
CA LEU B 513 -137.39 -0.04 36.70
C LEU B 513 -136.77 1.31 36.34
N SER B 514 -135.64 1.29 35.63
CA SER B 514 -134.94 2.52 35.33
C SER B 514 -135.77 3.45 34.45
N ARG B 515 -136.48 2.88 33.48
CA ARG B 515 -137.35 3.70 32.63
C ARG B 515 -138.33 4.50 33.47
N PHE B 516 -138.80 3.92 34.58
CA PHE B 516 -139.67 4.64 35.48
C PHE B 516 -138.93 5.63 36.37
N ALA B 517 -137.61 5.49 36.48
CA ALA B 517 -136.83 6.29 37.42
C ALA B 517 -136.21 7.52 36.78
N THR B 518 -136.58 7.86 35.55
CA THR B 518 -135.97 8.97 34.84
C THR B 518 -136.94 10.13 34.61
N ALA B 519 -138.10 9.87 34.01
CA ALA B 519 -139.05 10.94 33.74
C ALA B 519 -139.59 11.52 35.05
N SER B 520 -139.78 12.83 35.08
CA SER B 520 -140.20 13.52 36.29
C SER B 520 -141.15 14.65 35.92
N VAL B 521 -142.41 14.50 36.29
CA VAL B 521 -143.41 15.55 36.11
C VAL B 521 -143.31 16.62 37.20
N PRO B 522 -143.35 16.28 38.50
CA PRO B 522 -143.43 17.33 39.52
C PRO B 522 -142.22 18.25 39.50
N ILE B 523 -142.48 19.54 39.74
CA ILE B 523 -141.43 20.54 39.77
C ILE B 523 -141.44 21.26 41.11
N THR B 524 -142.61 21.28 41.76
CA THR B 524 -142.73 21.96 43.04
C THR B 524 -142.02 21.16 44.12
N PRO B 525 -141.02 21.72 44.79
CA PRO B 525 -140.28 20.94 45.80
C PRO B 525 -141.14 20.44 46.94
N THR B 526 -142.19 21.18 47.32
CA THR B 526 -143.04 20.73 48.41
C THR B 526 -143.75 19.42 48.08
N GLN B 527 -143.93 19.11 46.79
CA GLN B 527 -144.43 17.78 46.43
C GLN B 527 -143.44 16.70 46.87
N GLU B 528 -142.15 16.95 46.67
CA GLU B 528 -141.13 16.03 47.17
C GLU B 528 -141.16 15.95 48.68
N GLN B 529 -141.34 17.09 49.35
CA GLN B 529 -141.43 17.09 50.80
C GLN B 529 -142.64 16.31 51.29
N GLN B 530 -143.78 16.46 50.62
CA GLN B 530 -144.97 15.75 51.03
C GLN B 530 -144.79 14.24 50.92
N TYR B 531 -144.19 13.77 49.82
CA TYR B 531 -143.95 12.34 49.66
C TYR B 531 -143.00 11.82 50.73
N GLU B 532 -141.93 12.58 51.01
CA GLU B 532 -141.02 12.18 52.06
C GLU B 532 -141.73 12.15 53.42
N GLU B 533 -142.57 13.14 53.67
CA GLU B 533 -143.42 13.10 54.86
C GLU B 533 -144.38 11.92 54.80
N SER B 534 -144.84 11.56 53.60
CA SER B 534 -145.77 10.45 53.42
C SER B 534 -145.03 9.11 53.51
N ARG B 535 -144.43 8.88 54.68
CA ARG B 535 -143.70 7.66 54.96
C ARG B 535 -144.19 7.09 56.29
N SER B 536 -144.51 5.80 56.29
CA SER B 536 -144.99 5.14 57.51
C SER B 536 -143.83 4.69 58.38
N THR B 540 -140.60 -0.48 53.96
CA THR B 540 -139.56 -1.27 54.61
C THR B 540 -139.53 -2.69 54.07
N ALA B 541 -138.84 -3.57 54.79
CA ALA B 541 -138.73 -4.97 54.35
C ALA B 541 -140.10 -5.65 54.42
N GLY B 542 -140.41 -6.43 53.40
CA GLY B 542 -141.67 -7.14 53.34
C GLY B 542 -141.73 -8.32 54.31
N GLU B 543 -142.53 -8.18 55.36
CA GLU B 543 -142.72 -9.23 56.35
C GLU B 543 -144.20 -9.54 56.47
N TRP B 544 -144.52 -10.80 56.71
CA TRP B 544 -145.88 -11.31 56.55
C TRP B 544 -146.55 -11.57 57.89
N GLN B 545 -147.87 -11.42 57.89
CA GLN B 545 -148.70 -11.53 59.09
C GLN B 545 -150.11 -11.91 58.66
N ILE B 546 -151.05 -11.85 59.60
CA ILE B 546 -152.44 -12.10 59.27
C ILE B 546 -152.98 -10.97 58.40
N LYS B 547 -153.72 -11.33 57.35
CA LYS B 547 -154.22 -10.36 56.39
C LYS B 547 -155.72 -10.58 56.19
N SER B 548 -156.47 -9.48 56.09
CA SER B 548 -157.91 -9.56 55.92
C SER B 548 -158.41 -8.28 55.24
N VAL B 549 -159.60 -8.35 54.67
CA VAL B 549 -160.25 -7.21 54.01
C VAL B 549 -161.68 -7.09 54.51
N LEU B 550 -162.40 -6.10 53.98
CA LEU B 550 -163.81 -5.91 54.30
C LEU B 550 -164.49 -5.11 53.18
N PRO B 551 -165.17 -5.77 52.26
CA PRO B 551 -166.13 -5.10 51.37
C PRO B 551 -167.54 -5.15 51.93
N PRO B 552 -167.90 -4.25 52.86
CA PRO B 552 -169.18 -4.40 53.58
C PRO B 552 -170.38 -4.41 52.64
N PRO B 553 -170.53 -3.42 51.73
CA PRO B 553 -171.76 -3.55 50.94
C PRO B 553 -171.72 -4.71 49.95
N LEU B 569 -147.86 13.47 45.74
CA LEU B 569 -149.25 13.19 45.36
C LEU B 569 -149.41 12.53 43.99
N PRO B 570 -148.76 13.04 42.93
CA PRO B 570 -148.93 12.42 41.62
C PRO B 570 -148.49 10.96 41.63
N LYS B 571 -149.24 10.13 40.92
CA LYS B 571 -148.91 8.71 40.86
C LYS B 571 -147.57 8.48 40.18
N GLU B 572 -147.28 9.28 39.15
CA GLU B 572 -146.03 9.07 38.40
C GLU B 572 -144.81 9.30 39.28
N TYR B 573 -144.83 10.33 40.10
CA TYR B 573 -143.65 10.66 40.91
C TYR B 573 -143.34 9.56 41.92
N VAL B 574 -144.35 9.17 42.71
CA VAL B 574 -144.13 8.09 43.68
C VAL B 574 -143.78 6.81 42.96
N MET B 575 -144.35 6.59 41.78
CA MET B 575 -143.95 5.45 40.95
C MET B 575 -142.49 5.56 40.55
N LYS B 576 -142.02 6.78 40.28
CA LYS B 576 -140.59 6.96 39.99
C LYS B 576 -139.75 6.71 41.24
N ARG B 577 -140.14 7.31 42.36
CA ARG B 577 -139.35 7.17 43.59
C ARG B 577 -139.28 5.72 44.03
N THR B 578 -140.38 4.98 43.91
CA THR B 578 -140.35 3.57 44.25
C THR B 578 -139.43 2.79 43.32
N ALA B 579 -139.45 3.13 42.02
CA ALA B 579 -138.53 2.47 41.09
C ALA B 579 -137.08 2.74 41.46
N LEU B 580 -136.75 4.01 41.72
CA LEU B 580 -135.39 4.36 42.11
C LEU B 580 -135.01 3.68 43.41
N ASP B 581 -135.89 3.70 44.40
CA ASP B 581 -135.62 3.05 45.67
C ASP B 581 -135.51 1.54 45.52
N SER B 582 -136.11 0.97 44.48
CA SER B 582 -135.99 -0.47 44.27
C SER B 582 -134.60 -0.85 43.77
N LEU B 583 -134.06 -0.09 42.80
CA LEU B 583 -132.73 -0.39 42.29
C LEU B 583 -131.67 -0.22 43.36
N VAL B 584 -131.77 0.85 44.15
CA VAL B 584 -130.87 1.00 45.28
C VAL B 584 -131.03 -0.19 46.22
N GLU B 585 -132.27 -0.64 46.43
CA GLU B 585 -132.49 -1.89 47.16
C GLU B 585 -131.92 -3.07 46.39
N THR B 586 -132.06 -3.07 45.07
CA THR B 586 -131.54 -4.18 44.27
C THR B 586 -130.03 -4.32 44.43
N LEU B 587 -129.31 -3.20 44.38
CA LEU B 587 -127.87 -3.24 44.61
C LEU B 587 -127.56 -3.62 46.05
N ARG B 588 -128.28 -3.04 47.01
CA ARG B 588 -128.05 -3.38 48.40
C ARG B 588 -128.29 -4.86 48.66
N SER B 589 -129.26 -5.45 47.96
CA SER B 589 -129.48 -6.88 48.07
C SER B 589 -128.35 -7.67 47.40
N LEU B 590 -127.83 -7.15 46.28
CA LEU B 590 -126.78 -7.87 45.57
C LEU B 590 -125.49 -7.93 46.38
N VAL B 591 -125.07 -6.81 46.95
CA VAL B 591 -123.83 -6.81 47.72
C VAL B 591 -123.96 -7.71 48.93
N HIS B 592 -125.17 -7.84 49.48
CA HIS B 592 -125.38 -8.76 50.59
C HIS B 592 -125.20 -10.20 50.13
N TRP B 593 -125.65 -10.51 48.91
CA TRP B 593 -125.45 -11.85 48.36
C TRP B 593 -124.03 -12.07 47.86
N SER B 594 -123.28 -11.00 47.64
CA SER B 594 -121.91 -11.15 47.16
C SER B 594 -121.01 -11.76 48.23
N GLN B 595 -121.15 -11.32 49.47
CA GLN B 595 -120.30 -11.76 50.56
C GLN B 595 -120.53 -13.23 50.89
N THR B 658 -84.52 -39.90 84.92
CA THR B 658 -85.68 -40.30 85.69
C THR B 658 -86.69 -39.17 85.80
N ALA B 659 -86.54 -38.16 84.93
CA ALA B 659 -87.42 -37.00 84.93
C ALA B 659 -87.26 -36.30 83.58
N MET B 660 -87.80 -35.08 83.48
CA MET B 660 -87.61 -34.17 82.36
C MET B 660 -88.43 -34.68 81.17
N THR B 661 -88.99 -35.89 81.29
CA THR B 661 -89.80 -36.44 80.21
C THR B 661 -91.04 -35.58 79.95
N ASN B 662 -91.67 -35.09 81.02
CA ASN B 662 -92.84 -34.22 80.88
C ASN B 662 -92.46 -32.78 80.52
N ALA B 663 -91.18 -32.42 80.60
CA ALA B 663 -90.79 -31.05 80.30
C ALA B 663 -91.01 -30.71 78.84
N ILE B 664 -90.91 -31.70 77.94
CA ILE B 664 -91.07 -31.43 76.52
C ILE B 664 -92.50 -30.97 76.23
N LYS B 665 -93.49 -31.61 76.85
CA LYS B 665 -94.89 -31.33 76.53
C LYS B 665 -95.29 -29.90 76.82
N VAL B 666 -94.55 -29.20 77.69
CA VAL B 666 -94.91 -27.82 78.03
C VAL B 666 -94.75 -26.92 76.81
N PHE B 667 -93.65 -27.07 76.07
CA PHE B 667 -93.43 -26.24 74.89
C PHE B 667 -94.45 -26.54 73.81
N ASN B 668 -95.00 -27.76 73.78
CA ASN B 668 -95.90 -28.15 72.71
C ASN B 668 -97.15 -27.28 72.64
N PHE B 669 -97.48 -26.57 73.71
CA PHE B 669 -98.62 -25.66 73.71
C PHE B 669 -98.25 -24.24 74.10
N LYS B 670 -97.33 -24.07 75.05
CA LYS B 670 -96.88 -22.75 75.46
C LYS B 670 -95.39 -22.61 75.17
N PRO B 671 -95.00 -21.93 74.09
CA PRO B 671 -93.58 -21.90 73.71
C PRO B 671 -92.71 -21.18 74.74
N LYS B 672 -93.05 -19.95 75.09
CA LYS B 672 -92.24 -19.20 76.04
C LYS B 672 -92.21 -19.87 77.41
N HIS B 673 -93.36 -20.36 77.86
CA HIS B 673 -93.40 -21.08 79.13
C HIS B 673 -92.59 -22.37 79.05
N GLY B 674 -92.66 -23.07 77.93
CA GLY B 674 -91.90 -24.30 77.79
C GLY B 674 -90.40 -24.07 77.87
N ILE B 675 -89.91 -23.04 77.19
CA ILE B 675 -88.48 -22.74 77.21
C ILE B 675 -88.06 -22.24 78.59
N LYS B 676 -88.82 -21.29 79.15
CA LYS B 676 -88.37 -20.59 80.34
C LYS B 676 -88.16 -21.53 81.53
N LEU B 677 -88.88 -22.64 81.56
CA LEU B 677 -88.66 -23.64 82.60
C LEU B 677 -87.66 -24.70 82.19
N LEU B 678 -87.50 -24.95 80.89
CA LEU B 678 -86.62 -26.01 80.42
C LEU B 678 -85.15 -25.67 80.62
N ILE B 679 -84.80 -24.39 80.71
CA ILE B 679 -83.40 -23.99 80.75
C ILE B 679 -82.74 -24.47 82.04
N LYS B 680 -83.45 -24.37 83.17
CA LYS B 680 -82.82 -24.59 84.47
C LYS B 680 -82.42 -26.04 84.71
N GLU B 681 -82.91 -26.99 83.93
CA GLU B 681 -82.62 -28.40 84.17
C GLU B 681 -82.38 -29.11 82.85
N GLY B 682 -81.75 -30.28 82.95
CA GLY B 682 -81.51 -31.11 81.78
C GLY B 682 -80.48 -30.53 80.84
N PHE B 683 -80.87 -30.26 79.60
CA PHE B 683 -79.96 -29.71 78.61
C PHE B 683 -79.94 -28.19 78.74
N ILE B 684 -79.39 -27.51 77.74
CA ILE B 684 -79.28 -26.06 77.70
C ILE B 684 -78.50 -25.56 78.91
N PRO B 685 -77.18 -25.76 78.95
CA PRO B 685 -76.39 -25.20 80.06
C PRO B 685 -76.50 -23.70 80.19
N SER B 686 -76.61 -22.98 79.08
CA SER B 686 -76.68 -21.52 79.10
C SER B 686 -77.80 -21.03 78.20
N ASP B 687 -78.33 -19.85 78.52
CA ASP B 687 -79.40 -19.21 77.78
C ASP B 687 -78.94 -18.62 76.46
N LYS B 688 -77.71 -18.87 76.04
CA LYS B 688 -77.22 -18.30 74.80
C LYS B 688 -77.97 -18.87 73.60
N PRO B 689 -78.15 -18.07 72.54
CA PRO B 689 -78.86 -18.59 71.35
C PRO B 689 -78.20 -19.81 70.74
N GLU B 690 -76.87 -19.92 70.83
CA GLU B 690 -76.20 -21.08 70.26
C GLU B 690 -76.59 -22.36 70.99
N ASP B 691 -76.63 -22.33 72.32
CA ASP B 691 -76.91 -23.53 73.09
C ASP B 691 -78.37 -23.97 72.92
N ILE B 692 -79.30 -23.03 72.94
CA ILE B 692 -80.71 -23.38 72.86
C ILE B 692 -81.06 -23.97 71.50
N ALA B 693 -80.42 -23.47 70.43
CA ALA B 693 -80.72 -23.98 69.09
C ALA B 693 -80.23 -25.41 68.92
N ARG B 694 -79.16 -25.78 69.62
CA ARG B 694 -78.62 -27.13 69.48
C ARG B 694 -79.64 -28.17 69.91
N PHE B 695 -80.27 -27.96 71.07
CA PHE B 695 -81.28 -28.89 71.56
C PHE B 695 -82.52 -28.87 70.67
N LEU B 696 -82.88 -27.71 70.14
CA LEU B 696 -84.11 -27.59 69.38
C LEU B 696 -84.09 -28.47 68.14
N LEU B 697 -82.99 -28.44 67.39
CA LEU B 697 -82.88 -29.29 66.22
C LEU B 697 -82.62 -30.75 66.59
N ARG B 698 -81.74 -30.98 67.56
CA ARG B 698 -81.29 -32.35 67.85
C ARG B 698 -82.39 -33.17 68.50
N GLU B 699 -83.24 -32.56 69.31
CA GLU B 699 -84.24 -33.29 70.08
C GLU B 699 -85.58 -33.33 69.35
N GLU B 700 -86.14 -34.52 69.20
CA GLU B 700 -87.42 -34.72 68.56
C GLU B 700 -88.52 -34.68 69.61
N ARG B 701 -89.72 -35.14 69.26
CA ARG B 701 -90.90 -35.19 70.13
C ARG B 701 -91.43 -33.81 70.47
N LEU B 702 -91.05 -32.80 69.68
CA LEU B 702 -91.49 -31.43 69.90
C LEU B 702 -92.15 -30.93 68.63
N ASP B 703 -93.28 -30.23 68.78
CA ASP B 703 -94.12 -29.88 67.65
C ASP B 703 -93.36 -29.06 66.62
N LYS B 704 -93.36 -29.52 65.38
CA LYS B 704 -92.69 -28.79 64.31
C LYS B 704 -93.37 -27.47 64.04
N ALA B 705 -94.70 -27.44 64.08
CA ALA B 705 -95.42 -26.18 63.89
C ALA B 705 -95.14 -25.22 65.03
N GLN B 706 -95.06 -25.73 66.26
CA GLN B 706 -94.84 -24.85 67.41
C GLN B 706 -93.45 -24.22 67.36
N ILE B 707 -92.42 -25.01 67.06
CA ILE B 707 -91.08 -24.45 67.00
C ILE B 707 -90.96 -23.44 65.87
N GLY B 708 -91.67 -23.67 64.76
CA GLY B 708 -91.70 -22.67 63.70
C GLY B 708 -92.27 -21.36 64.15
N GLU B 709 -93.37 -21.40 64.91
CA GLU B 709 -93.95 -20.17 65.43
C GLU B 709 -93.00 -19.49 66.42
N TYR B 710 -92.38 -20.29 67.29
CA TYR B 710 -91.45 -19.72 68.27
C TYR B 710 -90.22 -19.12 67.60
N LEU B 711 -89.64 -19.85 66.64
CA LEU B 711 -88.43 -19.37 65.99
C LEU B 711 -88.71 -18.14 65.14
N GLY B 712 -89.87 -18.10 64.49
CA GLY B 712 -90.23 -16.99 63.63
C GLY B 712 -90.80 -15.78 64.34
N GLU B 713 -90.89 -15.83 65.66
CA GLU B 713 -91.41 -14.70 66.41
C GLU B 713 -90.51 -13.48 66.23
N GLY B 714 -91.14 -12.30 66.23
CA GLY B 714 -90.42 -11.06 65.99
C GLY B 714 -89.52 -10.58 67.09
N ASP B 715 -89.50 -11.29 68.23
CA ASP B 715 -88.62 -10.91 69.32
C ASP B 715 -87.16 -11.01 68.89
N GLN B 716 -86.34 -10.09 69.38
CA GLN B 716 -84.94 -10.07 69.01
C GLN B 716 -84.23 -11.36 69.43
N LYS B 717 -84.49 -11.82 70.65
CA LYS B 717 -83.84 -13.03 71.13
C LYS B 717 -84.25 -14.24 70.29
N ASN B 718 -85.55 -14.33 69.96
CA ASN B 718 -86.01 -15.46 69.14
C ASN B 718 -85.36 -15.44 67.76
N VAL B 719 -85.23 -14.26 67.16
CA VAL B 719 -84.54 -14.13 65.89
C VAL B 719 -83.08 -14.54 66.05
N ASP B 720 -82.45 -14.12 67.15
CA ASP B 720 -81.07 -14.52 67.41
C ASP B 720 -80.95 -16.03 67.56
N ILE B 721 -81.91 -16.65 68.25
CA ILE B 721 -81.90 -18.10 68.39
C ILE B 721 -82.06 -18.77 67.02
N MET B 722 -83.00 -18.27 66.22
CA MET B 722 -83.30 -18.93 64.95
C MET B 722 -82.17 -18.70 63.94
N HIS B 723 -81.33 -17.69 64.15
CA HIS B 723 -80.08 -17.61 63.41
C HIS B 723 -79.26 -18.89 63.59
N ALA B 724 -79.03 -19.28 64.84
CA ALA B 724 -78.19 -20.44 65.11
C ALA B 724 -78.83 -21.72 64.60
N PHE B 725 -80.15 -21.85 64.74
CA PHE B 725 -80.84 -23.03 64.25
C PHE B 725 -80.66 -23.18 62.74
N VAL B 726 -80.81 -22.07 62.00
CA VAL B 726 -80.54 -22.10 60.57
C VAL B 726 -79.06 -22.33 60.32
N ASP B 727 -78.20 -21.69 61.11
CA ASP B 727 -76.76 -21.81 60.92
C ASP B 727 -76.28 -23.25 61.14
N MET B 728 -76.90 -23.96 62.08
CA MET B 728 -76.47 -25.33 62.34
C MET B 728 -76.66 -26.22 61.12
N MET B 729 -77.77 -26.06 60.41
CA MET B 729 -77.97 -26.78 59.16
C MET B 729 -77.00 -26.26 58.10
N ASP B 730 -76.54 -27.17 57.24
CA ASP B 730 -75.57 -26.86 56.21
C ASP B 730 -76.14 -27.18 54.83
N PHE B 731 -75.88 -26.29 53.87
CA PHE B 731 -76.32 -26.49 52.50
C PHE B 731 -75.16 -26.36 51.51
N SER B 732 -73.93 -26.53 51.98
CA SER B 732 -72.77 -26.40 51.12
C SER B 732 -72.72 -27.53 50.10
N LYS B 733 -72.41 -27.17 48.85
CA LYS B 733 -72.26 -28.13 47.75
C LYS B 733 -73.52 -28.97 47.59
N LYS B 734 -74.68 -28.32 47.72
CA LYS B 734 -75.96 -29.00 47.63
C LYS B 734 -76.88 -28.23 46.70
N ARG B 735 -77.81 -28.95 46.08
CA ARG B 735 -78.76 -28.33 45.17
C ARG B 735 -79.72 -27.42 45.93
N PHE B 736 -80.24 -26.41 45.22
CA PHE B 736 -81.14 -25.46 45.86
C PHE B 736 -82.41 -26.14 46.36
N VAL B 737 -83.00 -27.02 45.54
CA VAL B 737 -84.19 -27.73 45.97
C VAL B 737 -83.87 -28.66 47.13
N ASP B 738 -82.76 -29.39 47.04
CA ASP B 738 -82.39 -30.30 48.11
C ASP B 738 -82.12 -29.54 49.41
N ALA B 739 -81.45 -28.39 49.30
CA ALA B 739 -81.27 -27.55 50.47
C ALA B 739 -82.60 -27.05 51.01
N LEU B 740 -83.49 -26.64 50.11
CA LEU B 740 -84.82 -26.18 50.54
C LEU B 740 -85.59 -27.31 51.22
N ARG B 741 -85.55 -28.51 50.64
CA ARG B 741 -86.23 -29.65 51.26
C ARG B 741 -85.64 -29.95 52.63
N GLU B 742 -84.31 -29.89 52.75
CA GLU B 742 -83.68 -30.04 54.05
C GLU B 742 -84.10 -28.93 55.00
N PHE B 743 -84.21 -27.70 54.47
CA PHE B 743 -84.58 -26.56 55.31
C PHE B 743 -85.98 -26.73 55.89
N LEU B 744 -86.93 -27.20 55.08
CA LEU B 744 -88.29 -27.39 55.55
C LEU B 744 -88.49 -28.69 56.31
N GLN B 745 -87.52 -29.60 56.28
CA GLN B 745 -87.65 -30.87 56.97
C GLN B 745 -87.21 -30.80 58.42
N ALA B 746 -86.77 -29.63 58.89
CA ALA B 746 -86.39 -29.46 60.29
C ALA B 746 -87.48 -28.81 61.14
N PHE B 747 -88.44 -28.13 60.51
CA PHE B 747 -89.52 -27.48 61.23
C PHE B 747 -90.67 -27.24 60.27
N ARG B 748 -91.83 -26.95 60.83
CA ARG B 748 -93.01 -26.57 60.04
C ARG B 748 -93.17 -25.06 60.12
N LEU B 749 -93.11 -24.40 58.97
CA LEU B 749 -93.18 -22.95 58.94
C LEU B 749 -94.59 -22.48 59.30
N PRO B 750 -94.70 -21.34 59.98
CA PRO B 750 -96.04 -20.80 60.30
C PRO B 750 -96.74 -20.27 59.07
N GLY B 751 -97.97 -19.77 59.24
CA GLY B 751 -98.72 -19.25 58.13
C GLY B 751 -98.60 -17.75 57.93
N GLU B 752 -98.12 -17.05 58.95
CA GLU B 752 -98.00 -15.60 58.86
C GLU B 752 -96.93 -15.22 57.86
N ALA B 753 -97.22 -14.19 57.05
CA ALA B 753 -96.27 -13.76 56.03
C ALA B 753 -94.99 -13.24 56.67
N GLN B 754 -95.10 -12.49 57.76
CA GLN B 754 -93.91 -11.97 58.42
C GLN B 754 -93.03 -13.09 58.96
N LYS B 755 -93.64 -14.10 59.56
CA LYS B 755 -92.87 -15.23 60.08
C LYS B 755 -92.21 -16.01 58.94
N ILE B 756 -92.95 -16.25 57.86
CA ILE B 756 -92.36 -16.92 56.71
C ILE B 756 -91.22 -16.10 56.13
N ASP B 757 -91.39 -14.78 56.10
CA ASP B 757 -90.34 -13.91 55.58
C ASP B 757 -89.06 -14.01 56.41
N ARG B 758 -89.20 -14.06 57.74
CA ARG B 758 -88.01 -14.07 58.60
C ARG B 758 -87.20 -15.35 58.40
N PHE B 759 -87.86 -16.51 58.34
CA PHE B 759 -87.14 -17.75 58.09
C PHE B 759 -86.44 -17.73 56.74
N MET B 760 -87.20 -17.44 55.69
CA MET B 760 -86.71 -17.73 54.35
C MET B 760 -85.68 -16.70 53.89
N LEU B 761 -85.60 -15.56 54.56
CA LEU B 761 -84.49 -14.63 54.33
C LEU B 761 -83.16 -15.28 54.72
N LYS B 762 -83.11 -15.86 55.92
CA LYS B 762 -81.86 -16.47 56.38
C LYS B 762 -81.52 -17.71 55.58
N PHE B 763 -82.52 -18.45 55.13
CA PHE B 763 -82.26 -19.64 54.32
C PHE B 763 -81.50 -19.27 53.05
N ALA B 764 -81.92 -18.18 52.38
CA ALA B 764 -81.18 -17.71 51.22
C ALA B 764 -79.77 -17.28 51.61
N HIS B 765 -79.64 -16.53 52.70
CA HIS B 765 -78.32 -16.11 53.16
C HIS B 765 -77.48 -17.31 53.56
N ARG B 766 -78.07 -18.26 54.29
CA ARG B 766 -77.34 -19.46 54.67
C ARG B 766 -76.96 -20.28 53.45
N TYR B 767 -77.86 -20.39 52.47
CA TYR B 767 -77.54 -21.12 51.25
C TYR B 767 -76.40 -20.44 50.49
N VAL B 768 -76.42 -19.12 50.42
CA VAL B 768 -75.37 -18.40 49.71
C VAL B 768 -74.03 -18.55 50.42
N THR B 769 -74.01 -18.32 51.74
CA THR B 769 -72.76 -18.43 52.48
C THR B 769 -72.26 -19.85 52.56
N GLY B 770 -73.10 -20.85 52.26
CA GLY B 770 -72.66 -22.22 52.22
C GLY B 770 -72.34 -22.67 50.80
N ASN B 771 -73.07 -22.12 49.84
CA ASN B 771 -72.89 -22.45 48.43
C ASN B 771 -72.74 -21.16 47.64
N PRO B 772 -71.55 -20.54 47.71
CA PRO B 772 -71.33 -19.30 46.97
C PRO B 772 -71.27 -19.54 45.48
N ASN B 773 -71.40 -18.46 44.72
CA ASN B 773 -71.34 -18.41 43.26
C ASN B 773 -72.49 -19.15 42.59
N ALA B 774 -73.41 -19.75 43.36
CA ALA B 774 -74.58 -20.36 42.74
C ALA B 774 -75.48 -19.29 42.12
N PHE B 775 -75.62 -18.15 42.78
CA PHE B 775 -76.40 -17.04 42.26
C PHE B 775 -75.61 -15.76 42.46
N ALA B 776 -75.89 -14.76 41.61
CA ALA B 776 -75.11 -13.53 41.64
C ALA B 776 -75.29 -12.79 42.97
N ASN B 777 -76.51 -12.75 43.49
CA ASN B 777 -76.79 -12.08 44.75
C ASN B 777 -77.68 -12.95 45.61
N ALA B 778 -77.63 -12.72 46.92
CA ALA B 778 -78.42 -13.51 47.86
C ALA B 778 -79.93 -13.30 47.69
N ASP B 779 -80.34 -12.28 46.94
CA ASP B 779 -81.77 -12.09 46.68
C ASP B 779 -82.32 -13.24 45.82
N THR B 780 -81.52 -13.73 44.88
CA THR B 780 -82.01 -14.73 43.94
C THR B 780 -82.50 -16.00 44.63
N PRO B 781 -81.76 -16.62 45.56
CA PRO B 781 -82.36 -17.72 46.32
C PRO B 781 -83.56 -17.29 47.13
N TYR B 782 -83.56 -16.05 47.64
CA TYR B 782 -84.71 -15.56 48.40
C TYR B 782 -85.95 -15.45 47.53
N VAL B 783 -85.83 -14.77 46.39
CA VAL B 783 -86.99 -14.61 45.51
C VAL B 783 -87.42 -15.94 44.93
N LEU B 784 -86.46 -16.74 44.45
CA LEU B 784 -86.80 -18.02 43.85
C LEU B 784 -87.41 -18.98 44.86
N ALA B 785 -87.03 -18.87 46.12
CA ALA B 785 -87.59 -19.75 47.14
C ALA B 785 -89.09 -19.53 47.30
N TYR B 786 -89.55 -18.29 47.08
CA TYR B 786 -90.98 -18.05 47.07
C TYR B 786 -91.64 -18.61 45.83
N SER B 787 -90.96 -18.52 44.68
CA SER B 787 -91.54 -19.07 43.45
C SER B 787 -91.70 -20.57 43.55
N VAL B 788 -90.71 -21.27 44.09
CA VAL B 788 -90.79 -22.73 44.18
C VAL B 788 -91.82 -23.14 45.23
N ILE B 789 -91.88 -22.43 46.37
CA ILE B 789 -92.78 -22.84 47.43
C ILE B 789 -94.24 -22.67 47.01
N MET B 790 -94.54 -21.63 46.23
CA MET B 790 -95.88 -21.49 45.70
C MET B 790 -96.14 -22.50 44.59
N LEU B 791 -95.11 -22.80 43.78
CA LEU B 791 -95.25 -23.83 42.76
C LEU B 791 -95.47 -25.20 43.38
N ASN B 792 -94.77 -25.49 44.48
CA ASN B 792 -94.99 -26.75 45.18
C ASN B 792 -96.43 -26.86 45.68
N THR B 793 -96.96 -25.78 46.24
CA THR B 793 -98.36 -25.77 46.65
C THR B 793 -99.29 -25.83 45.44
N ASP B 794 -98.95 -25.12 44.38
CA ASP B 794 -99.84 -25.05 43.21
C ASP B 794 -99.99 -26.41 42.55
N LEU B 795 -98.88 -27.07 42.21
CA LEU B 795 -98.96 -28.31 41.45
C LEU B 795 -99.54 -29.44 42.28
N HIS B 796 -99.14 -29.54 43.55
CA HIS B 796 -99.53 -30.65 44.41
C HIS B 796 -100.86 -30.39 45.12
N SER B 797 -101.67 -29.46 44.62
CA SER B 797 -103.00 -29.23 45.16
C SER B 797 -103.99 -29.28 44.01
N SER B 798 -105.09 -30.02 44.21
CA SER B 798 -106.14 -30.16 43.21
C SER B 798 -107.30 -29.21 43.47
N LYS B 799 -107.13 -28.26 44.38
CA LYS B 799 -108.20 -27.31 44.70
C LYS B 799 -108.50 -26.37 43.54
N VAL B 800 -107.57 -26.24 42.59
CA VAL B 800 -107.76 -25.40 41.41
C VAL B 800 -107.65 -26.27 40.17
N VAL B 801 -108.60 -26.11 39.25
CA VAL B 801 -108.60 -26.91 38.03
C VAL B 801 -107.43 -26.53 37.13
N LYS B 802 -107.08 -25.25 37.10
CA LYS B 802 -105.99 -24.78 36.25
C LYS B 802 -104.66 -25.38 36.69
N ARG B 803 -103.83 -25.70 35.71
CA ARG B 803 -102.52 -26.29 35.95
C ARG B 803 -101.43 -25.29 35.57
N MET B 804 -100.47 -25.10 36.47
CA MET B 804 -99.41 -24.10 36.28
C MET B 804 -98.30 -24.75 35.47
N SER B 805 -98.03 -24.21 34.29
CA SER B 805 -97.14 -24.85 33.32
C SER B 805 -95.71 -24.33 33.45
N LYS B 806 -94.80 -25.02 32.77
CA LYS B 806 -93.40 -24.65 32.79
C LYS B 806 -93.16 -23.28 32.17
N ALA B 807 -93.82 -23.00 31.04
CA ALA B 807 -93.58 -21.74 30.33
C ALA B 807 -93.94 -20.54 31.19
N GLU B 808 -95.07 -20.60 31.88
CA GLU B 808 -95.47 -19.50 32.76
C GLU B 808 -94.52 -19.37 33.94
N PHE B 809 -94.04 -20.50 34.47
CA PHE B 809 -93.17 -20.46 35.65
C PHE B 809 -91.85 -19.76 35.35
N ILE B 810 -91.26 -20.03 34.18
CA ILE B 810 -90.05 -19.32 33.77
C ILE B 810 -90.37 -17.85 33.56
N LYS B 811 -91.51 -17.56 32.95
CA LYS B 811 -91.95 -16.17 32.81
C LYS B 811 -92.16 -15.52 34.17
N ASN B 812 -92.68 -16.28 35.13
CA ASN B 812 -92.87 -15.76 36.48
C ASN B 812 -91.54 -15.47 37.17
N ASN B 813 -90.44 -16.00 36.66
CA ASN B 813 -89.12 -15.82 37.25
C ASN B 813 -88.15 -15.16 36.28
N ARG B 814 -88.61 -14.13 35.58
CA ARG B 814 -87.77 -13.41 34.62
C ARG B 814 -86.95 -12.36 35.34
N GLY B 815 -85.64 -12.41 35.18
CA GLY B 815 -84.75 -11.42 35.76
C GLY B 815 -84.76 -11.37 37.27
N ILE B 816 -84.68 -12.54 37.92
CA ILE B 816 -84.66 -12.61 39.37
C ILE B 816 -83.24 -12.75 39.92
N ASN B 817 -82.22 -12.70 39.06
CA ASN B 817 -80.83 -12.75 39.47
C ASN B 817 -80.16 -11.48 38.96
N ASP B 818 -80.26 -10.40 39.75
CA ASP B 818 -79.76 -9.08 39.37
C ASP B 818 -80.28 -8.70 37.98
N ASN B 819 -81.61 -8.59 37.92
CA ASN B 819 -82.41 -8.36 36.72
C ASN B 819 -81.86 -9.10 35.51
N ALA B 820 -81.50 -10.37 35.70
CA ALA B 820 -81.01 -11.23 34.63
C ALA B 820 -81.62 -12.60 34.82
N ASP B 821 -82.09 -13.19 33.71
CA ASP B 821 -82.78 -14.47 33.78
C ASP B 821 -81.83 -15.58 34.21
N LEU B 822 -82.32 -16.45 35.08
CA LEU B 822 -81.56 -17.62 35.48
C LEU B 822 -81.54 -18.64 34.34
N PRO B 823 -80.57 -19.55 34.33
CA PRO B 823 -80.55 -20.58 33.29
C PRO B 823 -81.83 -21.41 33.29
N ASP B 824 -82.33 -21.70 32.09
CA ASP B 824 -83.58 -22.44 31.96
C ASP B 824 -83.44 -23.85 32.52
N GLU B 825 -82.32 -24.52 32.23
CA GLU B 825 -82.13 -25.88 32.71
C GLU B 825 -82.11 -25.94 34.24
N TYR B 826 -81.64 -24.87 34.89
CA TYR B 826 -81.72 -24.80 36.34
C TYR B 826 -83.17 -24.81 36.81
N LEU B 827 -84.02 -24.05 36.13
CA LEU B 827 -85.43 -24.00 36.51
C LEU B 827 -86.16 -25.28 36.14
N ILE B 828 -85.78 -25.91 35.03
CA ILE B 828 -86.42 -27.15 34.61
C ILE B 828 -86.21 -28.24 35.65
N GLY B 829 -84.98 -28.36 36.16
CA GLY B 829 -84.72 -29.35 37.19
C GLY B 829 -85.51 -29.08 38.46
N ILE B 830 -85.65 -27.80 38.83
CA ILE B 830 -86.48 -27.44 39.98
C ILE B 830 -87.93 -27.81 39.71
N TYR B 831 -88.42 -27.52 38.50
CA TYR B 831 -89.80 -27.86 38.15
C TYR B 831 -90.03 -29.36 38.21
N ASP B 832 -89.09 -30.14 37.68
CA ASP B 832 -89.23 -31.59 37.72
C ASP B 832 -89.19 -32.11 39.15
N ASP B 833 -88.34 -31.52 39.99
CA ASP B 833 -88.29 -31.93 41.40
C ASP B 833 -89.62 -31.65 42.10
N ILE B 834 -90.26 -30.52 41.78
CA ILE B 834 -91.60 -30.26 42.29
C ILE B 834 -92.57 -31.31 41.79
N ALA B 835 -92.51 -31.63 40.51
CA ALA B 835 -93.36 -32.68 39.95
C ALA B 835 -93.00 -34.06 40.49
N SER B 836 -91.77 -34.24 40.97
CA SER B 836 -91.37 -35.53 41.52
C SER B 836 -92.16 -35.84 42.79
N ASN B 837 -92.20 -34.90 43.73
CA ASN B 837 -92.88 -35.11 44.99
C ASN B 837 -93.14 -33.75 45.65
N GLU B 838 -93.98 -33.77 46.68
CA GLU B 838 -94.38 -32.56 47.38
C GLU B 838 -93.58 -32.43 48.67
N ILE B 839 -93.05 -31.23 48.91
CA ILE B 839 -92.31 -30.96 50.15
C ILE B 839 -93.31 -30.97 51.30
N VAL B 840 -93.18 -31.94 52.20
CA VAL B 840 -94.12 -32.13 53.29
C VAL B 840 -93.37 -32.04 54.61
N LEU B 841 -94.10 -31.68 55.66
CA LEU B 841 -93.54 -31.61 57.01
C LEU B 841 -93.30 -33.00 57.58
N HIS B 921 -121.39 -15.03 43.13
CA HIS B 921 -122.30 -15.65 42.16
C HIS B 921 -122.99 -14.58 41.31
N VAL B 922 -122.77 -13.31 41.66
CA VAL B 922 -123.31 -12.20 40.90
C VAL B 922 -122.48 -11.91 39.65
N GLY B 923 -121.45 -12.70 39.39
CA GLY B 923 -120.53 -12.47 38.30
C GLY B 923 -121.19 -12.29 36.95
N PRO B 924 -122.02 -13.25 36.54
CA PRO B 924 -122.79 -13.03 35.29
C PRO B 924 -123.66 -11.79 35.35
N MET B 925 -124.25 -11.50 36.51
CA MET B 925 -125.01 -10.27 36.68
C MET B 925 -124.13 -9.05 36.83
N PHE B 926 -122.85 -9.25 37.16
CA PHE B 926 -121.92 -8.13 37.31
C PHE B 926 -121.76 -7.37 36.00
N ASP B 927 -121.53 -8.09 34.90
CA ASP B 927 -121.31 -7.46 33.61
C ASP B 927 -122.54 -7.49 32.71
N ALA B 928 -123.65 -8.07 33.16
CA ALA B 928 -124.82 -8.18 32.30
C ALA B 928 -125.50 -6.84 32.10
N THR B 929 -125.65 -6.06 33.17
CA THR B 929 -126.54 -4.91 33.12
C THR B 929 -126.01 -3.71 33.90
N TRP B 930 -124.69 -3.55 34.00
CA TRP B 930 -124.15 -2.51 34.86
C TRP B 930 -123.44 -1.41 34.08
N MET B 931 -122.44 -1.75 33.26
CA MET B 931 -121.51 -0.76 32.75
C MET B 931 -122.23 0.33 31.95
N SER B 932 -123.07 -0.07 31.01
CA SER B 932 -123.78 0.86 30.15
C SER B 932 -125.22 1.06 30.59
N PHE B 933 -125.62 0.51 31.74
CA PHE B 933 -127.01 0.65 32.17
C PHE B 933 -127.15 1.42 33.48
N PHE B 934 -126.51 0.98 34.56
CA PHE B 934 -126.76 1.62 35.85
C PHE B 934 -126.22 3.04 35.87
N SER B 935 -125.06 3.27 35.25
CA SER B 935 -124.51 4.62 35.19
C SER B 935 -125.42 5.58 34.43
N THR B 936 -126.37 5.07 33.64
CA THR B 936 -127.24 5.94 32.87
C THR B 936 -128.25 6.65 33.77
N LEU B 937 -129.10 5.90 34.46
CA LEU B 937 -130.07 6.55 35.33
C LEU B 937 -129.37 7.17 36.53
N SER B 938 -128.38 6.49 37.10
CA SER B 938 -127.66 7.06 38.23
C SER B 938 -126.96 8.36 37.86
N SER B 939 -126.92 8.71 36.58
CA SER B 939 -126.55 10.04 36.13
C SER B 939 -127.73 11.01 36.20
N LEU B 940 -128.75 10.70 36.99
CA LEU B 940 -129.78 11.68 37.31
C LEU B 940 -129.35 12.62 38.45
N VAL B 941 -128.16 12.40 39.02
CA VAL B 941 -127.67 13.28 40.06
C VAL B 941 -127.50 14.70 39.56
N GLN B 942 -127.43 14.89 38.24
CA GLN B 942 -127.38 16.24 37.68
C GLN B 942 -128.67 17.02 37.88
N LYS B 943 -129.75 16.35 38.27
CA LYS B 943 -131.00 17.02 38.63
C LYS B 943 -131.41 16.58 40.03
N THR B 944 -131.66 17.55 40.90
CA THR B 944 -132.00 17.27 42.29
C THR B 944 -133.34 16.55 42.40
N ASP B 948 -131.88 14.64 49.79
CA ASP B 948 -133.11 14.20 49.14
C ASP B 948 -132.87 12.96 48.29
N VAL B 949 -133.35 13.01 47.04
CA VAL B 949 -133.13 11.89 46.13
C VAL B 949 -131.66 11.72 45.80
N ASN B 950 -130.87 12.77 45.95
CA ASN B 950 -129.43 12.68 45.68
C ASN B 950 -128.75 11.72 46.65
N LYS B 951 -129.18 11.72 47.91
CA LYS B 951 -128.47 10.98 48.94
C LYS B 951 -128.47 9.49 48.65
N LEU B 952 -129.65 8.90 48.43
CA LEU B 952 -129.69 7.47 48.16
C LEU B 952 -129.27 7.13 46.74
N CYS B 953 -129.29 8.09 45.82
CA CYS B 953 -128.72 7.85 44.50
C CYS B 953 -127.22 7.61 44.60
N LEU B 954 -126.54 8.40 45.43
CA LEU B 954 -125.11 8.16 45.67
C LEU B 954 -124.89 6.81 46.33
N GLU B 955 -125.75 6.45 47.28
CA GLU B 955 -125.60 5.16 47.95
C GLU B 955 -125.72 4.01 46.96
N GLY B 956 -126.39 4.23 45.82
CA GLY B 956 -126.31 3.26 44.75
C GLY B 956 -124.92 3.16 44.16
N MET B 957 -124.29 4.31 43.93
CA MET B 957 -122.93 4.31 43.37
C MET B 957 -121.94 3.67 44.33
N LYS B 958 -122.12 3.89 45.64
CA LYS B 958 -121.25 3.25 46.61
C LYS B 958 -121.28 1.74 46.49
N LEU B 959 -122.41 1.19 46.03
CA LEU B 959 -122.53 -0.25 45.81
C LEU B 959 -122.00 -0.64 44.44
N ALA B 960 -120.75 -0.29 44.17
CA ALA B 960 -120.04 -0.72 42.97
C ALA B 960 -119.20 -1.93 43.34
N THR B 961 -119.67 -3.12 42.98
CA THR B 961 -118.95 -4.34 43.31
C THR B 961 -117.80 -4.50 42.33
N LYS B 962 -116.58 -4.39 42.83
CA LYS B 962 -115.38 -4.50 41.99
C LYS B 962 -114.92 -5.96 41.93
N ILE B 963 -115.82 -6.79 41.42
CA ILE B 963 -115.62 -8.24 41.36
C ILE B 963 -115.34 -8.70 42.78
N ALA B 964 -116.10 -8.18 43.73
CA ALA B 964 -115.90 -8.47 45.14
C ALA B 964 -116.18 -9.94 45.45
N LEU B 969 -114.98 -6.51 33.15
CA LEU B 969 -114.50 -6.76 34.50
C LEU B 969 -114.06 -5.46 35.18
N SER B 970 -113.23 -4.69 34.48
CA SER B 970 -112.76 -3.42 34.99
C SER B 970 -113.55 -2.23 34.48
N THR B 971 -114.46 -2.44 33.54
CA THR B 971 -115.26 -1.33 33.01
C THR B 971 -116.11 -0.66 34.07
N PRO B 972 -116.88 -1.37 34.91
CA PRO B 972 -117.72 -0.67 35.90
C PRO B 972 -116.93 0.21 36.85
N ARG B 973 -115.74 -0.22 37.25
CA ARG B 973 -114.93 0.58 38.17
C ARG B 973 -114.64 1.95 37.58
N GLU B 974 -114.11 1.97 36.35
CA GLU B 974 -113.80 3.24 35.70
C GLU B 974 -115.07 4.05 35.48
N ALA B 975 -116.17 3.39 35.11
CA ALA B 975 -117.40 4.11 34.83
C ALA B 975 -117.96 4.78 36.08
N PHE B 976 -118.09 4.01 37.17
CA PHE B 976 -118.71 4.57 38.38
C PHE B 976 -117.77 5.53 39.09
N ILE B 977 -116.50 5.16 39.25
CA ILE B 977 -115.58 5.99 40.03
C ILE B 977 -115.40 7.35 39.35
N SER B 978 -115.24 7.36 38.03
CA SER B 978 -115.14 8.63 37.33
C SER B 978 -116.40 9.46 37.51
N MET B 979 -117.57 8.82 37.43
CA MET B 979 -118.81 9.53 37.70
C MET B 979 -118.85 10.03 39.14
N LEU B 980 -118.44 9.19 40.09
CA LEU B 980 -118.38 9.62 41.48
C LEU B 980 -117.39 10.77 41.64
N LYS B 981 -116.23 10.66 41.01
CA LYS B 981 -115.26 11.75 41.07
C LYS B 981 -115.79 13.00 40.38
N ASN B 982 -116.45 12.82 39.23
CA ASN B 982 -116.95 13.97 38.48
C ASN B 982 -117.99 14.74 39.28
N THR B 983 -118.94 14.03 39.90
CA THR B 983 -119.95 14.70 40.70
C THR B 983 -119.40 15.20 42.03
N ALA B 984 -118.28 14.64 42.49
CA ALA B 984 -117.64 15.19 43.68
C ALA B 984 -117.14 16.60 43.41
N ASN B 985 -116.56 16.83 42.23
CA ASN B 985 -116.23 18.16 41.74
C ASN B 985 -115.25 18.87 42.67
N LEU B 986 -114.18 18.16 43.05
CA LEU B 986 -113.14 18.78 43.87
C LEU B 986 -112.38 19.84 43.10
N ASN B 987 -112.06 19.58 41.83
CA ASN B 987 -111.20 20.47 41.07
C ASN B 987 -111.81 21.83 40.81
N ASN B 988 -113.10 22.02 41.06
CA ASN B 988 -113.79 23.28 40.85
C ASN B 988 -114.40 23.72 42.19
N PRO B 989 -113.60 24.35 43.06
CA PRO B 989 -114.14 24.81 44.34
C PRO B 989 -115.03 26.03 44.19
N ARG B 990 -115.56 26.52 45.30
CA ARG B 990 -116.46 27.67 45.36
C ARG B 990 -117.74 27.46 44.59
N GLU B 991 -117.98 26.24 44.09
CA GLU B 991 -119.24 25.87 43.47
C GLU B 991 -119.88 24.67 44.13
N MET B 992 -119.25 24.12 45.17
CA MET B 992 -119.77 22.93 45.82
C MET B 992 -121.05 23.25 46.59
N GLN B 993 -121.93 22.25 46.67
CA GLN B 993 -123.05 22.30 47.59
C GLN B 993 -123.02 21.06 48.47
N ALA B 994 -124.05 20.85 49.28
CA ALA B 994 -124.10 19.63 50.09
C ALA B 994 -124.12 18.38 49.23
N LYS B 995 -124.57 18.49 47.98
CA LYS B 995 -124.56 17.34 47.08
C LYS B 995 -123.13 16.87 46.80
N ASN B 996 -122.22 17.81 46.53
CA ASN B 996 -120.85 17.44 46.20
C ASN B 996 -120.13 16.82 47.38
N VAL B 997 -120.35 17.36 48.58
CA VAL B 997 -119.63 16.89 49.77
C VAL B 997 -119.95 15.42 50.02
N GLU B 998 -121.20 15.02 49.80
CA GLU B 998 -121.57 13.63 50.05
C GLU B 998 -120.82 12.68 49.14
N ALA B 999 -120.66 13.04 47.87
CA ALA B 999 -119.94 12.18 46.94
C ALA B 999 -118.50 11.98 47.38
N LEU B 1000 -117.84 13.05 47.83
CA LEU B 1000 -116.49 12.93 48.35
C LEU B 1000 -116.46 12.02 49.57
N LYS B 1001 -117.44 12.16 50.46
CA LYS B 1001 -117.51 11.30 51.63
C LYS B 1001 -117.67 9.84 51.24
N VAL B 1002 -118.52 9.58 50.23
CA VAL B 1002 -118.67 8.22 49.73
C VAL B 1002 -117.38 7.72 49.10
N LEU B 1003 -116.75 8.56 48.28
CA LEU B 1003 -115.57 8.12 47.54
C LEU B 1003 -114.43 7.76 48.48
N LEU B 1004 -114.19 8.59 49.52
CA LEU B 1004 -113.19 8.23 50.50
C LEU B 1004 -113.57 6.96 51.25
N ASP B 1005 -114.83 6.86 51.67
CA ASP B 1005 -115.29 5.68 52.39
C ASP B 1005 -115.22 4.44 51.52
N LEU B 1006 -115.49 4.59 50.21
CA LEU B 1006 -115.36 3.46 49.30
C LEU B 1006 -113.93 2.98 49.22
N ALA B 1007 -112.98 3.92 49.21
CA ALA B 1007 -111.57 3.53 49.17
C ALA B 1007 -111.15 2.79 50.43
N GLN B 1008 -111.64 3.23 51.59
CA GLN B 1008 -111.22 2.63 52.85
C GLN B 1008 -111.61 1.17 52.94
N THR B 1009 -112.83 0.83 52.52
CA THR B 1009 -113.38 -0.49 52.77
C THR B 1009 -113.13 -1.48 51.64
N GLU B 1010 -112.66 -1.02 50.47
CA GLU B 1010 -112.49 -1.93 49.34
C GLU B 1010 -111.18 -1.66 48.61
N GLY B 1011 -110.18 -1.13 49.32
CA GLY B 1011 -108.97 -0.68 48.64
C GLY B 1011 -108.26 -1.78 47.88
N ASN B 1012 -108.41 -3.02 48.33
CA ASN B 1012 -107.72 -4.13 47.67
C ASN B 1012 -108.23 -4.41 46.27
N TYR B 1013 -109.35 -3.80 45.87
CA TYR B 1013 -109.99 -4.14 44.61
C TYR B 1013 -110.10 -2.98 43.63
N LEU B 1014 -109.71 -1.76 44.01
CA LEU B 1014 -109.83 -0.65 43.07
C LEU B 1014 -108.85 -0.78 41.91
N LYS B 1015 -107.73 -1.47 42.11
CA LYS B 1015 -106.75 -1.76 41.06
C LYS B 1015 -106.33 -0.43 40.43
N GLU B 1016 -106.40 -0.28 39.10
CA GLU B 1016 -105.94 0.93 38.44
C GLU B 1016 -106.82 2.13 38.72
N SER B 1017 -108.00 1.93 39.31
CA SER B 1017 -108.88 3.06 39.60
C SER B 1017 -108.38 3.90 40.76
N TRP B 1018 -107.34 3.45 41.46
CA TRP B 1018 -106.81 4.21 42.60
C TRP B 1018 -106.37 5.60 42.20
N LYS B 1019 -106.02 5.81 40.93
CA LYS B 1019 -105.60 7.14 40.48
C LYS B 1019 -106.69 8.17 40.68
N ASP B 1020 -107.93 7.80 40.38
CA ASP B 1020 -109.04 8.76 40.49
C ASP B 1020 -109.29 9.14 41.94
N VAL B 1021 -109.17 8.18 42.86
CA VAL B 1021 -109.39 8.48 44.27
C VAL B 1021 -108.35 9.47 44.76
N LEU B 1022 -107.08 9.25 44.42
CA LEU B 1022 -106.02 10.13 44.89
C LEU B 1022 -106.17 11.53 44.33
N LEU B 1023 -106.67 11.65 43.10
CA LEU B 1023 -106.86 12.97 42.51
C LEU B 1023 -107.80 13.82 43.35
N CYS B 1024 -108.89 13.22 43.84
CA CYS B 1024 -109.78 13.95 44.74
C CYS B 1024 -109.07 14.31 46.04
N ILE B 1025 -108.31 13.36 46.60
CA ILE B 1025 -107.63 13.62 47.86
C ILE B 1025 -106.63 14.76 47.70
N SER B 1026 -105.84 14.73 46.63
CA SER B 1026 -104.89 15.81 46.39
C SER B 1026 -105.60 17.13 46.17
N GLN B 1027 -106.66 17.12 45.34
CA GLN B 1027 -107.42 18.35 45.12
C GLN B 1027 -108.12 18.80 46.39
N LEU B 1028 -108.60 17.86 47.20
CA LEU B 1028 -109.22 18.23 48.47
C LEU B 1028 -108.22 18.92 49.38
N ASP B 1029 -106.97 18.47 49.35
CA ASP B 1029 -105.95 19.08 50.20
C ASP B 1029 -105.76 20.55 49.87
N ARG B 1030 -106.08 20.96 48.64
CA ARG B 1030 -106.05 22.38 48.29
C ARG B 1030 -107.18 23.16 48.95
N LEU B 1031 -108.12 22.47 49.61
CA LEU B 1031 -109.24 23.09 50.30
C LEU B 1031 -110.15 23.81 49.32
N SER B 1093 -113.12 19.94 58.31
CA SER B 1093 -114.08 18.85 58.50
C SER B 1093 -113.46 17.74 59.33
N ASP B 1094 -114.01 17.51 60.52
CA ASP B 1094 -113.42 16.55 61.45
C ASP B 1094 -113.42 15.14 60.88
N GLU B 1095 -114.52 14.71 60.27
CA GLU B 1095 -114.60 13.35 59.78
C GLU B 1095 -113.82 13.15 58.50
N VAL B 1096 -113.84 14.15 57.60
CA VAL B 1096 -113.15 14.01 56.32
C VAL B 1096 -111.65 13.89 56.54
N ILE B 1097 -111.08 14.76 57.36
CA ILE B 1097 -109.65 14.70 57.62
C ILE B 1097 -109.29 13.40 58.34
N LYS B 1098 -110.22 12.87 59.13
CA LYS B 1098 -109.97 11.58 59.78
C LYS B 1098 -110.03 10.44 58.77
N SER B 1099 -110.90 10.54 57.77
CA SER B 1099 -111.02 9.48 56.79
C SER B 1099 -109.83 9.45 55.85
N VAL B 1100 -109.41 10.60 55.34
CA VAL B 1100 -108.30 10.63 54.41
C VAL B 1100 -107.02 10.15 55.08
N ASP B 1101 -106.85 10.46 56.36
CA ASP B 1101 -105.69 9.96 57.11
C ASP B 1101 -105.73 8.44 57.22
N ARG B 1102 -106.93 7.88 57.46
CA ARG B 1102 -107.04 6.44 57.63
C ARG B 1102 -106.78 5.68 56.34
N ILE B 1103 -106.88 6.34 55.18
CA ILE B 1103 -106.56 5.67 53.92
C ILE B 1103 -105.10 5.29 53.88
N PHE B 1104 -104.22 6.25 54.21
CA PHE B 1104 -102.79 5.99 54.15
C PHE B 1104 -102.34 5.10 55.30
N THR B 1105 -102.92 5.30 56.49
CA THR B 1105 -102.58 4.43 57.62
C THR B 1105 -102.96 2.99 57.35
N ASN B 1106 -103.98 2.78 56.51
CA ASN B 1106 -104.42 1.44 56.14
C ASN B 1106 -103.58 0.82 55.03
N THR B 1107 -102.62 1.56 54.47
CA THR B 1107 -101.85 1.06 53.34
C THR B 1107 -101.08 -0.20 53.69
N ALA B 1108 -100.55 -0.28 54.90
CA ALA B 1108 -99.75 -1.43 55.30
C ALA B 1108 -100.55 -2.73 55.27
N ASN B 1109 -101.87 -2.65 55.29
CA ASN B 1109 -102.71 -3.84 55.25
C ASN B 1109 -103.08 -4.27 53.83
N LEU B 1110 -102.69 -3.50 52.82
CA LEU B 1110 -103.04 -3.84 51.45
C LEU B 1110 -102.28 -5.07 50.97
N SER B 1111 -102.86 -5.72 49.96
CA SER B 1111 -102.20 -6.86 49.34
C SER B 1111 -101.14 -6.38 48.35
N ARG B 1112 -100.36 -7.35 47.85
CA ARG B 1112 -99.22 -7.01 46.99
C ARG B 1112 -99.69 -6.33 45.71
N ASP B 1113 -100.62 -6.96 44.99
CA ASP B 1113 -101.09 -6.37 43.74
C ASP B 1113 -101.86 -5.08 43.95
N ALA B 1114 -102.37 -4.84 45.16
CA ALA B 1114 -103.10 -3.62 45.44
C ALA B 1114 -102.19 -2.46 45.82
N ILE B 1115 -101.15 -2.73 46.61
CA ILE B 1115 -100.28 -1.66 47.07
C ILE B 1115 -99.47 -1.08 45.91
N ILE B 1116 -99.10 -1.92 44.94
CA ILE B 1116 -98.38 -1.44 43.77
C ILE B 1116 -99.21 -0.43 43.00
N HIS B 1117 -100.50 -0.75 42.80
CA HIS B 1117 -101.40 0.19 42.14
C HIS B 1117 -101.55 1.46 42.95
N PHE B 1118 -101.67 1.35 44.27
CA PHE B 1118 -101.68 2.54 45.11
C PHE B 1118 -100.38 3.31 44.98
N ALA B 1119 -99.25 2.60 44.96
CA ALA B 1119 -97.97 3.26 44.79
C ALA B 1119 -97.88 3.94 43.43
N ARG B 1120 -98.29 3.24 42.38
CA ARG B 1120 -98.27 3.84 41.05
C ARG B 1120 -99.25 4.99 40.94
N ALA B 1121 -100.43 4.86 41.56
CA ALA B 1121 -101.42 5.94 41.50
C ALA B 1121 -100.89 7.19 42.18
N LEU B 1122 -100.28 7.05 43.35
CA LEU B 1122 -99.71 8.21 44.01
C LEU B 1122 -98.53 8.77 43.24
N THR B 1123 -97.76 7.90 42.59
CA THR B 1123 -96.63 8.36 41.78
C THR B 1123 -97.10 9.28 40.66
N GLU B 1124 -98.13 8.86 39.92
CA GLU B 1124 -98.59 9.64 38.78
C GLU B 1124 -99.12 10.99 39.21
N VAL B 1125 -99.96 11.00 40.25
CA VAL B 1125 -100.54 12.27 40.70
C VAL B 1125 -99.48 13.18 41.28
N SER B 1126 -98.49 12.61 41.97
CA SER B 1126 -97.42 13.44 42.52
C SER B 1126 -96.64 14.13 41.42
N TRP B 1127 -96.34 13.40 40.34
CA TRP B 1127 -95.67 14.01 39.20
C TRP B 1127 -96.54 15.09 38.57
N ASP B 1128 -97.86 14.89 38.57
CA ASP B 1128 -98.76 15.92 38.07
C ASP B 1128 -98.70 17.17 38.93
N GLU B 1129 -98.64 17.00 40.26
CA GLU B 1129 -98.58 18.16 41.14
C GLU B 1129 -97.26 18.92 40.98
N ILE B 1130 -96.15 18.19 40.83
CA ILE B 1130 -94.85 18.83 40.74
C ILE B 1130 -94.71 19.60 39.43
N LYS B 1131 -95.19 19.01 38.33
CA LYS B 1131 -94.97 19.62 37.02
C LYS B 1131 -95.64 21.00 36.92
N VAL B 1132 -96.84 21.13 37.45
CA VAL B 1132 -97.54 22.41 37.42
C VAL B 1132 -96.86 23.41 38.34
N PRO B 1139 -97.17 24.55 42.78
CA PRO B 1139 -96.15 23.49 42.89
C PRO B 1139 -96.18 22.82 44.26
N ARG B 1140 -97.35 22.31 44.65
CA ARG B 1140 -97.49 21.71 45.97
C ARG B 1140 -96.77 20.37 46.04
N THR B 1141 -96.42 19.97 47.27
CA THR B 1141 -95.76 18.70 47.52
C THR B 1141 -96.53 17.84 48.49
N TYR B 1142 -97.84 18.08 48.65
CA TYR B 1142 -98.64 17.29 49.56
C TYR B 1142 -98.65 15.82 49.16
N SER B 1143 -98.78 15.56 47.85
CA SER B 1143 -98.71 14.19 47.37
C SER B 1143 -97.36 13.56 47.71
N LEU B 1144 -96.27 14.31 47.52
CA LEU B 1144 -94.95 13.82 47.87
C LEU B 1144 -94.86 13.53 49.36
N GLN B 1145 -95.44 14.40 50.19
CA GLN B 1145 -95.43 14.18 51.63
C GLN B 1145 -96.09 12.85 51.97
N LYS B 1146 -97.19 12.52 51.28
CA LYS B 1146 -97.87 11.26 51.54
C LYS B 1146 -97.06 10.08 51.03
N ILE B 1147 -96.24 10.27 50.00
CA ILE B 1147 -95.36 9.20 49.54
C ILE B 1147 -94.38 8.81 50.63
N VAL B 1148 -93.82 9.81 51.32
CA VAL B 1148 -92.89 9.53 52.39
C VAL B 1148 -93.59 8.81 53.54
N GLU B 1149 -94.81 9.25 53.88
CA GLU B 1149 -95.53 8.64 54.99
C GLU B 1149 -95.81 7.16 54.73
N ILE B 1150 -96.19 6.83 53.49
CA ILE B 1150 -96.43 5.42 53.15
C ILE B 1150 -95.18 4.60 53.34
N SER B 1151 -94.03 5.13 52.93
CA SER B 1151 -92.78 4.40 53.09
C SER B 1151 -92.49 4.10 54.55
N TYR B 1152 -92.86 5.01 55.46
CA TYR B 1152 -92.72 4.74 56.88
C TYR B 1152 -93.61 3.57 57.28
N TYR B 1153 -94.82 3.50 56.75
CA TYR B 1153 -95.77 2.47 57.12
C TYR B 1153 -95.47 1.12 56.49
N ASN B 1154 -94.63 1.08 55.45
CA ASN B 1154 -94.35 -0.16 54.73
C ASN B 1154 -92.95 -0.70 55.03
N MET B 1155 -92.24 -0.11 55.99
CA MET B 1155 -90.95 -0.67 56.37
C MET B 1155 -91.12 -2.08 56.95
N THR B 1156 -92.15 -2.28 57.76
CA THR B 1156 -92.42 -3.58 58.36
C THR B 1156 -92.96 -4.59 57.37
N ARG B 1157 -93.27 -4.18 56.15
CA ARG B 1157 -93.85 -5.07 55.17
C ARG B 1157 -92.85 -6.15 54.77
N VAL B 1158 -93.39 -7.24 54.18
CA VAL B 1158 -92.54 -8.33 53.72
C VAL B 1158 -91.53 -7.80 52.72
N ARG B 1159 -90.31 -8.33 52.77
CA ARG B 1159 -89.19 -7.69 52.09
C ARG B 1159 -89.36 -7.68 50.58
N PHE B 1160 -89.75 -8.81 49.99
CA PHE B 1160 -89.84 -8.86 48.53
C PHE B 1160 -90.95 -7.96 48.02
N GLU B 1161 -92.07 -7.92 48.73
CA GLU B 1161 -93.14 -6.99 48.38
C GLU B 1161 -92.66 -5.55 48.47
N TRP B 1162 -91.86 -5.25 49.49
CA TRP B 1162 -91.31 -3.91 49.63
C TRP B 1162 -90.40 -3.56 48.47
N SER B 1163 -89.59 -4.52 48.02
CA SER B 1163 -88.68 -4.26 46.91
C SER B 1163 -89.46 -3.87 45.66
N HIS B 1164 -90.55 -4.59 45.37
CA HIS B 1164 -91.41 -4.20 44.25
C HIS B 1164 -92.02 -2.83 44.49
N ILE B 1165 -92.37 -2.54 45.76
CA ILE B 1165 -92.94 -1.23 46.08
C ILE B 1165 -91.92 -0.13 45.81
N TRP B 1166 -90.67 -0.34 46.23
CA TRP B 1166 -89.65 0.67 45.97
C TRP B 1166 -89.30 0.79 44.50
N ASP B 1167 -89.66 -0.18 43.67
CA ASP B 1167 -89.39 -0.09 42.25
C ASP B 1167 -90.18 1.03 41.57
N VAL B 1168 -91.27 1.49 42.20
CA VAL B 1168 -92.09 2.55 41.64
C VAL B 1168 -91.99 3.83 42.44
N LEU B 1169 -91.84 3.74 43.76
CA LEU B 1169 -91.60 4.94 44.55
C LEU B 1169 -90.21 5.52 44.24
N GLY B 1170 -89.19 4.67 44.25
CA GLY B 1170 -87.86 5.14 43.92
C GLY B 1170 -87.77 5.72 42.53
N GLU B 1171 -88.45 5.09 41.57
CA GLU B 1171 -88.48 5.63 40.21
C GLU B 1171 -89.08 7.03 40.20
N HIS B 1172 -90.12 7.26 41.01
CA HIS B 1172 -90.65 8.61 41.12
C HIS B 1172 -89.65 9.55 41.77
N PHE B 1173 -88.91 9.06 42.77
CA PHE B 1173 -87.95 9.92 43.45
C PHE B 1173 -86.85 10.39 42.51
N ASN B 1174 -86.43 9.51 41.59
CA ASN B 1174 -85.47 9.95 40.57
C ASN B 1174 -86.05 11.08 39.74
N ARG B 1175 -87.33 10.98 39.37
CA ARG B 1175 -87.96 12.06 38.62
C ARG B 1175 -87.97 13.36 39.41
N VAL B 1176 -88.28 13.27 40.70
CA VAL B 1176 -88.29 14.47 41.53
C VAL B 1176 -86.88 15.01 41.72
N GLY B 1177 -85.90 14.10 41.85
CA GLY B 1177 -84.52 14.55 41.97
C GLY B 1177 -84.02 15.29 40.75
N CYS B 1178 -84.39 14.81 39.56
CA CYS B 1178 -83.99 15.45 38.32
C CYS B 1178 -84.80 16.71 38.02
N HIS B 1179 -85.79 17.03 38.85
CA HIS B 1179 -86.62 18.20 38.60
C HIS B 1179 -85.80 19.49 38.70
N ALA B 1180 -86.28 20.52 38.02
CA ALA B 1180 -85.56 21.79 37.92
C ALA B 1180 -85.85 22.74 39.07
N ASN B 1181 -86.75 22.38 39.99
CA ASN B 1181 -87.04 23.22 41.14
C ASN B 1181 -86.16 22.79 42.31
N THR B 1182 -85.28 23.69 42.75
CA THR B 1182 -84.33 23.35 43.80
C THR B 1182 -85.04 23.01 45.10
N ALA B 1183 -86.04 23.81 45.49
CA ALA B 1183 -86.70 23.60 46.77
C ALA B 1183 -87.37 22.23 46.84
N ILE B 1184 -88.00 21.81 45.75
CA ILE B 1184 -88.63 20.49 45.74
C ILE B 1184 -87.57 19.39 45.77
N VAL B 1185 -86.48 19.58 45.03
CA VAL B 1185 -85.41 18.59 45.04
C VAL B 1185 -84.80 18.47 46.42
N PHE B 1186 -84.59 19.60 47.09
CA PHE B 1186 -84.07 19.56 48.45
C PHE B 1186 -85.03 18.82 49.38
N PHE B 1187 -86.32 19.09 49.25
CA PHE B 1187 -87.29 18.44 50.12
C PHE B 1187 -87.32 16.93 49.90
N ALA B 1188 -87.27 16.50 48.64
CA ALA B 1188 -87.24 15.06 48.37
C ALA B 1188 -85.99 14.42 48.92
N LEU B 1189 -84.83 15.06 48.75
CA LEU B 1189 -83.58 14.50 49.25
C LEU B 1189 -83.50 14.58 50.75
N ASP B 1190 -83.89 15.72 51.33
CA ASP B 1190 -83.90 15.84 52.79
C ASP B 1190 -84.82 14.82 53.42
N SER B 1191 -86.00 14.62 52.83
CA SER B 1191 -86.92 13.62 53.36
C SER B 1191 -86.41 12.22 53.10
N LEU B 1192 -85.77 12.00 51.94
CA LEU B 1192 -85.18 10.70 51.68
C LEU B 1192 -84.08 10.38 52.68
N ARG B 1193 -83.33 11.39 53.12
CA ARG B 1193 -82.38 11.19 54.19
C ARG B 1193 -83.09 10.76 55.47
N GLN B 1194 -84.11 11.51 55.86
CA GLN B 1194 -84.89 11.13 57.05
C GLN B 1194 -85.53 9.76 56.87
N LEU B 1195 -86.01 9.48 55.66
CA LEU B 1195 -86.54 8.15 55.37
C LEU B 1195 -85.44 7.10 55.40
N SER B 1196 -84.23 7.47 54.96
CA SER B 1196 -83.13 6.50 54.95
C SER B 1196 -82.77 6.05 56.35
N MET B 1197 -82.69 7.00 57.29
CA MET B 1197 -82.29 6.65 58.66
C MET B 1197 -83.23 5.62 59.26
N ARG B 1198 -84.54 5.74 59.00
CA ARG B 1198 -85.48 4.73 59.46
C ARG B 1198 -85.21 3.39 58.79
N PHE B 1199 -84.86 3.42 57.49
CA PHE B 1199 -84.63 2.17 56.77
C PHE B 1199 -83.43 1.41 57.33
N MET B 1200 -82.40 2.12 57.78
CA MET B 1200 -81.14 1.46 58.15
C MET B 1200 -81.34 0.41 59.22
N GLU B 1201 -82.28 0.63 60.14
CA GLU B 1201 -82.47 -0.27 61.28
C GLU B 1201 -83.22 -1.55 60.91
N ILE B 1202 -83.42 -1.82 59.61
CA ILE B 1202 -84.17 -3.00 59.21
C ILE B 1202 -83.41 -4.29 59.46
N GLU B 1203 -82.13 -4.20 59.82
CA GLU B 1203 -81.29 -5.35 60.13
C GLU B 1203 -81.21 -6.29 58.92
N GLU B 1204 -80.66 -5.76 57.83
CA GLU B 1204 -80.46 -6.56 56.62
C GLU B 1204 -79.31 -7.53 56.82
N LEU B 1205 -79.54 -8.79 56.44
CA LEU B 1205 -78.49 -9.79 56.52
C LEU B 1205 -77.37 -9.49 55.55
N ALA B 1206 -76.16 -9.89 55.91
CA ALA B 1206 -75.02 -9.73 55.03
C ALA B 1206 -75.21 -10.56 53.76
N GLY B 1207 -74.84 -9.98 52.63
CA GLY B 1207 -74.97 -10.62 51.34
C GLY B 1207 -76.19 -10.21 50.55
N PHE B 1208 -77.16 -9.57 51.18
CA PHE B 1208 -78.35 -9.11 50.49
C PHE B 1208 -78.06 -7.76 49.82
N LYS B 1209 -79.08 -7.18 49.18
CA LYS B 1209 -78.89 -5.91 48.50
C LYS B 1209 -80.07 -4.96 48.68
N PHE B 1210 -80.94 -5.19 49.66
CA PHE B 1210 -82.13 -4.37 49.81
C PHE B 1210 -81.76 -2.93 50.15
N GLN B 1211 -80.83 -2.74 51.08
CA GLN B 1211 -80.36 -1.39 51.37
C GLN B 1211 -79.62 -0.80 50.20
N LYS B 1212 -79.00 -1.64 49.37
CA LYS B 1212 -78.27 -1.14 48.20
C LYS B 1212 -79.21 -0.48 47.20
N ASP B 1213 -80.36 -1.11 46.93
CA ASP B 1213 -81.31 -0.52 45.99
C ASP B 1213 -82.08 0.63 46.59
N PHE B 1214 -82.35 0.60 47.89
CA PHE B 1214 -83.08 1.70 48.51
C PHE B 1214 -82.30 3.00 48.40
N LEU B 1215 -80.97 2.93 48.43
CA LEU B 1215 -80.13 4.11 48.29
C LEU B 1215 -79.92 4.52 46.83
N LYS B 1216 -80.40 3.72 45.89
CA LYS B 1216 -80.16 4.01 44.47
C LYS B 1216 -80.62 5.39 44.03
N PRO B 1217 -81.78 5.93 44.45
CA PRO B 1217 -82.17 7.26 43.98
C PRO B 1217 -81.10 8.32 44.20
N PHE B 1218 -80.33 8.21 45.27
CA PHE B 1218 -79.22 9.14 45.47
C PHE B 1218 -78.21 9.05 44.33
N GLU B 1219 -77.87 7.82 43.93
CA GLU B 1219 -76.97 7.66 42.79
C GLU B 1219 -77.58 8.21 41.51
N HIS B 1220 -78.87 7.92 41.29
CA HIS B 1220 -79.53 8.42 40.09
C HIS B 1220 -79.60 9.94 40.09
N VAL B 1221 -79.89 10.54 41.24
CA VAL B 1221 -79.91 12.00 41.32
C VAL B 1221 -78.53 12.57 41.07
N MET B 1222 -77.51 11.96 41.68
CA MET B 1222 -76.15 12.48 41.55
C MET B 1222 -75.67 12.42 40.10
N SER B 1223 -76.01 11.35 39.40
CA SER B 1223 -75.54 11.13 38.03
C SER B 1223 -76.45 11.73 36.98
N ASN B 1224 -77.58 12.34 37.35
CA ASN B 1224 -78.52 12.85 36.36
C ASN B 1224 -79.00 14.27 36.68
N SER B 1225 -78.31 14.97 37.58
CA SER B 1225 -78.69 16.34 37.92
C SER B 1225 -77.56 17.28 37.53
N SER B 1226 -77.94 18.42 36.96
CA SER B 1226 -76.99 19.46 36.60
C SER B 1226 -77.19 20.62 37.57
N ASN B 1227 -76.56 20.51 38.74
CA ASN B 1227 -76.63 21.54 39.76
C ASN B 1227 -75.58 21.29 40.82
N VAL B 1228 -74.74 22.30 41.10
CA VAL B 1228 -73.72 22.14 42.14
C VAL B 1228 -74.38 21.98 43.50
N THR B 1229 -75.38 22.82 43.79
CA THR B 1229 -76.00 22.79 45.12
C THR B 1229 -76.78 21.50 45.35
N VAL B 1230 -77.43 20.97 44.31
CA VAL B 1230 -78.14 19.70 44.46
C VAL B 1230 -77.15 18.58 44.72
N LYS B 1231 -76.05 18.55 43.97
CA LYS B 1231 -75.03 17.53 44.19
C LYS B 1231 -74.43 17.65 45.59
N ASP B 1232 -74.26 18.88 46.07
CA ASP B 1232 -73.78 19.08 47.44
C ASP B 1232 -74.78 18.53 48.45
N MET B 1233 -76.08 18.79 48.22
CA MET B 1233 -77.09 18.31 49.16
C MET B 1233 -77.17 16.80 49.19
N VAL B 1234 -76.97 16.15 48.05
CA VAL B 1234 -76.94 14.69 48.04
C VAL B 1234 -75.79 14.19 48.89
N LEU B 1235 -74.62 14.82 48.76
CA LEU B 1235 -73.50 14.46 49.62
C LEU B 1235 -73.80 14.77 51.08
N ARG B 1236 -74.34 15.95 51.36
CA ARG B 1236 -74.60 16.34 52.74
C ARG B 1236 -75.57 15.38 53.41
N CYS B 1237 -76.61 14.96 52.68
CA CYS B 1237 -77.52 13.95 53.23
C CYS B 1237 -76.84 12.60 53.33
N LEU B 1238 -75.99 12.26 52.37
CA LEU B 1238 -75.29 10.98 52.43
C LEU B 1238 -74.30 10.96 53.60
N ILE B 1239 -73.61 12.06 53.85
CA ILE B 1239 -72.66 12.11 54.95
C ILE B 1239 -73.38 12.04 56.28
N GLN B 1240 -74.53 12.71 56.40
CA GLN B 1240 -75.29 12.70 57.64
C GLN B 1240 -75.72 11.30 58.02
N MET B 1241 -75.85 10.41 57.04
CA MET B 1241 -76.14 9.01 57.34
C MET B 1241 -75.00 8.37 58.13
N ILE B 1242 -73.76 8.69 57.76
CA ILE B 1242 -72.61 8.10 58.45
C ILE B 1242 -72.52 8.61 59.88
N GLN B 1243 -72.61 9.93 60.07
CA GLN B 1243 -72.42 10.51 61.39
C GLN B 1243 -73.50 10.05 62.36
N ALA B 1244 -74.67 9.69 61.85
CA ALA B 1244 -75.80 9.30 62.69
C ALA B 1244 -75.97 7.78 62.76
N ARG B 1245 -76.13 7.13 61.60
CA ARG B 1245 -76.42 5.71 61.53
C ARG B 1245 -75.41 4.98 60.66
N GLY B 1246 -74.13 5.35 60.77
CA GLY B 1246 -73.11 4.66 60.00
C GLY B 1246 -72.91 3.22 60.41
N GLU B 1247 -73.05 2.94 61.71
CA GLU B 1247 -72.79 1.59 62.20
C GLU B 1247 -73.80 0.57 61.66
N ASN B 1248 -75.01 1.03 61.32
CA ASN B 1248 -76.07 0.12 60.91
C ASN B 1248 -76.03 -0.21 59.42
N ILE B 1249 -75.12 0.38 58.66
CA ILE B 1249 -75.09 0.20 57.21
C ILE B 1249 -74.46 -1.15 56.90
N ARG B 1250 -75.27 -2.13 56.53
CA ARG B 1250 -74.77 -3.36 55.93
C ARG B 1250 -75.33 -3.46 54.52
N SER B 1251 -74.46 -3.79 53.57
CA SER B 1251 -74.81 -3.97 52.16
C SER B 1251 -75.29 -2.68 51.50
N GLY B 1252 -75.24 -1.56 52.20
CA GLY B 1252 -75.63 -0.28 51.66
C GLY B 1252 -74.48 0.58 51.19
N TRP B 1253 -73.27 0.02 51.06
CA TRP B 1253 -72.12 0.78 50.62
C TRP B 1253 -71.93 0.73 49.11
N ARG B 1254 -72.41 -0.33 48.46
CA ARG B 1254 -72.17 -0.52 47.03
C ARG B 1254 -72.68 0.66 46.22
N THR B 1255 -73.96 1.02 46.43
CA THR B 1255 -74.49 2.21 45.77
C THR B 1255 -74.07 3.49 46.48
N MET B 1256 -73.71 3.42 47.76
CA MET B 1256 -73.27 4.63 48.45
C MET B 1256 -71.93 5.09 47.94
N PHE B 1257 -70.95 4.19 47.84
CA PHE B 1257 -69.72 4.52 47.16
C PHE B 1257 -69.94 4.80 45.69
N GLY B 1258 -70.97 4.21 45.10
CA GLY B 1258 -71.33 4.55 43.73
C GLY B 1258 -71.65 6.02 43.56
N VAL B 1259 -72.25 6.62 44.59
CA VAL B 1259 -72.45 8.07 44.58
C VAL B 1259 -71.11 8.79 44.64
N PHE B 1260 -70.21 8.32 45.51
CA PHE B 1260 -68.93 9.00 45.69
C PHE B 1260 -68.11 8.96 44.42
N THR B 1261 -68.00 7.79 43.78
CA THR B 1261 -67.26 7.70 42.53
C THR B 1261 -67.92 8.48 41.41
N VAL B 1262 -69.22 8.73 41.50
CA VAL B 1262 -69.87 9.63 40.56
C VAL B 1262 -69.61 11.08 40.97
N ALA B 1263 -69.46 11.33 42.27
CA ALA B 1263 -69.13 12.66 42.76
C ALA B 1263 -67.68 13.04 42.53
N ALA B 1264 -66.92 12.24 41.77
CA ALA B 1264 -65.54 12.52 41.47
C ALA B 1264 -65.39 13.44 40.26
N ARG B 1265 -66.44 14.14 39.87
CA ARG B 1265 -66.43 14.96 38.67
C ARG B 1265 -66.95 16.35 39.01
N GLU B 1266 -66.20 17.38 38.64
CA GLU B 1266 -66.59 18.75 38.91
C GLU B 1266 -67.09 19.43 37.65
N SER B 1270 -66.04 22.68 46.74
CA SER B 1270 -66.17 21.82 45.58
C SER B 1270 -66.75 20.46 45.97
N ILE B 1271 -67.37 19.79 45.01
CA ILE B 1271 -67.96 18.48 45.27
C ILE B 1271 -66.87 17.45 45.53
N VAL B 1272 -65.84 17.43 44.69
CA VAL B 1272 -64.80 16.41 44.82
C VAL B 1272 -64.01 16.61 46.10
N ASN B 1273 -63.79 17.86 46.50
CA ASN B 1273 -63.08 18.12 47.75
C ASN B 1273 -63.84 17.54 48.93
N LEU B 1274 -65.16 17.73 48.96
CA LEU B 1274 -65.96 17.19 50.07
C LEU B 1274 -66.10 15.68 49.94
N ALA B 1275 -66.30 15.18 48.72
CA ALA B 1275 -66.51 13.75 48.55
C ALA B 1275 -65.27 12.96 48.94
N TYR B 1276 -64.09 13.42 48.53
CA TYR B 1276 -62.87 12.70 48.85
C TYR B 1276 -62.59 12.73 50.35
N GLU B 1277 -62.87 13.84 51.01
CA GLU B 1277 -62.57 13.95 52.44
C GLU B 1277 -63.35 12.92 53.24
N ASN B 1278 -64.62 12.73 52.92
CA ASN B 1278 -65.43 11.77 53.65
C ASN B 1278 -65.02 10.33 53.34
N VAL B 1279 -64.62 10.07 52.09
CA VAL B 1279 -64.15 8.73 51.75
C VAL B 1279 -62.89 8.40 52.55
N THR B 1280 -61.99 9.37 52.69
CA THR B 1280 -60.78 9.15 53.49
C THR B 1280 -61.13 8.84 54.93
N GLN B 1281 -62.07 9.58 55.50
CA GLN B 1281 -62.51 9.29 56.87
C GLN B 1281 -63.18 7.93 56.95
N VAL B 1282 -64.00 7.59 55.96
CA VAL B 1282 -64.68 6.30 55.95
C VAL B 1282 -63.66 5.16 55.87
N TYR B 1283 -62.69 5.29 54.98
CA TYR B 1283 -61.72 4.22 54.79
C TYR B 1283 -60.81 4.07 56.00
N LYS B 1284 -60.48 5.17 56.67
CA LYS B 1284 -59.56 5.13 57.80
C LYS B 1284 -60.27 4.85 59.12
N THR B 1285 -61.58 4.62 59.12
CA THR B 1285 -62.31 4.33 60.34
C THR B 1285 -63.18 3.08 60.27
N ARG B 1286 -63.62 2.66 59.09
CA ARG B 1286 -64.51 1.52 58.95
C ARG B 1286 -64.04 0.59 57.86
N PHE B 1287 -62.71 0.46 57.69
CA PHE B 1287 -62.17 -0.39 56.64
C PHE B 1287 -62.57 -1.84 56.85
N GLY B 1288 -62.52 -2.32 58.09
CA GLY B 1288 -62.98 -3.67 58.38
C GLY B 1288 -64.44 -3.86 58.04
N VAL B 1289 -65.25 -2.83 58.28
CA VAL B 1289 -66.66 -2.90 57.92
C VAL B 1289 -66.83 -2.90 56.40
N VAL B 1290 -66.09 -2.02 55.71
CA VAL B 1290 -66.26 -1.88 54.27
C VAL B 1290 -65.92 -3.18 53.55
N ILE B 1291 -64.80 -3.79 53.92
CA ILE B 1291 -64.43 -5.07 53.32
C ILE B 1291 -65.39 -6.17 53.70
N SER B 1292 -66.04 -6.07 54.86
CA SER B 1292 -66.93 -7.13 55.31
C SER B 1292 -68.14 -7.30 54.39
N GLN B 1293 -68.74 -6.19 53.96
CA GLN B 1293 -69.97 -6.23 53.18
C GLN B 1293 -69.72 -6.27 51.67
N GLY B 1294 -68.56 -6.77 51.24
CA GLY B 1294 -68.28 -6.85 49.83
C GLY B 1294 -68.15 -5.52 49.13
N ALA B 1295 -67.86 -4.45 49.87
CA ALA B 1295 -67.71 -3.12 49.29
C ALA B 1295 -66.26 -2.79 48.97
N PHE B 1296 -65.35 -3.77 49.10
CA PHE B 1296 -63.94 -3.50 48.84
C PHE B 1296 -63.70 -3.07 47.40
N THR B 1297 -64.32 -3.75 46.45
CA THR B 1297 -64.17 -3.37 45.05
C THR B 1297 -64.71 -1.98 44.80
N ASP B 1298 -65.87 -1.66 45.37
CA ASP B 1298 -66.45 -0.33 45.19
C ASP B 1298 -65.63 0.74 45.89
N LEU B 1299 -65.03 0.41 47.04
CA LEU B 1299 -64.16 1.36 47.71
C LEU B 1299 -62.95 1.69 46.85
N ILE B 1300 -62.35 0.68 46.22
CA ILE B 1300 -61.19 0.90 45.37
C ILE B 1300 -61.58 1.71 44.15
N VAL B 1301 -62.69 1.36 43.51
CA VAL B 1301 -63.13 2.08 42.32
C VAL B 1301 -63.40 3.54 42.65
N CYS B 1302 -64.02 3.80 43.80
CA CYS B 1302 -64.22 5.18 44.24
C CYS B 1302 -62.90 5.88 44.44
N LEU B 1303 -61.94 5.21 45.10
CA LEU B 1303 -60.64 5.82 45.33
C LEU B 1303 -59.89 6.03 44.01
N THR B 1304 -59.92 5.05 43.12
CA THR B 1304 -59.16 5.16 41.88
C THR B 1304 -59.77 6.15 40.90
N GLU B 1305 -61.07 6.44 41.05
CA GLU B 1305 -61.68 7.47 40.21
C GLU B 1305 -61.18 8.85 40.57
N PHE B 1306 -60.89 9.08 41.85
CA PHE B 1306 -60.28 10.34 42.25
C PHE B 1306 -58.89 10.50 41.64
N SER B 1307 -58.11 9.41 41.61
CA SER B 1307 -56.80 9.45 40.98
C SER B 1307 -56.92 9.68 39.47
N LYS B 1308 -57.81 8.93 38.82
CA LYS B 1308 -57.99 9.07 37.38
C LYS B 1308 -58.42 10.48 37.01
N ASN B 1309 -59.14 11.16 37.89
CA ASN B 1309 -59.53 12.54 37.65
C ASN B 1309 -58.30 13.44 37.72
N MET B 1310 -58.18 14.35 36.75
CA MET B 1310 -57.11 15.34 36.77
C MET B 1310 -57.61 16.60 37.46
N ARG B 1311 -56.86 17.70 37.30
CA ARG B 1311 -57.06 18.98 38.00
C ARG B 1311 -57.66 18.84 39.40
N LEU B 1317 -54.41 18.30 42.36
CA LEU B 1317 -53.87 18.19 43.71
C LEU B 1317 -54.49 17.02 44.46
N GLN B 1318 -55.82 16.95 44.44
CA GLN B 1318 -56.51 15.87 45.13
C GLN B 1318 -56.11 14.51 44.56
N ALA B 1319 -55.88 14.45 43.25
CA ALA B 1319 -55.44 13.19 42.65
C ALA B 1319 -54.11 12.73 43.25
N MET B 1320 -53.22 13.67 43.56
CA MET B 1320 -51.97 13.30 44.22
C MET B 1320 -52.22 12.72 45.60
N GLU B 1321 -53.13 13.32 46.36
CA GLU B 1321 -53.40 12.83 47.71
C GLU B 1321 -53.97 11.43 47.69
N THR B 1322 -54.93 11.17 46.80
CA THR B 1322 -55.51 9.84 46.72
C THR B 1322 -54.59 8.83 46.05
N LEU B 1323 -53.64 9.30 45.23
CA LEU B 1323 -52.66 8.38 44.66
C LEU B 1323 -51.83 7.72 45.75
N LYS B 1324 -51.43 8.49 46.76
CA LYS B 1324 -50.80 7.93 47.94
C LYS B 1324 -51.80 7.28 48.89
N SER B 1325 -53.10 7.51 48.66
CA SER B 1325 -54.14 6.97 49.53
C SER B 1325 -54.88 5.78 48.91
N VAL B 1326 -54.42 5.27 47.78
CA VAL B 1326 -55.05 4.12 47.14
C VAL B 1326 -54.16 2.87 47.25
N ILE B 1327 -52.95 2.92 46.71
CA ILE B 1327 -52.03 1.77 46.79
C ILE B 1327 -51.28 1.77 48.12
N PRO B 1328 -50.55 2.86 48.48
CA PRO B 1328 -49.65 2.76 49.64
C PRO B 1328 -50.36 2.53 50.96
N THR B 1329 -51.36 3.36 51.28
CA THR B 1329 -51.98 3.26 52.59
C THR B 1329 -52.89 2.04 52.70
N MET B 1330 -53.32 1.47 51.58
CA MET B 1330 -54.22 0.32 51.66
C MET B 1330 -53.43 -0.96 51.92
N LEU B 1331 -52.50 -1.29 51.03
CA LEU B 1331 -51.87 -2.60 51.03
C LEU B 1331 -51.14 -2.91 52.33
N LYS B 1332 -50.82 -1.88 53.12
CA LYS B 1332 -50.25 -2.11 54.43
C LYS B 1332 -51.28 -2.64 55.43
N THR B 1333 -52.57 -2.41 55.16
CA THR B 1333 -53.62 -2.76 56.12
C THR B 1333 -53.99 -4.24 56.15
N PRO B 1334 -54.17 -4.94 54.99
CA PRO B 1334 -54.56 -6.34 55.07
C PRO B 1334 -53.41 -7.23 55.51
N GLU B 1335 -53.20 -7.32 56.82
CA GLU B 1335 -52.09 -8.07 57.41
C GLU B 1335 -50.75 -7.55 56.88
N SER B 1366 -59.68 -12.30 46.62
CA SER B 1366 -59.58 -11.37 45.50
C SER B 1366 -59.28 -9.95 45.98
N VAL B 1367 -58.67 -9.84 47.17
CA VAL B 1367 -58.30 -8.54 47.68
C VAL B 1367 -57.14 -7.95 46.88
N GLU B 1368 -56.12 -8.76 46.60
CA GLU B 1368 -54.97 -8.27 45.87
C GLU B 1368 -55.22 -8.25 44.37
N GLU B 1369 -55.64 -9.38 43.79
CA GLU B 1369 -55.90 -9.42 42.36
C GLU B 1369 -57.00 -8.47 41.97
N GLY B 1370 -58.04 -8.37 42.78
CA GLY B 1370 -59.11 -7.42 42.55
C GLY B 1370 -58.75 -5.98 42.82
N PHE B 1371 -57.51 -5.73 43.25
CA PHE B 1371 -57.00 -4.37 43.42
C PHE B 1371 -56.13 -3.91 42.26
N TRP B 1372 -55.25 -4.78 41.74
CA TRP B 1372 -54.43 -4.38 40.60
C TRP B 1372 -55.26 -4.15 39.36
N PHE B 1373 -56.40 -4.83 39.22
CA PHE B 1373 -57.25 -4.58 38.05
C PHE B 1373 -57.73 -3.12 38.03
N PRO B 1374 -58.37 -2.58 39.07
CA PRO B 1374 -58.71 -1.15 39.03
C PRO B 1374 -57.50 -0.25 38.93
N VAL B 1375 -56.38 -0.63 39.53
CA VAL B 1375 -55.16 0.14 39.36
C VAL B 1375 -54.76 0.15 37.88
N LEU B 1376 -54.83 -1.01 37.22
CA LEU B 1376 -54.49 -1.07 35.81
C LEU B 1376 -55.42 -0.19 34.98
N PHE B 1377 -56.74 -0.38 35.12
CA PHE B 1377 -57.67 0.29 34.22
C PHE B 1377 -57.70 1.80 34.41
N ALA B 1378 -57.13 2.31 35.49
CA ALA B 1378 -57.24 3.74 35.77
C ALA B 1378 -55.89 4.46 35.81
N PHE B 1379 -54.85 3.81 36.32
CA PHE B 1379 -53.56 4.48 36.41
C PHE B 1379 -53.00 4.81 35.02
N HIS B 1380 -53.04 3.85 34.10
CA HIS B 1380 -52.53 4.13 32.76
C HIS B 1380 -53.58 4.74 31.85
N ASP B 1381 -54.80 4.95 32.35
CA ASP B 1381 -55.86 5.51 31.54
C ASP B 1381 -56.53 6.69 32.25
N ARG B 1392 -52.19 14.04 34.40
CA ARG B 1392 -52.22 12.83 33.59
C ARG B 1392 -50.90 12.08 33.65
N SER B 1393 -49.83 12.73 33.18
CA SER B 1393 -48.53 12.08 33.11
C SER B 1393 -48.04 11.68 34.49
N ASN B 1394 -48.24 12.55 35.48
CA ASN B 1394 -47.85 12.21 36.86
C ASN B 1394 -48.61 10.98 37.35
N ALA B 1395 -49.91 10.92 37.08
CA ALA B 1395 -50.67 9.73 37.43
C ALA B 1395 -50.28 8.55 36.55
N LEU B 1396 -49.95 8.80 35.29
CA LEU B 1396 -49.57 7.72 34.37
C LEU B 1396 -48.36 6.96 34.89
N ASN B 1397 -47.30 7.68 35.27
CA ASN B 1397 -46.04 7.03 35.60
C ASN B 1397 -46.16 6.20 36.88
N TYR B 1398 -46.96 6.66 37.84
CA TYR B 1398 -47.02 6.01 39.13
C TYR B 1398 -47.51 4.56 39.04
N PHE B 1399 -48.19 4.21 37.95
CA PHE B 1399 -48.49 2.80 37.70
C PHE B 1399 -47.22 1.98 37.54
N PHE B 1400 -46.14 2.61 37.10
CA PHE B 1400 -44.92 1.86 36.81
C PHE B 1400 -44.06 1.71 38.07
N GLU B 1401 -44.01 2.74 38.91
CA GLU B 1401 -43.26 2.62 40.15
C GLU B 1401 -43.91 1.66 41.12
N THR B 1402 -45.22 1.46 41.02
CA THR B 1402 -45.89 0.46 41.84
C THR B 1402 -45.82 -0.94 41.23
N LEU B 1403 -45.40 -1.06 39.97
CA LEU B 1403 -45.21 -2.38 39.38
C LEU B 1403 -44.13 -3.16 40.11
N LEU B 1404 -43.05 -2.48 40.49
CA LEU B 1404 -41.94 -3.16 41.17
C LEU B 1404 -42.24 -3.45 42.63
N ARG B 1405 -43.33 -2.89 43.19
CA ARG B 1405 -43.59 -3.08 44.61
C ARG B 1405 -43.90 -4.53 44.94
N TYR B 1406 -44.83 -5.15 44.21
CA TYR B 1406 -45.19 -6.52 44.54
C TYR B 1406 -44.20 -7.54 43.98
N GLY B 1407 -43.32 -7.13 43.09
CA GLY B 1407 -42.32 -8.04 42.53
C GLY B 1407 -41.26 -8.42 43.52
N PHE B 1414 -52.96 -18.18 39.82
CA PHE B 1414 -52.98 -16.75 40.14
C PHE B 1414 -52.20 -15.95 39.12
N TRP B 1415 -51.02 -16.45 38.75
CA TRP B 1415 -50.20 -15.74 37.78
C TRP B 1415 -50.83 -15.80 36.38
N ASP B 1416 -51.59 -16.85 36.10
CA ASP B 1416 -52.21 -16.97 34.78
C ASP B 1416 -53.25 -15.88 34.56
N ILE B 1417 -54.17 -15.72 35.52
CA ILE B 1417 -55.24 -14.74 35.35
C ILE B 1417 -54.68 -13.33 35.34
N LEU B 1418 -53.64 -13.08 36.14
CA LEU B 1418 -53.04 -11.75 36.15
C LEU B 1418 -52.37 -11.44 34.83
N TRP B 1419 -51.93 -12.46 34.09
CA TRP B 1419 -51.30 -12.22 32.79
C TRP B 1419 -52.29 -11.70 31.76
N ARG B 1420 -53.54 -12.17 31.80
CA ARG B 1420 -54.53 -11.71 30.83
C ARG B 1420 -54.70 -10.20 30.90
N GLN B 1421 -54.67 -9.64 32.11
CA GLN B 1421 -54.71 -8.19 32.26
C GLN B 1421 -53.38 -7.55 31.91
N GLN B 1422 -52.28 -8.32 31.92
CA GLN B 1422 -50.97 -7.76 31.62
C GLN B 1422 -50.80 -7.41 30.15
N LEU B 1423 -51.61 -8.00 29.27
CA LEU B 1423 -51.54 -7.62 27.85
C LEU B 1423 -51.96 -6.16 27.66
N TYR B 1424 -52.99 -5.73 28.39
CA TYR B 1424 -53.58 -4.42 28.14
C TYR B 1424 -52.60 -3.27 28.26
N PRO B 1425 -51.70 -3.19 29.24
CA PRO B 1425 -50.73 -2.09 29.24
C PRO B 1425 -49.88 -2.04 27.99
N ILE B 1426 -49.54 -3.19 27.41
CA ILE B 1426 -48.70 -3.20 26.22
C ILE B 1426 -49.55 -3.05 24.96
N PHE B 1427 -50.45 -3.99 24.72
CA PHE B 1427 -51.22 -3.97 23.48
C PHE B 1427 -52.31 -2.92 23.52
N THR B 1451 -44.57 5.38 23.98
CA THR B 1451 -44.31 6.64 24.68
C THR B 1451 -43.83 6.37 26.10
N THR B 1452 -44.71 6.65 27.07
CA THR B 1452 -44.37 6.40 28.46
C THR B 1452 -44.38 4.91 28.80
N MET B 1453 -45.19 4.13 28.09
CA MET B 1453 -45.35 2.71 28.38
C MET B 1453 -44.09 1.90 28.10
N ILE B 1454 -43.10 2.49 27.43
CA ILE B 1454 -41.84 1.81 27.20
C ILE B 1454 -41.19 1.41 28.53
N GLN B 1455 -41.29 2.29 29.52
CA GLN B 1455 -40.72 1.99 30.84
C GLN B 1455 -41.31 0.71 31.43
N ALA B 1456 -42.57 0.40 31.11
CA ALA B 1456 -43.19 -0.81 31.65
C ALA B 1456 -42.48 -2.06 31.17
N LEU B 1457 -42.01 -2.05 29.91
CA LEU B 1457 -41.29 -3.21 29.40
C LEU B 1457 -40.04 -3.50 30.23
N ARG B 1458 -39.30 -2.46 30.58
CA ARG B 1458 -38.13 -2.65 31.43
C ARG B 1458 -38.51 -3.18 32.80
N ASN B 1459 -39.61 -2.68 33.37
CA ASN B 1459 -40.07 -3.18 34.65
C ASN B 1459 -40.60 -4.60 34.57
N MET B 1460 -41.21 -4.98 33.44
CA MET B 1460 -41.83 -6.30 33.35
C MET B 1460 -40.79 -7.42 33.45
N ILE B 1461 -39.63 -7.24 32.83
CA ILE B 1461 -38.58 -8.23 32.94
C ILE B 1461 -38.03 -8.29 34.36
N THR B 1462 -37.96 -7.12 35.03
CA THR B 1462 -37.51 -7.08 36.41
C THR B 1462 -38.40 -7.94 37.31
N LEU B 1463 -39.64 -8.18 36.91
CA LEU B 1463 -40.56 -8.99 37.70
C LEU B 1463 -40.04 -10.41 37.90
N PHE B 1464 -39.10 -10.87 37.06
CA PHE B 1464 -38.53 -12.20 37.25
C PHE B 1464 -37.86 -12.35 38.61
N THR B 1465 -37.45 -11.23 39.21
CA THR B 1465 -36.84 -11.16 40.54
C THR B 1465 -35.97 -12.36 40.91
N GLU B 1472 -41.85 -20.09 36.96
CA GLU B 1472 -41.16 -19.14 36.09
C GLU B 1472 -41.10 -19.67 34.65
N TYR B 1473 -40.98 -20.99 34.50
CA TYR B 1473 -40.97 -21.57 33.16
C TYR B 1473 -42.29 -21.34 32.45
N MET B 1474 -43.41 -21.54 33.15
CA MET B 1474 -44.71 -21.30 32.53
C MET B 1474 -44.88 -19.83 32.16
N LEU B 1475 -44.14 -18.94 32.81
CA LEU B 1475 -44.21 -17.53 32.45
C LEU B 1475 -43.58 -17.28 31.08
N ASP B 1476 -42.64 -18.13 30.66
CA ASP B 1476 -41.80 -17.80 29.52
C ASP B 1476 -42.51 -17.90 28.18
N ARG B 1477 -43.40 -18.87 27.99
CA ARG B 1477 -43.82 -19.19 26.63
C ARG B 1477 -44.73 -18.11 26.05
N PHE B 1478 -45.15 -17.14 26.86
CA PHE B 1478 -45.87 -15.98 26.36
C PHE B 1478 -45.08 -14.68 26.41
N LEU B 1479 -44.09 -14.57 27.29
CA LEU B 1479 -43.36 -13.31 27.42
C LEU B 1479 -42.57 -12.99 26.16
N GLU B 1480 -41.99 -14.01 25.52
CA GLU B 1480 -41.29 -13.78 24.26
C GLU B 1480 -42.25 -13.26 23.20
N LEU B 1481 -43.49 -13.76 23.21
CA LEU B 1481 -44.50 -13.24 22.28
C LEU B 1481 -44.73 -11.75 22.49
N LEU B 1482 -44.86 -11.33 23.75
CA LEU B 1482 -44.98 -9.91 24.06
C LEU B 1482 -43.71 -9.16 23.70
N ALA B 1483 -42.55 -9.78 23.94
CA ALA B 1483 -41.28 -9.11 23.65
C ALA B 1483 -41.16 -8.78 22.17
N LEU B 1484 -41.55 -9.71 21.31
CA LEU B 1484 -41.46 -9.49 19.86
C LEU B 1484 -42.70 -8.82 19.30
N CYS B 1485 -43.73 -8.58 20.10
CA CYS B 1485 -44.95 -7.97 19.59
C CYS B 1485 -44.71 -6.52 19.17
N ILE B 1486 -43.74 -5.85 19.79
CA ILE B 1486 -43.53 -4.44 19.52
C ILE B 1486 -42.95 -4.21 18.12
N CYS B 1487 -42.02 -5.05 17.71
CA CYS B 1487 -41.36 -4.88 16.41
C CYS B 1487 -42.32 -5.20 15.26
N ILE B 1493 -40.72 5.82 16.85
CA ILE B 1493 -41.73 4.89 17.34
C ILE B 1493 -41.29 3.46 17.06
N ALA B 1494 -41.45 3.01 15.82
CA ALA B 1494 -41.03 1.65 15.46
C ALA B 1494 -39.53 1.47 15.64
N ARG B 1495 -38.75 2.46 15.24
CA ARG B 1495 -37.30 2.35 15.32
C ARG B 1495 -36.85 2.35 16.78
N ILE B 1496 -37.34 3.31 17.56
CA ILE B 1496 -36.96 3.36 18.98
C ILE B 1496 -37.65 2.25 19.77
N GLY B 1497 -38.87 1.87 19.38
CA GLY B 1497 -39.54 0.78 20.04
C GLY B 1497 -38.75 -0.52 19.94
N SER B 1498 -38.20 -0.80 18.76
CA SER B 1498 -37.34 -1.96 18.60
C SER B 1498 -35.98 -1.77 19.24
N ASN B 1499 -35.58 -0.53 19.51
CA ASN B 1499 -34.33 -0.29 20.23
C ASN B 1499 -34.40 -0.89 21.62
N CYS B 1500 -35.58 -0.82 22.25
CA CYS B 1500 -35.77 -1.47 23.53
C CYS B 1500 -35.92 -2.97 23.37
N LEU B 1501 -36.42 -3.44 22.22
CA LEU B 1501 -36.59 -4.87 22.00
C LEU B 1501 -35.27 -5.61 22.15
N GLN B 1502 -34.22 -5.12 21.49
CA GLN B 1502 -32.92 -5.74 21.63
C GLN B 1502 -32.40 -5.60 23.06
N GLN B 1503 -32.66 -4.46 23.71
CA GLN B 1503 -32.23 -4.28 25.09
C GLN B 1503 -32.97 -5.24 26.01
N LEU B 1504 -34.29 -5.31 25.88
CA LEU B 1504 -35.07 -6.13 26.80
C LEU B 1504 -34.78 -7.61 26.62
N ILE B 1505 -34.64 -8.06 25.37
CA ILE B 1505 -34.33 -9.46 25.12
C ILE B 1505 -32.99 -9.83 25.72
N LEU B 1506 -31.99 -8.96 25.54
CA LEU B 1506 -30.66 -9.24 26.09
C LEU B 1506 -30.71 -9.40 27.60
N GLN B 1507 -31.43 -8.51 28.28
CA GLN B 1507 -31.53 -8.63 29.74
C GLN B 1507 -32.28 -9.89 30.13
N ASN B 1508 -33.33 -10.23 29.39
CA ASN B 1508 -34.16 -11.37 29.76
C ASN B 1508 -33.39 -12.68 29.66
N VAL B 1509 -32.67 -12.88 28.55
CA VAL B 1509 -31.99 -14.16 28.33
C VAL B 1509 -30.83 -14.36 29.30
N THR B 1510 -30.20 -13.29 29.77
CA THR B 1510 -29.08 -13.45 30.69
C THR B 1510 -29.48 -14.03 32.03
N LYS B 1511 -30.77 -14.04 32.34
CA LYS B 1511 -31.24 -14.62 33.59
C LYS B 1511 -32.36 -15.63 33.34
N HIS B 1516 -34.86 -25.57 28.82
CA HIS B 1516 -35.92 -24.61 28.59
C HIS B 1516 -35.57 -23.65 27.46
N TRP B 1517 -34.39 -23.86 26.87
CA TRP B 1517 -33.92 -22.97 25.81
C TRP B 1517 -34.71 -23.11 24.52
N ALA B 1518 -35.51 -24.18 24.39
CA ALA B 1518 -36.28 -24.37 23.18
C ALA B 1518 -37.28 -23.23 22.97
N LYS B 1519 -37.85 -22.72 24.07
CA LYS B 1519 -38.79 -21.60 23.95
C LYS B 1519 -38.10 -20.36 23.41
N ILE B 1520 -36.91 -20.04 23.92
CA ILE B 1520 -36.19 -18.87 23.45
C ILE B 1520 -35.76 -19.05 22.00
N VAL B 1521 -35.17 -20.20 21.69
CA VAL B 1521 -34.78 -20.49 20.31
C VAL B 1521 -36.01 -20.53 19.41
N GLY B 1522 -37.09 -21.16 19.88
CA GLY B 1522 -38.31 -21.20 19.10
C GLY B 1522 -38.88 -19.82 18.83
N ALA B 1523 -38.73 -18.90 19.78
CA ALA B 1523 -39.17 -17.53 19.55
C ALA B 1523 -38.41 -16.88 18.41
N PHE B 1524 -37.09 -17.08 18.37
CA PHE B 1524 -36.29 -16.54 17.28
C PHE B 1524 -36.72 -17.11 15.94
N CYS B 1525 -36.96 -18.42 15.89
CA CYS B 1525 -37.22 -19.09 14.62
C CYS B 1525 -38.47 -18.55 13.95
N GLU B 1526 -39.54 -18.33 14.72
CA GLU B 1526 -40.82 -17.98 14.13
C GLU B 1526 -40.94 -16.50 13.78
N LEU B 1527 -40.01 -15.66 14.24
CA LEU B 1527 -40.10 -14.24 13.92
C LEU B 1527 -39.22 -13.82 12.74
N PHE B 1528 -38.17 -14.59 12.43
CA PHE B 1528 -37.27 -14.20 11.35
C PHE B 1528 -37.99 -14.09 10.02
N GLU B 1529 -39.00 -14.93 9.78
CA GLU B 1529 -39.80 -14.79 8.57
C GLU B 1529 -40.53 -13.46 8.55
N ARG B 1530 -41.06 -13.04 9.70
CA ARG B 1530 -41.69 -11.72 9.79
C ARG B 1530 -40.68 -10.61 9.53
N THR B 1531 -39.47 -10.74 10.07
CA THR B 1531 -38.45 -9.72 9.85
C THR B 1531 -38.04 -9.65 8.38
N THR B 1532 -37.93 -10.80 7.72
CA THR B 1532 -37.52 -10.83 6.32
C THR B 1532 -38.66 -10.40 5.41
N ARG B 1651 -41.99 0.62 3.96
CA ARG B 1651 -42.50 -0.71 4.27
C ARG B 1651 -41.36 -1.72 4.29
N ILE B 1652 -40.77 -1.95 3.11
CA ILE B 1652 -39.70 -2.93 2.99
C ILE B 1652 -38.47 -2.50 3.77
N ILE B 1653 -38.19 -1.19 3.79
CA ILE B 1653 -37.01 -0.70 4.49
C ILE B 1653 -37.12 -0.98 5.99
N SER B 1654 -38.34 -0.98 6.53
CA SER B 1654 -38.53 -1.33 7.92
C SER B 1654 -38.09 -2.77 8.19
N ARG B 1655 -38.42 -3.68 7.28
CA ARG B 1655 -38.06 -5.08 7.47
C ARG B 1655 -36.54 -5.26 7.50
N CYS B 1656 -35.83 -4.60 6.59
CA CYS B 1656 -34.37 -4.69 6.58
C CYS B 1656 -33.77 -4.09 7.84
N VAL B 1657 -34.30 -2.95 8.30
CA VAL B 1657 -33.79 -2.32 9.50
C VAL B 1657 -33.99 -3.24 10.71
N LEU B 1658 -35.17 -3.86 10.80
CA LEU B 1658 -35.40 -4.83 11.87
C LEU B 1658 -34.47 -6.02 11.75
N GLN B 1659 -34.24 -6.49 10.51
CA GLN B 1659 -33.30 -7.58 10.30
C GLN B 1659 -31.89 -7.16 10.70
N LEU B 1660 -31.48 -5.94 10.33
CA LEU B 1660 -30.17 -5.44 10.70
C LEU B 1660 -30.03 -5.33 12.22
N LEU B 1661 -31.08 -4.86 12.89
CA LEU B 1661 -30.98 -4.58 14.32
C LEU B 1661 -30.74 -5.86 15.12
N MET B 1662 -31.45 -6.94 14.79
CA MET B 1662 -31.41 -8.11 15.66
C MET B 1662 -30.27 -9.06 15.35
N ILE B 1663 -29.77 -9.09 14.10
CA ILE B 1663 -28.55 -9.84 13.86
C ILE B 1663 -27.40 -9.25 14.67
N GLU B 1664 -27.41 -7.92 14.85
CA GLU B 1664 -26.50 -7.30 15.81
C GLU B 1664 -26.80 -7.76 17.23
N THR B 1665 -28.08 -7.94 17.56
CA THR B 1665 -28.44 -8.43 18.88
C THR B 1665 -27.87 -9.81 19.12
N VAL B 1666 -27.95 -10.69 18.12
CA VAL B 1666 -27.33 -12.01 18.25
C VAL B 1666 -25.83 -11.87 18.47
N ASN B 1667 -25.19 -10.96 17.72
CA ASN B 1667 -23.78 -10.70 17.92
C ASN B 1667 -23.52 -10.16 19.33
N GLU B 1668 -24.36 -9.23 19.78
CA GLU B 1668 -24.21 -8.70 21.13
C GLU B 1668 -24.55 -9.73 22.19
N LEU B 1669 -25.46 -10.65 21.87
CA LEU B 1669 -25.86 -11.64 22.86
C LEU B 1669 -24.79 -12.70 23.05
N PHE B 1670 -24.47 -13.45 21.99
CA PHE B 1670 -23.59 -14.60 22.15
C PHE B 1670 -22.14 -14.22 22.35
N SER B 1671 -21.79 -12.95 22.22
CA SER B 1671 -20.45 -12.51 22.60
C SER B 1671 -20.22 -12.69 24.09
N ASN B 1672 -21.28 -12.67 24.88
CA ASN B 1672 -21.16 -12.94 26.31
C ASN B 1672 -20.81 -14.41 26.53
N ASP B 1673 -19.80 -14.66 27.37
CA ASP B 1673 -19.40 -16.03 27.64
C ASP B 1673 -20.43 -16.76 28.48
N ALA B 1674 -21.15 -16.04 29.35
CA ALA B 1674 -22.10 -16.70 30.24
C ALA B 1674 -23.22 -17.38 29.45
N VAL B 1675 -23.84 -16.64 28.53
CA VAL B 1675 -24.89 -17.23 27.69
C VAL B 1675 -24.29 -18.26 26.75
N TYR B 1676 -23.09 -17.99 26.23
CA TYR B 1676 -22.43 -18.93 25.33
C TYR B 1676 -22.15 -20.25 26.02
N ALA B 1677 -21.67 -20.20 27.27
CA ALA B 1677 -21.36 -21.41 27.99
C ALA B 1677 -22.60 -22.16 28.47
N GLN B 1678 -23.77 -21.53 28.40
CA GLN B 1678 -24.99 -22.14 28.90
C GLN B 1678 -25.92 -22.66 27.80
N ILE B 1679 -25.82 -22.11 26.60
CA ILE B 1679 -26.75 -22.53 25.53
C ILE B 1679 -26.39 -23.93 25.08
N PRO B 1680 -27.37 -24.81 24.88
CA PRO B 1680 -27.06 -26.12 24.28
C PRO B 1680 -26.54 -25.95 22.86
N SER B 1681 -25.63 -26.84 22.47
CA SER B 1681 -25.02 -26.76 21.15
C SER B 1681 -26.06 -26.92 20.05
N ALA B 1682 -27.00 -27.86 20.23
CA ALA B 1682 -28.04 -28.06 19.21
C ALA B 1682 -28.87 -26.81 19.03
N GLU B 1683 -29.22 -26.13 20.13
CA GLU B 1683 -29.96 -24.88 20.04
C GLU B 1683 -29.12 -23.80 19.36
N LEU B 1684 -27.82 -23.76 19.63
CA LEU B 1684 -26.96 -22.77 19.01
C LEU B 1684 -26.95 -22.90 17.50
N LEU B 1685 -26.86 -24.14 17.00
CA LEU B 1685 -26.91 -24.35 15.55
C LEU B 1685 -28.23 -23.91 14.97
N ARG B 1686 -29.32 -24.04 15.73
CA ARG B 1686 -30.62 -23.57 15.23
C ARG B 1686 -30.59 -22.07 14.96
N LEU B 1687 -30.03 -21.30 15.88
CA LEU B 1687 -29.80 -19.89 15.61
C LEU B 1687 -28.84 -19.70 14.46
N MET B 1688 -27.78 -20.51 14.42
CA MET B 1688 -26.85 -20.46 13.30
C MET B 1688 -27.54 -20.81 12.00
N ALA B 1689 -28.45 -21.79 12.04
CA ALA B 1689 -29.25 -22.10 10.85
C ALA B 1689 -30.11 -20.91 10.46
N LEU B 1690 -30.71 -20.24 11.44
CA LEU B 1690 -31.44 -19.01 11.17
C LEU B 1690 -30.50 -17.95 10.61
N LEU B 1691 -29.32 -17.80 11.22
CA LEU B 1691 -28.39 -16.77 10.80
C LEU B 1691 -27.89 -17.02 9.38
N LYS B 1692 -27.62 -18.28 9.05
CA LYS B 1692 -27.24 -18.62 7.68
C LYS B 1692 -28.35 -18.31 6.70
N LYS B 1693 -29.60 -18.60 7.09
CA LYS B 1693 -30.74 -18.31 6.21
C LYS B 1693 -30.84 -16.82 5.93
N SER B 1694 -30.59 -15.98 6.94
CA SER B 1694 -30.55 -14.55 6.72
C SER B 1694 -29.47 -14.18 5.73
N PHE B 1695 -28.30 -14.81 5.83
CA PHE B 1695 -27.23 -14.57 4.86
C PHE B 1695 -27.67 -14.98 3.45
N LEU B 1696 -28.31 -16.15 3.33
CA LEU B 1696 -28.76 -16.60 2.02
C LEU B 1696 -29.83 -15.69 1.46
N PHE B 1697 -30.79 -15.26 2.29
CA PHE B 1697 -31.79 -14.31 1.83
C PHE B 1697 -31.14 -13.00 1.42
N ALA B 1698 -30.17 -12.52 2.20
CA ALA B 1698 -29.46 -11.31 1.84
C ALA B 1698 -28.67 -11.51 0.54
N LYS B 1699 -28.00 -12.65 0.41
CA LYS B 1699 -27.21 -12.91 -0.79
C LYS B 1699 -28.12 -13.06 -2.01
N ARG B 1700 -29.28 -13.69 -1.85
CA ARG B 1700 -30.15 -13.91 -3.00
C ARG B 1700 -30.64 -12.59 -3.60
N PHE B 1701 -31.01 -11.63 -2.75
CA PHE B 1701 -31.52 -10.36 -3.25
C PHE B 1701 -30.46 -9.59 -4.02
N ASN B 1702 -29.27 -9.44 -3.44
CA ASN B 1702 -28.23 -8.61 -4.05
C ASN B 1702 -27.46 -9.34 -5.14
N ALA B 1703 -27.73 -10.61 -5.37
CA ALA B 1703 -27.08 -11.34 -6.46
C ALA B 1703 -28.12 -11.95 -7.38
N LEU B 1724 -27.60 -5.29 2.07
CA LEU B 1724 -26.17 -5.35 1.80
C LEU B 1724 -25.37 -5.46 3.10
N LYS B 1725 -25.64 -4.55 4.03
CA LYS B 1725 -24.97 -4.61 5.33
C LYS B 1725 -25.35 -5.88 6.08
N GLN B 1726 -26.60 -6.33 5.95
CA GLN B 1726 -27.02 -7.55 6.61
C GLN B 1726 -26.24 -8.76 6.10
N GLU B 1727 -25.91 -8.77 4.80
CA GLU B 1727 -25.16 -9.89 4.25
C GLU B 1727 -23.78 -10.00 4.89
N SER B 1728 -23.09 -8.87 5.04
CA SER B 1728 -21.80 -8.89 5.73
C SER B 1728 -21.99 -9.13 7.22
N GLY B 1729 -23.03 -8.54 7.81
CA GLY B 1729 -23.24 -8.71 9.24
C GLY B 1729 -23.58 -10.14 9.62
N SER B 1730 -24.48 -10.77 8.87
CA SER B 1730 -24.85 -12.15 9.18
C SER B 1730 -23.66 -13.08 9.03
N ALA B 1731 -22.89 -12.94 7.95
CA ALA B 1731 -21.73 -13.80 7.73
C ALA B 1731 -20.67 -13.57 8.80
N ALA B 1732 -20.44 -12.31 9.18
CA ALA B 1732 -19.45 -12.01 10.20
C ALA B 1732 -19.82 -12.66 11.53
N THR B 1733 -21.10 -12.58 11.91
CA THR B 1733 -21.55 -13.23 13.13
C THR B 1733 -21.53 -14.74 12.98
N TYR B 1734 -21.85 -15.25 11.79
CA TYR B 1734 -21.91 -16.69 11.59
C TYR B 1734 -20.53 -17.34 11.74
N VAL B 1735 -19.54 -16.79 11.04
CA VAL B 1735 -18.23 -17.43 11.04
C VAL B 1735 -17.54 -17.25 12.38
N ALA B 1736 -17.74 -16.12 13.05
CA ALA B 1736 -17.08 -15.87 14.32
C ALA B 1736 -17.55 -16.84 15.39
N ILE B 1737 -18.85 -17.10 15.46
CA ILE B 1737 -19.36 -18.05 16.45
C ILE B 1737 -18.92 -19.46 16.10
N LEU B 1738 -18.95 -19.81 14.81
CA LEU B 1738 -18.54 -21.15 14.41
C LEU B 1738 -17.06 -21.39 14.68
N PHE B 1739 -16.23 -20.35 14.54
CA PHE B 1739 -14.84 -20.48 14.98
C PHE B 1739 -14.75 -20.68 16.48
N ARG B 1740 -15.63 -20.01 17.22
CA ARG B 1740 -15.66 -20.19 18.68
C ARG B 1740 -16.05 -21.60 19.06
N MET B 1741 -16.69 -22.35 18.16
CA MET B 1741 -17.02 -23.74 18.44
C MET B 1741 -15.77 -24.57 18.68
N PHE B 1742 -14.73 -24.36 17.86
CA PHE B 1742 -13.48 -25.09 18.00
C PHE B 1742 -12.55 -24.40 18.99
N SER B 1752 -21.78 -32.60 16.52
CA SER B 1752 -21.15 -31.64 17.41
C SER B 1752 -19.94 -30.99 16.75
N ARG B 1753 -18.75 -31.52 17.06
CA ARG B 1753 -17.52 -30.97 16.50
C ARG B 1753 -17.49 -31.11 14.99
N ALA B 1754 -17.91 -32.26 14.47
CA ALA B 1754 -17.92 -32.46 13.03
C ALA B 1754 -19.07 -31.70 12.37
N ASP B 1755 -20.21 -31.61 13.05
CA ASP B 1755 -21.36 -30.93 12.47
C ASP B 1755 -21.08 -29.46 12.22
N VAL B 1756 -20.45 -28.78 13.18
CA VAL B 1756 -20.13 -27.36 12.99
C VAL B 1756 -19.07 -27.19 11.92
N GLU B 1757 -18.11 -28.11 11.83
CA GLU B 1757 -17.09 -28.03 10.80
C GLU B 1757 -17.69 -28.14 9.41
N ALA B 1758 -18.66 -29.04 9.24
CA ALA B 1758 -19.31 -29.20 7.94
C ALA B 1758 -20.07 -27.95 7.53
N ALA B 1759 -20.51 -27.15 8.49
CA ALA B 1759 -21.25 -25.93 8.22
C ALA B 1759 -20.38 -24.68 8.27
N LEU B 1760 -19.08 -24.84 8.48
CA LEU B 1760 -18.15 -23.71 8.57
C LEU B 1760 -17.23 -23.59 7.38
N VAL B 1761 -16.65 -24.70 6.92
CA VAL B 1761 -15.73 -24.66 5.79
C VAL B 1761 -16.40 -24.13 4.52
N PRO B 1762 -17.59 -24.60 4.12
CA PRO B 1762 -18.22 -24.01 2.92
C PRO B 1762 -18.45 -22.53 3.03
N LEU B 1763 -18.79 -22.03 4.23
CA LEU B 1763 -18.94 -20.59 4.41
C LEU B 1763 -17.62 -19.86 4.20
N CYS B 1764 -16.54 -20.39 4.76
CA CYS B 1764 -15.23 -19.74 4.63
C CYS B 1764 -14.78 -19.72 3.18
N ARG B 1765 -15.05 -20.80 2.43
CA ARG B 1765 -14.71 -20.80 1.02
C ARG B 1765 -15.48 -19.74 0.26
N ASP B 1766 -16.77 -19.56 0.59
CA ASP B 1766 -17.59 -18.59 -0.13
C ASP B 1766 -17.14 -17.16 0.16
N ILE B 1767 -16.86 -16.83 1.42
CA ILE B 1767 -16.52 -15.47 1.77
C ILE B 1767 -15.15 -15.08 1.20
N ILE B 1768 -14.20 -16.02 1.19
CA ILE B 1768 -12.89 -15.73 0.61
C ILE B 1768 -13.01 -15.46 -0.87
N ARG B 1769 -13.79 -16.28 -1.59
CA ARG B 1769 -14.01 -16.06 -3.01
C ARG B 1769 -14.72 -14.73 -3.26
N GLY B 1770 -15.69 -14.40 -2.42
CA GLY B 1770 -16.41 -13.15 -2.58
C GLY B 1770 -15.53 -11.93 -2.42
N TYR B 1771 -14.62 -11.96 -1.45
CA TYR B 1771 -13.75 -10.81 -1.21
C TYR B 1771 -12.86 -10.53 -2.41
N THR B 1772 -12.28 -11.58 -3.01
CA THR B 1772 -11.47 -11.39 -4.20
C THR B 1772 -12.32 -10.93 -5.38
N ALA B 1773 -13.52 -11.49 -5.53
CA ALA B 1773 -14.40 -11.12 -6.63
C ALA B 1773 -14.97 -9.73 -6.51
N LEU B 1774 -14.81 -9.07 -5.36
CA LEU B 1774 -15.29 -7.71 -5.21
C LEU B 1774 -14.54 -6.77 -6.14
N ASP B 1775 -15.27 -5.83 -6.73
CA ASP B 1775 -14.66 -4.83 -7.58
C ASP B 1775 -13.81 -3.88 -6.74
N ASP B 1776 -12.57 -3.66 -7.19
CA ASP B 1776 -11.64 -2.85 -6.42
C ASP B 1776 -12.10 -1.39 -6.34
N GLU B 1777 -12.60 -0.85 -7.45
CA GLU B 1777 -12.96 0.57 -7.53
C GLU B 1777 -14.45 0.83 -7.43
N SER B 1778 -15.28 0.03 -8.09
CA SER B 1778 -16.72 0.24 -8.06
C SER B 1778 -17.40 -0.42 -6.87
N GLN B 1779 -16.64 -1.15 -6.05
CA GLN B 1779 -17.19 -1.79 -4.86
C GLN B 1779 -16.25 -1.58 -3.68
N HIS B 1780 -15.71 -0.36 -3.56
CA HIS B 1780 -14.80 -0.07 -2.45
C HIS B 1780 -15.51 -0.15 -1.11
N ARG B 1781 -16.78 0.27 -1.06
CA ARG B 1781 -17.56 0.16 0.17
C ARG B 1781 -17.71 -1.30 0.59
N ASN B 1782 -18.00 -2.19 -0.36
CA ASN B 1782 -18.12 -3.60 -0.05
C ASN B 1782 -16.81 -4.17 0.47
N ILE B 1783 -15.69 -3.78 -0.15
CA ILE B 1783 -14.39 -4.26 0.29
C ILE B 1783 -14.12 -3.84 1.72
N VAL B 1784 -14.41 -2.57 2.05
CA VAL B 1784 -14.26 -2.10 3.43
C VAL B 1784 -15.20 -2.87 4.35
N ALA B 1785 -16.42 -3.14 3.87
CA ALA B 1785 -17.37 -3.90 4.68
C ALA B 1785 -16.87 -5.31 4.94
N TRP B 1786 -16.32 -5.97 3.92
CA TRP B 1786 -15.88 -7.35 4.04
C TRP B 1786 -14.47 -7.48 4.63
N ARG B 1787 -13.73 -6.38 4.75
CA ARG B 1787 -12.37 -6.47 5.28
C ARG B 1787 -12.30 -6.99 6.71
N PRO B 1788 -13.07 -6.47 7.68
CA PRO B 1788 -12.92 -6.94 9.05
C PRO B 1788 -13.29 -8.40 9.25
N VAL B 1789 -14.18 -8.95 8.42
CA VAL B 1789 -14.62 -10.32 8.63
C VAL B 1789 -13.66 -11.31 7.97
N VAL B 1790 -13.16 -10.97 6.77
CA VAL B 1790 -12.24 -11.86 6.07
C VAL B 1790 -10.97 -12.04 6.88
N VAL B 1791 -10.43 -10.95 7.43
CA VAL B 1791 -9.27 -11.07 8.31
C VAL B 1791 -9.62 -11.87 9.55
N ASP B 1792 -10.90 -11.86 9.95
CA ASP B 1792 -11.31 -12.68 11.08
C ASP B 1792 -11.39 -14.15 10.72
N VAL B 1793 -11.72 -14.46 9.46
CA VAL B 1793 -11.72 -15.85 9.02
C VAL B 1793 -10.29 -16.40 9.00
N LEU B 1794 -9.36 -15.62 8.45
CA LEU B 1794 -7.99 -16.09 8.33
C LEU B 1794 -7.34 -16.31 9.69
N GLU B 1795 -7.53 -15.37 10.62
CA GLU B 1795 -6.93 -15.52 11.95
C GLU B 1795 -7.49 -16.73 12.69
N GLY B 1796 -8.73 -17.14 12.40
CA GLY B 1796 -9.29 -18.29 13.05
C GLY B 1796 -8.63 -19.61 12.68
N TYR B 1797 -7.95 -19.66 11.52
CA TYR B 1797 -7.23 -20.86 11.15
C TYR B 1797 -6.10 -21.18 12.12
N ALA B 1798 -5.60 -20.17 12.85
CA ALA B 1798 -4.68 -20.45 13.93
C ALA B 1798 -5.35 -21.27 15.02
N ALA B 1799 -6.65 -21.08 15.24
CA ALA B 1799 -7.37 -21.83 16.25
C ALA B 1799 -7.62 -23.29 15.87
N PHE B 1800 -7.55 -23.62 14.58
CA PHE B 1800 -7.67 -25.01 14.19
C PHE B 1800 -6.50 -25.82 14.72
N PRO B 1801 -6.73 -27.08 15.11
CA PRO B 1801 -5.61 -27.94 15.50
C PRO B 1801 -4.77 -28.36 14.30
N ARG B 1802 -3.74 -29.15 14.54
CA ARG B 1802 -2.89 -29.59 13.45
C ARG B 1802 -3.65 -30.44 12.45
N ASP B 1803 -4.52 -31.33 12.94
CA ASP B 1803 -5.26 -32.22 12.04
C ASP B 1803 -6.26 -31.45 11.18
N ALA B 1804 -7.03 -30.53 11.78
CA ALA B 1804 -8.03 -29.81 11.03
C ALA B 1804 -7.40 -28.81 10.07
N PHE B 1805 -6.24 -28.26 10.42
CA PHE B 1805 -5.56 -27.32 9.53
C PHE B 1805 -5.17 -27.99 8.23
N ALA B 1806 -4.66 -29.23 8.31
CA ALA B 1806 -4.31 -29.98 7.11
C ALA B 1806 -5.50 -30.70 6.50
N ALA B 1807 -6.66 -30.70 7.18
CA ALA B 1807 -7.84 -31.34 6.63
C ALA B 1807 -8.32 -30.60 5.38
N HIS B 1808 -8.28 -29.27 5.39
CA HIS B 1808 -8.79 -28.46 4.29
C HIS B 1808 -7.69 -27.64 3.62
N ILE B 1809 -6.43 -28.06 3.76
CA ILE B 1809 -5.34 -27.31 3.13
C ILE B 1809 -5.46 -27.36 1.61
N ARG B 1810 -5.79 -28.53 1.05
CA ARG B 1810 -5.93 -28.63 -0.39
C ARG B 1810 -7.19 -27.93 -0.89
N SER B 1811 -8.20 -27.80 -0.04
CA SER B 1811 -9.46 -27.18 -0.42
C SER B 1811 -9.55 -25.71 -0.05
N PHE B 1812 -8.50 -25.13 0.55
CA PHE B 1812 -8.53 -23.74 0.96
C PHE B 1812 -7.30 -22.94 0.58
N TYR B 1813 -6.15 -23.58 0.33
CA TYR B 1813 -4.96 -22.83 -0.08
C TYR B 1813 -5.15 -22.08 -1.39
N PRO B 1814 -5.66 -22.67 -2.47
CA PRO B 1814 -5.81 -21.90 -3.72
C PRO B 1814 -6.70 -20.70 -3.58
N LEU B 1815 -7.71 -20.75 -2.70
CA LEU B 1815 -8.62 -19.61 -2.55
C LEU B 1815 -7.96 -18.45 -1.83
N VAL B 1816 -7.04 -18.72 -0.89
CA VAL B 1816 -6.47 -17.67 -0.08
C VAL B 1816 -5.19 -17.08 -0.67
N VAL B 1817 -4.49 -17.83 -1.53
CA VAL B 1817 -3.22 -17.34 -2.06
C VAL B 1817 -3.42 -16.12 -2.95
N GLU B 1818 -4.54 -16.08 -3.69
CA GLU B 1818 -4.78 -14.98 -4.62
C GLU B 1818 -5.11 -13.67 -3.90
N LEU B 1819 -5.27 -13.70 -2.58
CA LEU B 1819 -5.64 -12.48 -1.85
C LEU B 1819 -4.59 -11.39 -1.99
N LEU B 1820 -3.31 -11.75 -1.90
CA LEU B 1820 -2.25 -10.76 -1.94
C LEU B 1820 -2.04 -10.16 -3.33
N GLY B 1821 -2.65 -10.74 -4.37
CA GLY B 1821 -2.58 -10.12 -5.68
C GLY B 1821 -3.24 -8.76 -5.69
N LYS B 1822 -4.41 -8.65 -5.06
CA LYS B 1822 -5.05 -7.37 -4.83
C LYS B 1822 -4.36 -6.65 -3.67
N ASP B 1823 -4.58 -5.35 -3.57
CA ASP B 1823 -4.02 -4.57 -2.47
C ASP B 1823 -4.53 -5.09 -1.14
N LEU B 1824 -3.63 -5.29 -0.20
CA LEU B 1824 -3.95 -5.86 1.10
C LEU B 1824 -3.50 -4.92 2.21
N GLY B 1825 -4.33 -4.81 3.25
CA GLY B 1825 -4.00 -3.94 4.36
C GLY B 1825 -3.07 -4.58 5.37
N GLN B 1826 -2.66 -3.78 6.34
CA GLN B 1826 -1.78 -4.28 7.39
C GLN B 1826 -2.46 -5.37 8.21
N ASP B 1827 -3.76 -5.21 8.48
CA ASP B 1827 -4.48 -6.21 9.26
C ASP B 1827 -4.48 -7.57 8.56
N LEU B 1828 -4.73 -7.58 7.24
CA LEU B 1828 -4.74 -8.84 6.51
C LEU B 1828 -3.34 -9.41 6.36
N ARG B 1829 -2.31 -8.56 6.39
CA ARG B 1829 -0.94 -9.04 6.26
C ARG B 1829 -0.59 -10.00 7.37
N ALA B 1830 -0.84 -9.61 8.62
CA ALA B 1830 -0.58 -10.51 9.75
C ALA B 1830 -1.45 -11.75 9.69
N ALA B 1831 -2.73 -11.57 9.35
CA ALA B 1831 -3.63 -12.72 9.26
C ALA B 1831 -3.17 -13.70 8.18
N LEU B 1832 -2.78 -13.18 7.01
CA LEU B 1832 -2.28 -14.05 5.96
C LEU B 1832 -0.95 -14.68 6.34
N LEU B 1833 -0.07 -13.91 6.99
CA LEU B 1833 1.26 -14.43 7.32
C LEU B 1833 1.18 -15.61 8.27
N LEU B 1834 0.34 -15.49 9.32
CA LEU B 1834 0.25 -16.55 10.31
C LEU B 1834 -0.27 -17.85 9.71
N VAL B 1835 -1.29 -17.76 8.86
CA VAL B 1835 -1.90 -18.97 8.32
C VAL B 1835 -0.96 -19.67 7.35
N LEU B 1836 -0.27 -18.91 6.49
CA LEU B 1836 0.62 -19.54 5.52
C LEU B 1836 1.88 -20.07 6.17
N ARG B 1837 2.38 -19.40 7.21
CA ARG B 1837 3.48 -19.97 7.98
C ARG B 1837 3.04 -21.27 8.64
N ARG B 1838 1.82 -21.30 9.16
CA ARG B 1838 1.25 -22.56 9.65
C ARG B 1838 1.09 -23.54 8.51
N VAL B 1839 0.74 -23.06 7.32
CA VAL B 1839 0.60 -23.94 6.16
C VAL B 1839 1.93 -24.63 5.85
N GLY B 1840 3.01 -23.86 5.83
CA GLY B 1840 4.32 -24.46 5.65
C GLY B 1840 4.71 -25.37 6.79
N GLU B 1841 4.39 -24.97 8.03
CA GLU B 1841 4.73 -25.78 9.19
C GLU B 1841 4.01 -27.12 9.16
N VAL B 1842 2.72 -27.12 8.84
CA VAL B 1842 1.97 -28.38 8.79
C VAL B 1842 2.24 -29.15 7.51
N GLY B 1843 2.74 -28.49 6.46
CA GLY B 1843 3.02 -29.16 5.21
C GLY B 1843 4.46 -29.59 5.06
N LEU B 1844 5.39 -28.66 5.30
CA LEU B 1844 6.81 -28.95 5.08
C LEU B 1844 7.65 -28.60 6.30
N GLY B 1845 7.21 -27.60 7.06
CA GLY B 1845 7.96 -27.14 8.22
C GLY B 1845 8.03 -28.15 9.35
#